data_1GM6
# 
_entry.id   1GM6 
# 
_audit_conform.dict_name       mmcif_pdbx.dic 
_audit_conform.dict_version    5.398 
_audit_conform.dict_location   http://mmcif.pdb.org/dictionaries/ascii/mmcif_pdbx.dic 
# 
loop_
_database_2.database_id 
_database_2.database_code 
_database_2.pdbx_database_accession 
_database_2.pdbx_DOI 
PDB   1GM6         pdb_00001gm6 10.2210/pdb1gm6/pdb 
WWPDB D_1290008557 ?            ?                   
# 
loop_
_pdbx_audit_revision_history.ordinal 
_pdbx_audit_revision_history.data_content_type 
_pdbx_audit_revision_history.major_revision 
_pdbx_audit_revision_history.minor_revision 
_pdbx_audit_revision_history.revision_date 
1 'Structure model' 1 0 2002-05-30 
2 'Structure model' 1 1 2011-09-07 
3 'Structure model' 1 2 2020-07-29 
4 'Structure model' 1 3 2023-12-13 
5 'Structure model' 1 4 2024-11-13 
# 
loop_
_pdbx_audit_revision_details.ordinal 
_pdbx_audit_revision_details.revision_ordinal 
_pdbx_audit_revision_details.data_content_type 
_pdbx_audit_revision_details.provider 
_pdbx_audit_revision_details.type 
_pdbx_audit_revision_details.description 
_pdbx_audit_revision_details.details 
1 1 'Structure model' repository 'Initial release' ?                          ? 
2 3 'Structure model' repository Remediation       'Carbohydrate remediation' ? 
# 
loop_
_pdbx_audit_revision_group.ordinal 
_pdbx_audit_revision_group.revision_ordinal 
_pdbx_audit_revision_group.data_content_type 
_pdbx_audit_revision_group.group 
1  2 'Structure model' 'Atomic model'              
2  2 'Structure model' 'Data collection'           
3  2 'Structure model' 'Database references'       
4  2 'Structure model' 'Derived calculations'      
5  2 'Structure model' 'Non-polymer description'   
6  2 'Structure model' Other                       
7  2 'Structure model' 'Refinement description'    
8  2 'Structure model' 'Structure summary'         
9  2 'Structure model' 'Version format compliance' 
10 3 'Structure model' 'Data collection'           
11 3 'Structure model' 'Derived calculations'      
12 3 'Structure model' Other                       
13 3 'Structure model' 'Structure summary'         
14 4 'Structure model' 'Data collection'           
15 4 'Structure model' 'Database references'       
16 4 'Structure model' 'Refinement description'    
17 4 'Structure model' 'Structure summary'         
18 5 'Structure model' 'Structure summary'         
# 
loop_
_pdbx_audit_revision_category.ordinal 
_pdbx_audit_revision_category.revision_ordinal 
_pdbx_audit_revision_category.data_content_type 
_pdbx_audit_revision_category.category 
1  3 'Structure model' chem_comp                     
2  3 'Structure model' entity                        
3  3 'Structure model' pdbx_chem_comp_identifier     
4  3 'Structure model' pdbx_database_status          
5  3 'Structure model' pdbx_entity_nonpoly           
6  3 'Structure model' struct_site                   
7  3 'Structure model' struct_site_gen               
8  4 'Structure model' chem_comp                     
9  4 'Structure model' chem_comp_atom                
10 4 'Structure model' chem_comp_bond                
11 4 'Structure model' database_2                    
12 4 'Structure model' pdbx_initial_refinement_model 
13 5 'Structure model' pdbx_entry_details            
14 5 'Structure model' pdbx_modification_feature     
# 
loop_
_pdbx_audit_revision_item.ordinal 
_pdbx_audit_revision_item.revision_ordinal 
_pdbx_audit_revision_item.data_content_type 
_pdbx_audit_revision_item.item 
1 3 'Structure model' '_chem_comp.name'                      
2 3 'Structure model' '_chem_comp.type'                      
3 3 'Structure model' '_entity.pdbx_description'             
4 3 'Structure model' '_pdbx_database_status.status_code_sf' 
5 3 'Structure model' '_pdbx_entity_nonpoly.name'            
6 4 'Structure model' '_chem_comp.pdbx_synonyms'             
7 4 'Structure model' '_database_2.pdbx_DOI'                 
8 4 'Structure model' '_database_2.pdbx_database_accession'  
# 
_pdbx_database_status.status_code                     REL 
_pdbx_database_status.entry_id                        1GM6 
_pdbx_database_status.recvd_initial_deposition_date   2001-09-11 
_pdbx_database_status.deposit_site                    PDBE 
_pdbx_database_status.process_site                    PDBE 
_pdbx_database_status.SG_entry                        ? 
_pdbx_database_status.pdb_format_compatible           Y 
_pdbx_database_status.status_code_sf                  REL 
_pdbx_database_status.status_code_mr                  ? 
_pdbx_database_status.status_code_cs                  ? 
_pdbx_database_status.methods_development_category    ? 
_pdbx_database_status.status_code_nmr_data            ? 
# 
loop_
_audit_author.name 
_audit_author.pdbx_ordinal 
'Spinelli, S.'  1 
'Vincent, F.'   2 
'Pelosi, P.'    3 
'Tegoni, M.'    4 
'Cambillau, C.' 5 
# 
_citation.id                        primary 
_citation.title                     
'Boar Salivary Lipocalin. Three-Dimensional X-Ray Structure and Androsterol/Androstenone Docking Simulations.' 
_citation.journal_abbrev            Eur.J.Biochem. 
_citation.journal_volume            269 
_citation.page_first                2449 
_citation.page_last                 ? 
_citation.year                      2002 
_citation.journal_id_ASTM           EJBCAI 
_citation.country                   IX 
_citation.journal_id_ISSN           0014-2956 
_citation.journal_id_CSD            0262 
_citation.book_publisher            ? 
_citation.pdbx_database_id_PubMed   12027882 
_citation.pdbx_database_id_DOI      10.1046/J.1432-1033.2002.02901.X 
# 
loop_
_citation_author.citation_id 
_citation_author.name 
_citation_author.ordinal 
_citation_author.identifier_ORCID 
primary 'Spinelli, S.'  1 ? 
primary 'Vincent, F.'   2 ? 
primary 'Pelosi, P.'    3 ? 
primary 'Tegoni, M.'    4 ? 
primary 'Cambillau, C.' 5 ? 
# 
loop_
_entity.id 
_entity.type 
_entity.src_method 
_entity.pdbx_description 
_entity.formula_weight 
_entity.pdbx_number_of_molecules 
_entity.pdbx_ec 
_entity.pdbx_mutation 
_entity.pdbx_fragment 
_entity.details 
1 polymer     nat 'SALIVARY LIPOCALIN'                     19941.426 1   ? ? ? 
'N-ACETYL-GLUCOSAMINE SITE, CADMIUM ION, GLYCEROL IN THE CAVITY' 
2 non-polymer syn 'CADMIUM ION'                            112.411   1   ? ? ? ? 
3 non-polymer syn GLYCEROL                                 92.094    1   ? ? ? ? 
4 non-polymer man 2-acetamido-2-deoxy-beta-D-glucopyranose 221.208   1   ? ? ? ? 
5 water       nat water                                    18.015    112 ? ? ? ? 
# 
_entity_name_com.entity_id   1 
_entity_name_com.name        SAL 
# 
_entity_poly.entity_id                      1 
_entity_poly.type                           'polypeptide(L)' 
_entity_poly.nstd_linkage                   no 
_entity_poly.nstd_monomer                   no 
_entity_poly.pdbx_seq_one_letter_code       
;HKEAGQDVVTSNFDASKIAGEWYSILLASDAKENIEENGSMRVFVEHIRVLDNSSLAFKFQRKVNGECTDFYAVCDKVGD
GVYTVAYYGENKFRLLEVNYSDYVILHLVDVNGDKTFQLMEFYGRKPDVEPKLKDKFVEICQQYGIIKENIIDLTKIDRC
FQLRGSGGVQESSAE
;
_entity_poly.pdbx_seq_one_letter_code_can   
;HKEAGQDVVTSNFDASKIAGEWYSILLASDAKENIEENGSMRVFVEHIRVLDNSSLAFKFQRKVNGECTDFYAVCDKVGD
GVYTVAYYGENKFRLLEVNYSDYVILHLVDVNGDKTFQLMEFYGRKPDVEPKLKDKFVEICQQYGIIKENIIDLTKIDRC
FQLRGSGGVQESSAE
;
_entity_poly.pdbx_strand_id                 A 
_entity_poly.pdbx_target_identifier         ? 
# 
loop_
_pdbx_entity_nonpoly.entity_id 
_pdbx_entity_nonpoly.name 
_pdbx_entity_nonpoly.comp_id 
2 'CADMIUM ION'                            CD  
3 GLYCEROL                                 GOL 
4 2-acetamido-2-deoxy-beta-D-glucopyranose NAG 
5 water                                    HOH 
# 
loop_
_entity_poly_seq.entity_id 
_entity_poly_seq.num 
_entity_poly_seq.mon_id 
_entity_poly_seq.hetero 
1 1   HIS n 
1 2   LYS n 
1 3   GLU n 
1 4   ALA n 
1 5   GLY n 
1 6   GLN n 
1 7   ASP n 
1 8   VAL n 
1 9   VAL n 
1 10  THR n 
1 11  SER n 
1 12  ASN n 
1 13  PHE n 
1 14  ASP n 
1 15  ALA n 
1 16  SER n 
1 17  LYS n 
1 18  ILE n 
1 19  ALA n 
1 20  GLY n 
1 21  GLU n 
1 22  TRP n 
1 23  TYR n 
1 24  SER n 
1 25  ILE n 
1 26  LEU n 
1 27  LEU n 
1 28  ALA n 
1 29  SER n 
1 30  ASP n 
1 31  ALA n 
1 32  LYS n 
1 33  GLU n 
1 34  ASN n 
1 35  ILE n 
1 36  GLU n 
1 37  GLU n 
1 38  ASN n 
1 39  GLY n 
1 40  SER n 
1 41  MET n 
1 42  ARG n 
1 43  VAL n 
1 44  PHE n 
1 45  VAL n 
1 46  GLU n 
1 47  HIS n 
1 48  ILE n 
1 49  ARG n 
1 50  VAL n 
1 51  LEU n 
1 52  ASP n 
1 53  ASN n 
1 54  SER n 
1 55  SER n 
1 56  LEU n 
1 57  ALA n 
1 58  PHE n 
1 59  LYS n 
1 60  PHE n 
1 61  GLN n 
1 62  ARG n 
1 63  LYS n 
1 64  VAL n 
1 65  ASN n 
1 66  GLY n 
1 67  GLU n 
1 68  CYS n 
1 69  THR n 
1 70  ASP n 
1 71  PHE n 
1 72  TYR n 
1 73  ALA n 
1 74  VAL n 
1 75  CYS n 
1 76  ASP n 
1 77  LYS n 
1 78  VAL n 
1 79  GLY n 
1 80  ASP n 
1 81  GLY n 
1 82  VAL n 
1 83  TYR n 
1 84  THR n 
1 85  VAL n 
1 86  ALA n 
1 87  TYR n 
1 88  TYR n 
1 89  GLY n 
1 90  GLU n 
1 91  ASN n 
1 92  LYS n 
1 93  PHE n 
1 94  ARG n 
1 95  LEU n 
1 96  LEU n 
1 97  GLU n 
1 98  VAL n 
1 99  ASN n 
1 100 TYR n 
1 101 SER n 
1 102 ASP n 
1 103 TYR n 
1 104 VAL n 
1 105 ILE n 
1 106 LEU n 
1 107 HIS n 
1 108 LEU n 
1 109 VAL n 
1 110 ASP n 
1 111 VAL n 
1 112 ASN n 
1 113 GLY n 
1 114 ASP n 
1 115 LYS n 
1 116 THR n 
1 117 PHE n 
1 118 GLN n 
1 119 LEU n 
1 120 MET n 
1 121 GLU n 
1 122 PHE n 
1 123 TYR n 
1 124 GLY n 
1 125 ARG n 
1 126 LYS n 
1 127 PRO n 
1 128 ASP n 
1 129 VAL n 
1 130 GLU n 
1 131 PRO n 
1 132 LYS n 
1 133 LEU n 
1 134 LYS n 
1 135 ASP n 
1 136 LYS n 
1 137 PHE n 
1 138 VAL n 
1 139 GLU n 
1 140 ILE n 
1 141 CYS n 
1 142 GLN n 
1 143 GLN n 
1 144 TYR n 
1 145 GLY n 
1 146 ILE n 
1 147 ILE n 
1 148 LYS n 
1 149 GLU n 
1 150 ASN n 
1 151 ILE n 
1 152 ILE n 
1 153 ASP n 
1 154 LEU n 
1 155 THR n 
1 156 LYS n 
1 157 ILE n 
1 158 ASP n 
1 159 ARG n 
1 160 CYS n 
1 161 PHE n 
1 162 GLN n 
1 163 LEU n 
1 164 ARG n 
1 165 GLY n 
1 166 SER n 
1 167 GLY n 
1 168 GLY n 
1 169 VAL n 
1 170 GLN n 
1 171 GLU n 
1 172 SER n 
1 173 SER n 
1 174 ALA n 
1 175 GLU n 
# 
_entity_src_nat.entity_id                  1 
_entity_src_nat.pdbx_src_id                1 
_entity_src_nat.pdbx_alt_source_flag       sample 
_entity_src_nat.pdbx_beg_seq_num           ? 
_entity_src_nat.pdbx_end_seq_num           ? 
_entity_src_nat.common_name                PIG 
_entity_src_nat.pdbx_organism_scientific   'SUS SCROFA' 
_entity_src_nat.pdbx_ncbi_taxonomy_id      9823 
_entity_src_nat.genus                      ? 
_entity_src_nat.species                    ? 
_entity_src_nat.strain                     ? 
_entity_src_nat.tissue                     GLAND 
_entity_src_nat.tissue_fraction            ? 
_entity_src_nat.pdbx_secretion             ? 
_entity_src_nat.pdbx_fragment              ? 
_entity_src_nat.pdbx_variant               ? 
_entity_src_nat.pdbx_cell_line             ? 
_entity_src_nat.pdbx_atcc                  ? 
_entity_src_nat.pdbx_cellular_location     ? 
_entity_src_nat.pdbx_organ                 'SUBMAXILLARY GLANDS' 
_entity_src_nat.pdbx_organelle             ? 
_entity_src_nat.pdbx_cell                  ? 
_entity_src_nat.pdbx_plasmid_name          ? 
_entity_src_nat.pdbx_plasmid_details       ? 
_entity_src_nat.details                    'FROM MATURE MALE PIG' 
# 
loop_
_chem_comp.id 
_chem_comp.type 
_chem_comp.mon_nstd_flag 
_chem_comp.name 
_chem_comp.pdbx_synonyms 
_chem_comp.formula 
_chem_comp.formula_weight 
ALA 'L-peptide linking'          y ALANINE                                  ? 'C3 H7 N O2'     89.093  
ARG 'L-peptide linking'          y ARGININE                                 ? 'C6 H15 N4 O2 1' 175.209 
ASN 'L-peptide linking'          y ASPARAGINE                               ? 'C4 H8 N2 O3'    132.118 
ASP 'L-peptide linking'          y 'ASPARTIC ACID'                          ? 'C4 H7 N O4'     133.103 
CD  non-polymer                  . 'CADMIUM ION'                            ? 'Cd 2'           112.411 
CYS 'L-peptide linking'          y CYSTEINE                                 ? 'C3 H7 N O2 S'   121.158 
GLN 'L-peptide linking'          y GLUTAMINE                                ? 'C5 H10 N2 O3'   146.144 
GLU 'L-peptide linking'          y 'GLUTAMIC ACID'                          ? 'C5 H9 N O4'     147.129 
GLY 'peptide linking'            y GLYCINE                                  ? 'C2 H5 N O2'     75.067  
GOL non-polymer                  . GLYCEROL                                 'GLYCERIN; PROPANE-1,2,3-TRIOL' 'C3 H8 O3'       
92.094  
HIS 'L-peptide linking'          y HISTIDINE                                ? 'C6 H10 N3 O2 1' 156.162 
HOH non-polymer                  . WATER                                    ? 'H2 O'           18.015  
ILE 'L-peptide linking'          y ISOLEUCINE                               ? 'C6 H13 N O2'    131.173 
LEU 'L-peptide linking'          y LEUCINE                                  ? 'C6 H13 N O2'    131.173 
LYS 'L-peptide linking'          y LYSINE                                   ? 'C6 H15 N2 O2 1' 147.195 
MET 'L-peptide linking'          y METHIONINE                               ? 'C5 H11 N O2 S'  149.211 
NAG 'D-saccharide, beta linking' . 2-acetamido-2-deoxy-beta-D-glucopyranose 
;N-acetyl-beta-D-glucosamine; 2-acetamido-2-deoxy-beta-D-glucose; 2-acetamido-2-deoxy-D-glucose; 2-acetamido-2-deoxy-glucose; N-ACETYL-D-GLUCOSAMINE
;
'C8 H15 N O6'    221.208 
PHE 'L-peptide linking'          y PHENYLALANINE                            ? 'C9 H11 N O2'    165.189 
PRO 'L-peptide linking'          y PROLINE                                  ? 'C5 H9 N O2'     115.130 
SER 'L-peptide linking'          y SERINE                                   ? 'C3 H7 N O3'     105.093 
THR 'L-peptide linking'          y THREONINE                                ? 'C4 H9 N O3'     119.119 
TRP 'L-peptide linking'          y TRYPTOPHAN                               ? 'C11 H12 N2 O2'  204.225 
TYR 'L-peptide linking'          y TYROSINE                                 ? 'C9 H11 N O3'    181.189 
VAL 'L-peptide linking'          y VALINE                                   ? 'C5 H11 N O2'    117.146 
# 
loop_
_pdbx_chem_comp_identifier.comp_id 
_pdbx_chem_comp_identifier.type 
_pdbx_chem_comp_identifier.program 
_pdbx_chem_comp_identifier.program_version 
_pdbx_chem_comp_identifier.identifier 
NAG 'CONDENSED IUPAC CARBOHYDRATE SYMBOL' GMML     1.0 DGlcpNAcb                      
NAG 'COMMON NAME'                         GMML     1.0 N-acetyl-b-D-glucopyranosamine 
NAG 'IUPAC CARBOHYDRATE SYMBOL'           PDB-CARE 1.0 b-D-GlcpNAc                    
NAG 'SNFG CARBOHYDRATE SYMBOL'            GMML     1.0 GlcNAc                         
# 
loop_
_pdbx_poly_seq_scheme.asym_id 
_pdbx_poly_seq_scheme.entity_id 
_pdbx_poly_seq_scheme.seq_id 
_pdbx_poly_seq_scheme.mon_id 
_pdbx_poly_seq_scheme.ndb_seq_num 
_pdbx_poly_seq_scheme.pdb_seq_num 
_pdbx_poly_seq_scheme.auth_seq_num 
_pdbx_poly_seq_scheme.pdb_mon_id 
_pdbx_poly_seq_scheme.auth_mon_id 
_pdbx_poly_seq_scheme.pdb_strand_id 
_pdbx_poly_seq_scheme.pdb_ins_code 
_pdbx_poly_seq_scheme.hetero 
A 1 1   HIS 1   1   ?   ?   ?   A . n 
A 1 2   LYS 2   2   ?   ?   ?   A . n 
A 1 3   GLU 3   3   ?   ?   ?   A . n 
A 1 4   ALA 4   4   ?   ?   ?   A . n 
A 1 5   GLY 5   5   ?   ?   ?   A . n 
A 1 6   GLN 6   6   ?   ?   ?   A . n 
A 1 7   ASP 7   7   ?   ?   ?   A . n 
A 1 8   VAL 8   8   8   VAL VAL A . n 
A 1 9   VAL 9   9   9   VAL VAL A . n 
A 1 10  THR 10  10  10  THR THR A . n 
A 1 11  SER 11  11  11  SER SER A . n 
A 1 12  ASN 12  12  12  ASN ASN A . n 
A 1 13  PHE 13  13  13  PHE PHE A . n 
A 1 14  ASP 14  14  14  ASP ASP A . n 
A 1 15  ALA 15  15  15  ALA ALA A . n 
A 1 16  SER 16  16  16  SER SER A . n 
A 1 17  LYS 17  17  17  LYS LYS A . n 
A 1 18  ILE 18  18  18  ILE ILE A . n 
A 1 19  ALA 19  19  19  ALA ALA A . n 
A 1 20  GLY 20  20  20  GLY GLY A . n 
A 1 21  GLU 21  21  21  GLU GLU A . n 
A 1 22  TRP 22  22  22  TRP TRP A . n 
A 1 23  TYR 23  23  23  TYR TYR A . n 
A 1 24  SER 24  24  24  SER SER A . n 
A 1 25  ILE 25  25  25  ILE ILE A . n 
A 1 26  LEU 26  26  26  LEU LEU A . n 
A 1 27  LEU 27  27  27  LEU LEU A . n 
A 1 28  ALA 28  28  28  ALA ALA A . n 
A 1 29  SER 29  29  29  SER SER A . n 
A 1 30  ASP 30  30  30  ASP ASP A . n 
A 1 31  ALA 31  31  31  ALA ALA A . n 
A 1 32  LYS 32  32  32  LYS LYS A . n 
A 1 33  GLU 33  33  33  GLU GLU A . n 
A 1 34  ASN 34  34  34  ASN ASN A . n 
A 1 35  ILE 35  35  35  ILE ILE A . n 
A 1 36  GLU 36  36  36  GLU GLU A . n 
A 1 37  GLU 37  37  37  GLU GLU A . n 
A 1 38  ASN 38  38  38  ASN ASN A . n 
A 1 39  GLY 39  39  39  GLY GLY A . n 
A 1 40  SER 40  40  40  SER SER A . n 
A 1 41  MET 41  41  41  MET MET A . n 
A 1 42  ARG 42  42  42  ARG ARG A . n 
A 1 43  VAL 43  43  43  VAL VAL A . n 
A 1 44  PHE 44  44  44  PHE PHE A . n 
A 1 45  VAL 45  45  45  VAL VAL A . n 
A 1 46  GLU 46  46  46  GLU GLU A . n 
A 1 47  HIS 47  47  47  HIS HIS A . n 
A 1 48  ILE 48  48  48  ILE ILE A . n 
A 1 49  ARG 49  49  49  ARG ARG A . n 
A 1 50  VAL 50  50  50  VAL VAL A . n 
A 1 51  LEU 51  51  51  LEU LEU A . n 
A 1 52  ASP 52  52  52  ASP ASP A . n 
A 1 53  ASN 53  53  53  ASN ASN A . n 
A 1 54  SER 54  54  54  SER SER A . n 
A 1 55  SER 55  55  55  SER SER A . n 
A 1 56  LEU 56  56  56  LEU LEU A . n 
A 1 57  ALA 57  57  57  ALA ALA A . n 
A 1 58  PHE 58  58  58  PHE PHE A . n 
A 1 59  LYS 59  59  59  LYS LYS A . n 
A 1 60  PHE 60  60  60  PHE PHE A . n 
A 1 61  GLN 61  61  61  GLN GLN A . n 
A 1 62  ARG 62  62  62  ARG ARG A . n 
A 1 63  LYS 63  63  63  LYS LYS A . n 
A 1 64  VAL 64  64  64  VAL VAL A . n 
A 1 65  ASN 65  65  65  ASN ASN A . n 
A 1 66  GLY 66  66  66  GLY GLY A . n 
A 1 67  GLU 67  67  67  GLU GLU A . n 
A 1 68  CYS 68  68  68  CYS CYS A . n 
A 1 69  THR 69  69  69  THR THR A . n 
A 1 70  ASP 70  70  70  ASP ASP A . n 
A 1 71  PHE 71  71  71  PHE PHE A . n 
A 1 72  TYR 72  72  72  TYR TYR A . n 
A 1 73  ALA 73  73  73  ALA ALA A . n 
A 1 74  VAL 74  74  74  VAL VAL A . n 
A 1 75  CYS 75  75  75  CYS CYS A . n 
A 1 76  ASP 76  76  76  ASP ASP A . n 
A 1 77  LYS 77  77  77  LYS LYS A . n 
A 1 78  VAL 78  78  78  VAL VAL A . n 
A 1 79  GLY 79  79  79  GLY GLY A . n 
A 1 80  ASP 80  80  80  ASP ASP A . n 
A 1 81  GLY 81  81  81  GLY GLY A . n 
A 1 82  VAL 82  82  82  VAL VAL A . n 
A 1 83  TYR 83  83  83  TYR TYR A . n 
A 1 84  THR 84  84  84  THR THR A . n 
A 1 85  VAL 85  85  85  VAL VAL A . n 
A 1 86  ALA 86  86  86  ALA ALA A . n 
A 1 87  TYR 87  87  87  TYR TYR A . n 
A 1 88  TYR 88  88  88  TYR TYR A . n 
A 1 89  GLY 89  89  89  GLY GLY A . n 
A 1 90  GLU 90  90  90  GLU GLU A . n 
A 1 91  ASN 91  91  91  ASN ASN A . n 
A 1 92  LYS 92  92  92  LYS LYS A . n 
A 1 93  PHE 93  93  93  PHE PHE A . n 
A 1 94  ARG 94  94  94  ARG ARG A . n 
A 1 95  LEU 95  95  95  LEU LEU A . n 
A 1 96  LEU 96  96  96  LEU LEU A . n 
A 1 97  GLU 97  97  97  GLU GLU A . n 
A 1 98  VAL 98  98  98  VAL VAL A . n 
A 1 99  ASN 99  99  99  ASN ASN A . n 
A 1 100 TYR 100 100 100 TYR TYR A . n 
A 1 101 SER 101 101 101 SER SER A . n 
A 1 102 ASP 102 102 102 ASP ASP A . n 
A 1 103 TYR 103 103 103 TYR TYR A . n 
A 1 104 VAL 104 104 104 VAL VAL A . n 
A 1 105 ILE 105 105 105 ILE ILE A . n 
A 1 106 LEU 106 106 106 LEU LEU A . n 
A 1 107 HIS 107 107 107 HIS HIS A . n 
A 1 108 LEU 108 108 108 LEU LEU A . n 
A 1 109 VAL 109 109 109 VAL VAL A . n 
A 1 110 ASP 110 110 110 ASP ASP A . n 
A 1 111 VAL 111 111 111 VAL VAL A . n 
A 1 112 ASN 112 112 112 ASN ASN A . n 
A 1 113 GLY 113 113 113 GLY GLY A . n 
A 1 114 ASP 114 114 114 ASP ASP A . n 
A 1 115 LYS 115 115 115 LYS LYS A . n 
A 1 116 THR 116 116 116 THR THR A . n 
A 1 117 PHE 117 117 117 PHE PHE A . n 
A 1 118 GLN 118 118 118 GLN GLN A . n 
A 1 119 LEU 119 119 119 LEU LEU A . n 
A 1 120 MET 120 120 120 MET MET A . n 
A 1 121 GLU 121 121 121 GLU GLU A . n 
A 1 122 PHE 122 122 122 PHE PHE A . n 
A 1 123 TYR 123 123 123 TYR TYR A . n 
A 1 124 GLY 124 124 124 GLY GLY A . n 
A 1 125 ARG 125 125 125 ARG ARG A . n 
A 1 126 LYS 126 126 126 LYS LYS A . n 
A 1 127 PRO 127 127 127 PRO PRO A . n 
A 1 128 ASP 128 128 128 ASP ASP A . n 
A 1 129 VAL 129 129 129 VAL VAL A . n 
A 1 130 GLU 130 130 130 GLU GLU A . n 
A 1 131 PRO 131 131 131 PRO PRO A . n 
A 1 132 LYS 132 132 132 LYS LYS A . n 
A 1 133 LEU 133 133 133 LEU LEU A . n 
A 1 134 LYS 134 134 134 LYS LYS A . n 
A 1 135 ASP 135 135 135 ASP ASP A . n 
A 1 136 LYS 136 136 136 LYS LYS A . n 
A 1 137 PHE 137 137 137 PHE PHE A . n 
A 1 138 VAL 138 138 138 VAL VAL A . n 
A 1 139 GLU 139 139 139 GLU GLU A . n 
A 1 140 ILE 140 140 140 ILE ILE A . n 
A 1 141 CYS 141 141 141 CYS CYS A . n 
A 1 142 GLN 142 142 142 GLN GLN A . n 
A 1 143 GLN 143 143 143 GLN GLN A . n 
A 1 144 TYR 144 144 144 TYR TYR A . n 
A 1 145 GLY 145 145 145 GLY GLY A . n 
A 1 146 ILE 146 146 146 ILE ILE A . n 
A 1 147 ILE 147 147 147 ILE ILE A . n 
A 1 148 LYS 148 148 148 LYS LYS A . n 
A 1 149 GLU 149 149 149 GLU GLU A . n 
A 1 150 ASN 150 150 150 ASN ASN A . n 
A 1 151 ILE 151 151 151 ILE ILE A . n 
A 1 152 ILE 152 152 152 ILE ILE A . n 
A 1 153 ASP 153 153 153 ASP ASP A . n 
A 1 154 LEU 154 154 154 LEU LEU A . n 
A 1 155 THR 155 155 155 THR THR A . n 
A 1 156 LYS 156 156 156 LYS LYS A . n 
A 1 157 ILE 157 157 157 ILE ILE A . n 
A 1 158 ASP 158 158 158 ASP ASP A . n 
A 1 159 ARG 159 159 159 ARG ARG A . n 
A 1 160 CYS 160 160 160 CYS CYS A . n 
A 1 161 PHE 161 161 161 PHE PHE A . n 
A 1 162 GLN 162 162 162 GLN GLN A . n 
A 1 163 LEU 163 163 163 LEU LEU A . n 
A 1 164 ARG 164 164 164 ARG ARG A . n 
A 1 165 GLY 165 165 165 GLY GLY A . n 
A 1 166 SER 166 166 166 SER SER A . n 
A 1 167 GLY 167 167 ?   ?   ?   A . n 
A 1 168 GLY 168 168 ?   ?   ?   A . n 
A 1 169 VAL 169 169 ?   ?   ?   A . n 
A 1 170 GLN 170 170 ?   ?   ?   A . n 
A 1 171 GLU 171 171 ?   ?   ?   A . n 
A 1 172 SER 172 172 ?   ?   ?   A . n 
A 1 173 SER 173 173 ?   ?   ?   A . n 
A 1 174 ALA 174 174 ?   ?   ?   A . n 
A 1 175 GLU 175 175 ?   ?   ?   A . n 
# 
loop_
_pdbx_nonpoly_scheme.asym_id 
_pdbx_nonpoly_scheme.entity_id 
_pdbx_nonpoly_scheme.mon_id 
_pdbx_nonpoly_scheme.ndb_seq_num 
_pdbx_nonpoly_scheme.pdb_seq_num 
_pdbx_nonpoly_scheme.auth_seq_num 
_pdbx_nonpoly_scheme.pdb_mon_id 
_pdbx_nonpoly_scheme.auth_mon_id 
_pdbx_nonpoly_scheme.pdb_strand_id 
_pdbx_nonpoly_scheme.pdb_ins_code 
B 2 CD  1   201 1166 CD  CD  A . 
C 3 GOL 1   202 1167 GOL GOL A . 
D 4 NAG 1   203 1168 NAG NAG A . 
E 5 HOH 1   301 2096 HOH HOH A . 
E 5 HOH 2   302 2069 HOH HOH A . 
E 5 HOH 3   303 2110 HOH HOH A . 
E 5 HOH 4   304 2107 HOH HOH A . 
E 5 HOH 5   305 2073 HOH HOH A . 
E 5 HOH 6   306 2064 HOH HOH A . 
E 5 HOH 7   307 2097 HOH HOH A . 
E 5 HOH 8   308 2012 HOH HOH A . 
E 5 HOH 9   309 2055 HOH HOH A . 
E 5 HOH 10  310 2066 HOH HOH A . 
E 5 HOH 11  311 2008 HOH HOH A . 
E 5 HOH 12  312 2079 HOH HOH A . 
E 5 HOH 13  313 2046 HOH HOH A . 
E 5 HOH 14  314 2028 HOH HOH A . 
E 5 HOH 15  315 2067 HOH HOH A . 
E 5 HOH 16  316 2032 HOH HOH A . 
E 5 HOH 17  317 2101 HOH HOH A . 
E 5 HOH 18  318 2005 HOH HOH A . 
E 5 HOH 19  319 2049 HOH HOH A . 
E 5 HOH 20  320 2034 HOH HOH A . 
E 5 HOH 21  321 2013 HOH HOH A . 
E 5 HOH 22  322 2074 HOH HOH A . 
E 5 HOH 23  323 2048 HOH HOH A . 
E 5 HOH 24  324 2033 HOH HOH A . 
E 5 HOH 25  325 2031 HOH HOH A . 
E 5 HOH 26  326 2050 HOH HOH A . 
E 5 HOH 27  327 2105 HOH HOH A . 
E 5 HOH 28  328 2036 HOH HOH A . 
E 5 HOH 29  329 2109 HOH HOH A . 
E 5 HOH 30  330 2071 HOH HOH A . 
E 5 HOH 31  331 2092 HOH HOH A . 
E 5 HOH 32  332 2006 HOH HOH A . 
E 5 HOH 33  333 2111 HOH HOH A . 
E 5 HOH 34  334 2040 HOH HOH A . 
E 5 HOH 35  335 2065 HOH HOH A . 
E 5 HOH 36  336 2021 HOH HOH A . 
E 5 HOH 37  337 2099 HOH HOH A . 
E 5 HOH 38  338 2056 HOH HOH A . 
E 5 HOH 39  339 2038 HOH HOH A . 
E 5 HOH 40  340 2087 HOH HOH A . 
E 5 HOH 41  341 2080 HOH HOH A . 
E 5 HOH 42  342 2103 HOH HOH A . 
E 5 HOH 43  343 2072 HOH HOH A . 
E 5 HOH 44  344 2037 HOH HOH A . 
E 5 HOH 45  345 2086 HOH HOH A . 
E 5 HOH 46  346 2043 HOH HOH A . 
E 5 HOH 47  347 2089 HOH HOH A . 
E 5 HOH 48  348 2078 HOH HOH A . 
E 5 HOH 49  349 2090 HOH HOH A . 
E 5 HOH 50  350 2018 HOH HOH A . 
E 5 HOH 51  351 2068 HOH HOH A . 
E 5 HOH 52  352 2059 HOH HOH A . 
E 5 HOH 53  353 2083 HOH HOH A . 
E 5 HOH 54  354 2060 HOH HOH A . 
E 5 HOH 55  355 2030 HOH HOH A . 
E 5 HOH 56  356 2082 HOH HOH A . 
E 5 HOH 57  357 2042 HOH HOH A . 
E 5 HOH 58  358 2044 HOH HOH A . 
E 5 HOH 59  359 2015 HOH HOH A . 
E 5 HOH 60  360 2093 HOH HOH A . 
E 5 HOH 61  361 2009 HOH HOH A . 
E 5 HOH 62  362 2081 HOH HOH A . 
E 5 HOH 63  363 2104 HOH HOH A . 
E 5 HOH 64  364 2014 HOH HOH A . 
E 5 HOH 65  365 2051 HOH HOH A . 
E 5 HOH 66  366 2094 HOH HOH A . 
E 5 HOH 67  367 2053 HOH HOH A . 
E 5 HOH 68  368 2098 HOH HOH A . 
E 5 HOH 69  369 2058 HOH HOH A . 
E 5 HOH 70  370 2085 HOH HOH A . 
E 5 HOH 71  371 2061 HOH HOH A . 
E 5 HOH 72  372 2088 HOH HOH A . 
E 5 HOH 73  373 2003 HOH HOH A . 
E 5 HOH 74  374 2102 HOH HOH A . 
E 5 HOH 75  375 2057 HOH HOH A . 
E 5 HOH 76  376 2106 HOH HOH A . 
E 5 HOH 77  377 2108 HOH HOH A . 
E 5 HOH 78  378 2027 HOH HOH A . 
E 5 HOH 79  379 2054 HOH HOH A . 
E 5 HOH 80  380 2095 HOH HOH A . 
E 5 HOH 81  381 2011 HOH HOH A . 
E 5 HOH 82  382 2070 HOH HOH A . 
E 5 HOH 83  383 2100 HOH HOH A . 
E 5 HOH 84  384 2039 HOH HOH A . 
E 5 HOH 85  385 2076 HOH HOH A . 
E 5 HOH 86  386 2112 HOH HOH A . 
E 5 HOH 87  387 2075 HOH HOH A . 
E 5 HOH 88  388 2025 HOH HOH A . 
E 5 HOH 89  389 2084 HOH HOH A . 
E 5 HOH 90  390 2026 HOH HOH A . 
E 5 HOH 91  391 2029 HOH HOH A . 
E 5 HOH 92  392 2091 HOH HOH A . 
E 5 HOH 93  393 2062 HOH HOH A . 
E 5 HOH 94  394 2052 HOH HOH A . 
E 5 HOH 95  395 2035 HOH HOH A . 
E 5 HOH 96  396 2041 HOH HOH A . 
E 5 HOH 97  397 2017 HOH HOH A . 
E 5 HOH 98  398 2063 HOH HOH A . 
E 5 HOH 99  399 2047 HOH HOH A . 
E 5 HOH 100 400 2023 HOH HOH A . 
E 5 HOH 101 401 2022 HOH HOH A . 
E 5 HOH 102 402 2007 HOH HOH A . 
E 5 HOH 103 403 2004 HOH HOH A . 
E 5 HOH 104 404 2001 HOH HOH A . 
E 5 HOH 105 405 2024 HOH HOH A . 
E 5 HOH 106 406 2077 HOH HOH A . 
E 5 HOH 107 407 2002 HOH HOH A . 
E 5 HOH 108 408 2010 HOH HOH A . 
E 5 HOH 109 409 2019 HOH HOH A . 
E 5 HOH 110 410 2045 HOH HOH A . 
E 5 HOH 111 411 2016 HOH HOH A . 
E 5 HOH 112 412 2020 HOH HOH A . 
# 
loop_
_pdbx_unobs_or_zero_occ_atoms.id 
_pdbx_unobs_or_zero_occ_atoms.PDB_model_num 
_pdbx_unobs_or_zero_occ_atoms.polymer_flag 
_pdbx_unobs_or_zero_occ_atoms.occupancy_flag 
_pdbx_unobs_or_zero_occ_atoms.auth_asym_id 
_pdbx_unobs_or_zero_occ_atoms.auth_comp_id 
_pdbx_unobs_or_zero_occ_atoms.auth_seq_id 
_pdbx_unobs_or_zero_occ_atoms.PDB_ins_code 
_pdbx_unobs_or_zero_occ_atoms.auth_atom_id 
_pdbx_unobs_or_zero_occ_atoms.label_alt_id 
_pdbx_unobs_or_zero_occ_atoms.label_asym_id 
_pdbx_unobs_or_zero_occ_atoms.label_comp_id 
_pdbx_unobs_or_zero_occ_atoms.label_seq_id 
_pdbx_unobs_or_zero_occ_atoms.label_atom_id 
1 1 Y 1 A SER 166 ? CA ? A SER 166 CA 
2 1 Y 1 A SER 166 ? C  ? A SER 166 C  
3 1 Y 1 A SER 166 ? O  ? A SER 166 O  
4 1 Y 1 A SER 166 ? CB ? A SER 166 CB 
5 1 Y 1 A SER 166 ? OG ? A SER 166 OG 
6 1 N 1 A NAG 203 ? O1 ? D NAG 1   O1 
# 
loop_
_software.name 
_software.classification 
_software.version 
_software.citation_id 
_software.pdbx_ordinal 
CNS   refinement       1.0 ? 1 
DENZO 'data reduction' .   ? 2 
SCALA 'data scaling'   .   ? 3 
AMoRE phasing          .   ? 4 
# 
_cell.entry_id           1GM6 
_cell.length_a           70.112 
_cell.length_b           70.112 
_cell.length_c           71.750 
_cell.angle_alpha        90.00 
_cell.angle_beta         90.00 
_cell.angle_gamma        90.00 
_cell.Z_PDB              8 
_cell.pdbx_unique_axis   ? 
# 
_symmetry.entry_id                         1GM6 
_symmetry.space_group_name_H-M             'P 41 21 2' 
_symmetry.pdbx_full_space_group_name_H-M   ? 
_symmetry.cell_setting                     ? 
_symmetry.Int_Tables_number                92 
# 
_exptl.entry_id          1GM6 
_exptl.method            'X-RAY DIFFRACTION' 
_exptl.crystals_number   1 
# 
_exptl_crystal.id                    1 
_exptl_crystal.density_meas          ? 
_exptl_crystal.density_Matthews      2.18 
_exptl_crystal.density_percent_sol   44.37 
_exptl_crystal.description           ? 
# 
_exptl_crystal_grow.crystal_id      1 
_exptl_crystal_grow.method          ? 
_exptl_crystal_grow.temp            ? 
_exptl_crystal_grow.temp_details    ? 
_exptl_crystal_grow.pH              5.50 
_exptl_crystal_grow.pdbx_pH_range   ? 
_exptl_crystal_grow.pdbx_details    '1.95M AS, 0.1M NACI PH 5.5, 0.2M K/NA TARTRATE' 
# 
_diffrn.id                     1 
_diffrn.ambient_temp           100.0 
_diffrn.ambient_temp_details   ? 
_diffrn.crystal_id             1 
# 
_diffrn_detector.diffrn_id              1 
_diffrn_detector.detector               ? 
_diffrn_detector.type                   ? 
_diffrn_detector.pdbx_collection_date   2001-01-15 
_diffrn_detector.details                ? 
# 
_diffrn_radiation.diffrn_id                        1 
_diffrn_radiation.wavelength_id                    1 
_diffrn_radiation.pdbx_monochromatic_or_laue_m_l   M 
_diffrn_radiation.monochromator                    ? 
_diffrn_radiation.pdbx_diffrn_protocol             'SINGLE WAVELENGTH' 
_diffrn_radiation.pdbx_scattering_type             x-ray 
# 
_diffrn_radiation_wavelength.id           1 
_diffrn_radiation_wavelength.wavelength   0.98 
_diffrn_radiation_wavelength.wt           1.0 
# 
_diffrn_source.diffrn_id                   1 
_diffrn_source.source                      SYNCHROTRON 
_diffrn_source.type                        'ESRF BEAMLINE ID14-2' 
_diffrn_source.pdbx_synchrotron_site       ESRF 
_diffrn_source.pdbx_synchrotron_beamline   ID14-2 
_diffrn_source.pdbx_wavelength             0.98 
_diffrn_source.pdbx_wavelength_list        ? 
# 
_reflns.pdbx_diffrn_id               1 
_reflns.pdbx_ordinal                 1 
_reflns.entry_id                     1GM6 
_reflns.observed_criterion_sigma_I   0.000 
_reflns.observed_criterion_sigma_F   ? 
_reflns.d_resolution_low             28.000 
_reflns.d_resolution_high            2.100 
_reflns.number_obs                   10884 
_reflns.number_all                   ? 
_reflns.percent_possible_obs         99.6 
_reflns.pdbx_Rmerge_I_obs            0.05600 
_reflns.pdbx_Rsym_value              ? 
_reflns.pdbx_netI_over_sigmaI        7.3000 
_reflns.B_iso_Wilson_estimate        26.9 
_reflns.pdbx_redundancy              3.900 
# 
_reflns_shell.pdbx_diffrn_id         1 
_reflns_shell.pdbx_ordinal           1 
_reflns_shell.d_res_high             2.10 
_reflns_shell.d_res_low              2.15 
_reflns_shell.percent_possible_all   99.6 
_reflns_shell.Rmerge_I_obs           0.12000 
_reflns_shell.pdbx_Rsym_value        ? 
_reflns_shell.meanI_over_sigI_obs    3.000 
_reflns_shell.pdbx_redundancy        4.00 
# 
_refine.pdbx_refine_id                           'X-RAY DIFFRACTION' 
_refine.entry_id                                 1GM6 
_refine.pdbx_diffrn_id                           1 
_refine.pdbx_TLS_residual_ADP_flag               ? 
_refine.ls_number_reflns_obs                     10107 
_refine.ls_number_reflns_all                     ? 
_refine.pdbx_ls_sigma_I                          ? 
_refine.pdbx_ls_sigma_F                          2.0 
_refine.pdbx_data_cutoff_high_absF               3430825.24 
_refine.pdbx_data_cutoff_low_absF                ? 
_refine.pdbx_data_cutoff_high_rms_absF           ? 
_refine.ls_d_res_low                             14.53 
_refine.ls_d_res_high                            2.13 
_refine.ls_percent_reflns_obs                    96.8 
_refine.ls_R_factor_obs                          0.254 
_refine.ls_R_factor_all                          ? 
_refine.ls_R_factor_R_work                       0.254 
_refine.ls_R_factor_R_free                       0.282 
_refine.ls_R_factor_R_free_error                 0.009 
_refine.ls_R_factor_R_free_error_details         ? 
_refine.ls_percent_reflns_R_free                 10.5 
_refine.ls_number_reflns_R_free                  1063 
_refine.ls_number_parameters                     ? 
_refine.ls_number_restraints                     ? 
_refine.occupancy_min                            ? 
_refine.occupancy_max                            ? 
_refine.correlation_coeff_Fo_to_Fc               ? 
_refine.correlation_coeff_Fo_to_Fc_free          ? 
_refine.B_iso_mean                               42.1 
_refine.aniso_B[1][1]                            1.74 
_refine.aniso_B[2][2]                            1.74 
_refine.aniso_B[3][3]                            -3.48 
_refine.aniso_B[1][2]                            0.00 
_refine.aniso_B[1][3]                            0.00 
_refine.aniso_B[2][3]                            0.00 
_refine.solvent_model_details                    'FLAT MODEL' 
_refine.solvent_model_param_ksol                 0.360633 
_refine.solvent_model_param_bsol                 ? 
_refine.pdbx_solvent_vdw_probe_radii             ? 
_refine.pdbx_solvent_ion_probe_radii             ? 
_refine.pdbx_solvent_shrinkage_radii             ? 
_refine.pdbx_ls_cross_valid_method               THROUGHOUT 
_refine.details                                  ? 
_refine.pdbx_starting_model                      'PDB ENTRY 1EW3' 
_refine.pdbx_method_to_determine_struct          'MOLECULAR REPLACEMENT' 
_refine.pdbx_isotropic_thermal_model             RESTRAINED 
_refine.pdbx_stereochemistry_target_values       ? 
_refine.pdbx_stereochem_target_val_spec_case     ? 
_refine.pdbx_R_Free_selection_details            RANDOM 
_refine.pdbx_overall_ESU_R                       ? 
_refine.pdbx_overall_ESU_R_Free                  ? 
_refine.overall_SU_ML                            ? 
_refine.pdbx_overall_phase_error                 ? 
_refine.overall_SU_B                             ? 
_refine.overall_SU_R_Cruickshank_DPI             ? 
_refine.pdbx_overall_SU_R_free_Cruickshank_DPI   ? 
_refine.pdbx_overall_SU_R_Blow_DPI               ? 
_refine.pdbx_overall_SU_R_free_Blow_DPI          ? 
# 
_refine_analyze.pdbx_refine_id                  'X-RAY DIFFRACTION' 
_refine_analyze.entry_id                        1GM6 
_refine_analyze.Luzzati_coordinate_error_obs    0.36 
_refine_analyze.Luzzati_sigma_a_obs             0.37 
_refine_analyze.Luzzati_d_res_low_obs           5.00 
_refine_analyze.Luzzati_coordinate_error_free   0.38 
_refine_analyze.Luzzati_sigma_a_free            0.37 
_refine_analyze.Luzzati_d_res_low_free          ? 
_refine_analyze.number_disordered_residues      ? 
_refine_analyze.occupancy_sum_hydrogen          ? 
_refine_analyze.occupancy_sum_non_hydrogen      ? 
# 
_refine_hist.pdbx_refine_id                   'X-RAY DIFFRACTION' 
_refine_hist.cycle_id                         LAST 
_refine_hist.pdbx_number_atoms_protein        1284 
_refine_hist.pdbx_number_atoms_nucleic_acid   0 
_refine_hist.pdbx_number_atoms_ligand         21 
_refine_hist.number_atoms_solvent             112 
_refine_hist.number_atoms_total               1417 
_refine_hist.d_res_high                       2.13 
_refine_hist.d_res_low                        14.53 
# 
loop_
_refine_ls_restr.type 
_refine_ls_restr.dev_ideal 
_refine_ls_restr.dev_ideal_target 
_refine_ls_restr.weight 
_refine_ls_restr.number 
_refine_ls_restr.pdbx_refine_id 
_refine_ls_restr.pdbx_restraint_function 
c_bond_d                0.011 ?    ? ? 'X-RAY DIFFRACTION' ? 
c_bond_d_na             ?     ?    ? ? 'X-RAY DIFFRACTION' ? 
c_bond_d_prot           ?     ?    ? ? 'X-RAY DIFFRACTION' ? 
c_angle_d               ?     ?    ? ? 'X-RAY DIFFRACTION' ? 
c_angle_d_na            ?     ?    ? ? 'X-RAY DIFFRACTION' ? 
c_angle_d_prot          ?     ?    ? ? 'X-RAY DIFFRACTION' ? 
c_angle_deg             1.7   ?    ? ? 'X-RAY DIFFRACTION' ? 
c_angle_deg_na          ?     ?    ? ? 'X-RAY DIFFRACTION' ? 
c_angle_deg_prot        ?     ?    ? ? 'X-RAY DIFFRACTION' ? 
c_dihedral_angle_d      27.0  ?    ? ? 'X-RAY DIFFRACTION' ? 
c_dihedral_angle_d_na   ?     ?    ? ? 'X-RAY DIFFRACTION' ? 
c_dihedral_angle_d_prot ?     ?    ? ? 'X-RAY DIFFRACTION' ? 
c_improper_angle_d      0.96  ?    ? ? 'X-RAY DIFFRACTION' ? 
c_improper_angle_d_na   ?     ?    ? ? 'X-RAY DIFFRACTION' ? 
c_improper_angle_d_prot ?     ?    ? ? 'X-RAY DIFFRACTION' ? 
c_mcbond_it             1.38  1.50 ? ? 'X-RAY DIFFRACTION' ? 
c_mcangle_it            2.12  2.00 ? ? 'X-RAY DIFFRACTION' ? 
c_scbond_it             1.97  2.00 ? ? 'X-RAY DIFFRACTION' ? 
c_scangle_it            2.92  2.50 ? ? 'X-RAY DIFFRACTION' ? 
# 
_refine_ls_shell.pdbx_refine_id                   'X-RAY DIFFRACTION' 
_refine_ls_shell.pdbx_total_number_of_bins_used   6 
_refine_ls_shell.d_res_high                       2.13 
_refine_ls_shell.d_res_low                        2.26 
_refine_ls_shell.number_reflns_R_work             1457 
_refine_ls_shell.R_factor_R_work                  0.327 
_refine_ls_shell.percent_reflns_obs               95.2 
_refine_ls_shell.R_factor_R_free                  0.371 
_refine_ls_shell.R_factor_R_free_error            0.030 
_refine_ls_shell.percent_reflns_R_free            9.7 
_refine_ls_shell.number_reflns_R_free             157 
_refine_ls_shell.number_reflns_all                ? 
_refine_ls_shell.R_factor_all                     ? 
# 
loop_
_pdbx_xplor_file.pdbx_refine_id 
_pdbx_xplor_file.serial_no 
_pdbx_xplor_file.param_file 
_pdbx_xplor_file.topol_file 
'X-RAY DIFFRACTION' 1 PROTEIN_REP.PARAM  PROTEIN.TOP      
'X-RAY DIFFRACTION' 2 CARBOHYDRATE.PARAM WATER.TOP        
'X-RAY DIFFRACTION' 3 LIG_PAR.PAR        LIG_TOP.TOP      
'X-RAY DIFFRACTION' 4 WATER_REP.PARAM    CARBOHYDRATE.TOP 
# 
_struct.entry_id                  1GM6 
_struct.title                     '3-D STRUCTURE OF A SALIVARY LIPOCALIN FROM BOAR' 
_struct.pdbx_model_details        ? 
_struct.pdbx_CASP_flag            ? 
_struct.pdbx_model_type_details   ? 
# 
_struct_keywords.entry_id        1GM6 
_struct_keywords.pdbx_keywords   'ODORANT-BINDING PROTEIN' 
_struct_keywords.text            'ODORANT-BINDING PROTEIN' 
# 
loop_
_struct_asym.id 
_struct_asym.pdbx_blank_PDB_chainid_flag 
_struct_asym.pdbx_modified 
_struct_asym.entity_id 
_struct_asym.details 
A N N 1 ? 
B N N 2 ? 
C N N 3 ? 
D N N 4 ? 
E N N 5 ? 
# 
_struct_ref.id                         1 
_struct_ref.db_name                    UNP 
_struct_ref.db_code                    SAL_PIG 
_struct_ref.entity_id                  1 
_struct_ref.pdbx_seq_one_letter_code   ? 
_struct_ref.pdbx_align_begin           ? 
_struct_ref.pdbx_db_accession          P81608 
_struct_ref.pdbx_db_isoform            ? 
# 
_struct_ref_seq.align_id                      1 
_struct_ref_seq.ref_id                        1 
_struct_ref_seq.pdbx_PDB_id_code              1GM6 
_struct_ref_seq.pdbx_strand_id                A 
_struct_ref_seq.seq_align_beg                 1 
_struct_ref_seq.pdbx_seq_align_beg_ins_code   ? 
_struct_ref_seq.seq_align_end                 175 
_struct_ref_seq.pdbx_seq_align_end_ins_code   ? 
_struct_ref_seq.pdbx_db_accession             P81608 
_struct_ref_seq.db_align_beg                  17 
_struct_ref_seq.pdbx_db_align_beg_ins_code    ? 
_struct_ref_seq.db_align_end                  191 
_struct_ref_seq.pdbx_db_align_end_ins_code    ? 
_struct_ref_seq.pdbx_auth_seq_align_beg       1 
_struct_ref_seq.pdbx_auth_seq_align_end       175 
# 
_struct_ref_seq_dif.align_id                     1 
_struct_ref_seq_dif.pdbx_pdb_id_code             1GM6 
_struct_ref_seq_dif.mon_id                       ASP 
_struct_ref_seq_dif.pdbx_pdb_strand_id           A 
_struct_ref_seq_dif.seq_num                      110 
_struct_ref_seq_dif.pdbx_pdb_ins_code            ? 
_struct_ref_seq_dif.pdbx_seq_db_name             UNP 
_struct_ref_seq_dif.pdbx_seq_db_accession_code   P81608 
_struct_ref_seq_dif.db_mon_id                    ASN 
_struct_ref_seq_dif.pdbx_seq_db_seq_num          126 
_struct_ref_seq_dif.details                      conflict 
_struct_ref_seq_dif.pdbx_auth_seq_num            110 
_struct_ref_seq_dif.pdbx_ordinal                 1 
# 
_pdbx_struct_assembly.id                   1 
_pdbx_struct_assembly.details              author_and_software_defined_assembly 
_pdbx_struct_assembly.method_details       PISA 
_pdbx_struct_assembly.oligomeric_details   monomeric 
_pdbx_struct_assembly.oligomeric_count     1 
# 
_pdbx_struct_assembly_gen.assembly_id       1 
_pdbx_struct_assembly_gen.oper_expression   1 
_pdbx_struct_assembly_gen.asym_id_list      A,B,C,D,E 
# 
_pdbx_struct_oper_list.id                   1 
_pdbx_struct_oper_list.type                 'identity operation' 
_pdbx_struct_oper_list.name                 1_555 
_pdbx_struct_oper_list.symmetry_operation   x,y,z 
_pdbx_struct_oper_list.matrix[1][1]         1.0000000000 
_pdbx_struct_oper_list.matrix[1][2]         0.0000000000 
_pdbx_struct_oper_list.matrix[1][3]         0.0000000000 
_pdbx_struct_oper_list.vector[1]            0.0000000000 
_pdbx_struct_oper_list.matrix[2][1]         0.0000000000 
_pdbx_struct_oper_list.matrix[2][2]         1.0000000000 
_pdbx_struct_oper_list.matrix[2][3]         0.0000000000 
_pdbx_struct_oper_list.vector[2]            0.0000000000 
_pdbx_struct_oper_list.matrix[3][1]         0.0000000000 
_pdbx_struct_oper_list.matrix[3][2]         0.0000000000 
_pdbx_struct_oper_list.matrix[3][3]         1.0000000000 
_pdbx_struct_oper_list.vector[3]            0.0000000000 
# 
_struct_biol.id   1 
# 
loop_
_struct_conf.conf_type_id 
_struct_conf.id 
_struct_conf.pdbx_PDB_helix_id 
_struct_conf.beg_label_comp_id 
_struct_conf.beg_label_asym_id 
_struct_conf.beg_label_seq_id 
_struct_conf.pdbx_beg_PDB_ins_code 
_struct_conf.end_label_comp_id 
_struct_conf.end_label_asym_id 
_struct_conf.end_label_seq_id 
_struct_conf.pdbx_end_PDB_ins_code 
_struct_conf.beg_auth_comp_id 
_struct_conf.beg_auth_asym_id 
_struct_conf.beg_auth_seq_id 
_struct_conf.end_auth_comp_id 
_struct_conf.end_auth_asym_id 
_struct_conf.end_auth_seq_id 
_struct_conf.pdbx_PDB_helix_class 
_struct_conf.details 
_struct_conf.pdbx_PDB_helix_length 
HELX_P HELX_P1 AA1 ALA A 31  ? GLU A 36  ? ALA A 31  GLU A 36  5 ? 6  
HELX_P HELX_P2 AA2 GLU A 130 ? GLN A 143 ? GLU A 130 GLN A 143 1 ? 14 
HELX_P HELX_P3 AA3 ILE A 147 ? GLU A 149 ? ILE A 147 GLU A 149 5 ? 3  
HELX_P HELX_P4 AA4 THR A 155 ? ILE A 157 ? THR A 155 ILE A 157 5 ? 3  
HELX_P HELX_P5 AA5 CYS A 160 ? ARG A 164 ? CYS A 160 ARG A 164 5 ? 5  
# 
_struct_conf_type.id          HELX_P 
_struct_conf_type.criteria    ? 
_struct_conf_type.reference   ? 
# 
loop_
_struct_conn.id 
_struct_conn.conn_type_id 
_struct_conn.pdbx_leaving_atom_flag 
_struct_conn.pdbx_PDB_id 
_struct_conn.ptnr1_label_asym_id 
_struct_conn.ptnr1_label_comp_id 
_struct_conn.ptnr1_label_seq_id 
_struct_conn.ptnr1_label_atom_id 
_struct_conn.pdbx_ptnr1_label_alt_id 
_struct_conn.pdbx_ptnr1_PDB_ins_code 
_struct_conn.pdbx_ptnr1_standard_comp_id 
_struct_conn.ptnr1_symmetry 
_struct_conn.ptnr2_label_asym_id 
_struct_conn.ptnr2_label_comp_id 
_struct_conn.ptnr2_label_seq_id 
_struct_conn.ptnr2_label_atom_id 
_struct_conn.pdbx_ptnr2_label_alt_id 
_struct_conn.pdbx_ptnr2_PDB_ins_code 
_struct_conn.ptnr1_auth_asym_id 
_struct_conn.ptnr1_auth_comp_id 
_struct_conn.ptnr1_auth_seq_id 
_struct_conn.ptnr2_auth_asym_id 
_struct_conn.ptnr2_auth_comp_id 
_struct_conn.ptnr2_auth_seq_id 
_struct_conn.ptnr2_symmetry 
_struct_conn.pdbx_ptnr3_label_atom_id 
_struct_conn.pdbx_ptnr3_label_seq_id 
_struct_conn.pdbx_ptnr3_label_comp_id 
_struct_conn.pdbx_ptnr3_label_asym_id 
_struct_conn.pdbx_ptnr3_label_alt_id 
_struct_conn.pdbx_ptnr3_PDB_ins_code 
_struct_conn.details 
_struct_conn.pdbx_dist_value 
_struct_conn.pdbx_value_order 
_struct_conn.pdbx_role 
disulf1 disulf ? ? A CYS 68 SG  ? ? ? 1_555 A CYS 160 SG ? ? A CYS 68 A CYS 160 1_555 ? ? ? ? ? ? ? 2.039 ? ? 
metalc1 metalc ? ? A GLU 21 OE2 ? ? ? 1_555 B CD  .   CD ? ? A GLU 21 A CD  201 1_555 ? ? ? ? ? ? ? 2.119 ? ? 
# 
loop_
_struct_conn_type.id 
_struct_conn_type.criteria 
_struct_conn_type.reference 
disulf ? ? 
metalc ? ? 
# 
_pdbx_modification_feature.ordinal                            1 
_pdbx_modification_feature.label_comp_id                      CYS 
_pdbx_modification_feature.label_asym_id                      A 
_pdbx_modification_feature.label_seq_id                       68 
_pdbx_modification_feature.label_alt_id                       ? 
_pdbx_modification_feature.modified_residue_label_comp_id     CYS 
_pdbx_modification_feature.modified_residue_label_asym_id     A 
_pdbx_modification_feature.modified_residue_label_seq_id      160 
_pdbx_modification_feature.modified_residue_label_alt_id      ? 
_pdbx_modification_feature.auth_comp_id                       CYS 
_pdbx_modification_feature.auth_asym_id                       A 
_pdbx_modification_feature.auth_seq_id                        68 
_pdbx_modification_feature.PDB_ins_code                       ? 
_pdbx_modification_feature.symmetry                           1_555 
_pdbx_modification_feature.modified_residue_auth_comp_id      CYS 
_pdbx_modification_feature.modified_residue_auth_asym_id      A 
_pdbx_modification_feature.modified_residue_auth_seq_id       160 
_pdbx_modification_feature.modified_residue_PDB_ins_code      ? 
_pdbx_modification_feature.modified_residue_symmetry          1_555 
_pdbx_modification_feature.comp_id_linking_atom               SG 
_pdbx_modification_feature.modified_residue_id_linking_atom   SG 
_pdbx_modification_feature.modified_residue_id                . 
_pdbx_modification_feature.ref_pcm_id                         . 
_pdbx_modification_feature.ref_comp_id                        . 
_pdbx_modification_feature.type                               None 
_pdbx_modification_feature.category                           'Disulfide bridge' 
# 
_struct_sheet.id               AA1 
_struct_sheet.type             ? 
_struct_sheet.number_strands   10 
_struct_sheet.details          ? 
# 
loop_
_struct_sheet_order.sheet_id 
_struct_sheet_order.range_id_1 
_struct_sheet_order.range_id_2 
_struct_sheet_order.offset 
_struct_sheet_order.sense 
AA1 1 2  ? anti-parallel 
AA1 2 3  ? anti-parallel 
AA1 3 4  ? anti-parallel 
AA1 4 5  ? anti-parallel 
AA1 5 6  ? anti-parallel 
AA1 6 7  ? anti-parallel 
AA1 7 8  ? anti-parallel 
AA1 8 9  ? anti-parallel 
AA1 9 10 ? anti-parallel 
# 
loop_
_struct_sheet_range.sheet_id 
_struct_sheet_range.id 
_struct_sheet_range.beg_label_comp_id 
_struct_sheet_range.beg_label_asym_id 
_struct_sheet_range.beg_label_seq_id 
_struct_sheet_range.pdbx_beg_PDB_ins_code 
_struct_sheet_range.end_label_comp_id 
_struct_sheet_range.end_label_asym_id 
_struct_sheet_range.end_label_seq_id 
_struct_sheet_range.pdbx_end_PDB_ins_code 
_struct_sheet_range.beg_auth_comp_id 
_struct_sheet_range.beg_auth_asym_id 
_struct_sheet_range.beg_auth_seq_id 
_struct_sheet_range.end_auth_comp_id 
_struct_sheet_range.end_auth_asym_id 
_struct_sheet_range.end_auth_seq_id 
AA1 1  GLY A 20  ? GLU A 21  ? GLY A 20  GLU A 21  
AA1 2  PHE A 44  ? VAL A 50  ? PHE A 44  VAL A 50  
AA1 3  LEU A 56  ? VAL A 64  ? LEU A 56  VAL A 64  
AA1 4  GLU A 67  ? GLY A 79  ? GLU A 67  GLY A 79  
AA1 5  VAL A 82  ? ALA A 86  ? VAL A 82  ALA A 86  
AA1 6  GLU A 90  ? ASN A 99  ? GLU A 90  ASN A 99  
AA1 7  TYR A 103 ? ASN A 112 ? TYR A 103 ASN A 112 
AA1 8  LYS A 115 ? GLY A 124 ? LYS A 115 GLY A 124 
AA1 9  TYR A 23  ? SER A 29  ? TYR A 23  SER A 29  
AA1 10 ILE A 151 ? ASP A 153 ? ILE A 151 ASP A 153 
# 
loop_
_pdbx_struct_sheet_hbond.sheet_id 
_pdbx_struct_sheet_hbond.range_id_1 
_pdbx_struct_sheet_hbond.range_id_2 
_pdbx_struct_sheet_hbond.range_1_label_atom_id 
_pdbx_struct_sheet_hbond.range_1_label_comp_id 
_pdbx_struct_sheet_hbond.range_1_label_asym_id 
_pdbx_struct_sheet_hbond.range_1_label_seq_id 
_pdbx_struct_sheet_hbond.range_1_PDB_ins_code 
_pdbx_struct_sheet_hbond.range_1_auth_atom_id 
_pdbx_struct_sheet_hbond.range_1_auth_comp_id 
_pdbx_struct_sheet_hbond.range_1_auth_asym_id 
_pdbx_struct_sheet_hbond.range_1_auth_seq_id 
_pdbx_struct_sheet_hbond.range_2_label_atom_id 
_pdbx_struct_sheet_hbond.range_2_label_comp_id 
_pdbx_struct_sheet_hbond.range_2_label_asym_id 
_pdbx_struct_sheet_hbond.range_2_label_seq_id 
_pdbx_struct_sheet_hbond.range_2_PDB_ins_code 
_pdbx_struct_sheet_hbond.range_2_auth_atom_id 
_pdbx_struct_sheet_hbond.range_2_auth_comp_id 
_pdbx_struct_sheet_hbond.range_2_auth_asym_id 
_pdbx_struct_sheet_hbond.range_2_auth_seq_id 
AA1 1 2  N GLY A 20  ? N GLY A 20  O ILE A 48  ? O ILE A 48  
AA1 2 3  N ARG A 49  ? N ARG A 49  O ALA A 57  ? O ALA A 57  
AA1 3 4  N PHE A 58  ? N PHE A 58  O ALA A 73  ? O ALA A 73  
AA1 4 5  N ASP A 76  ? N ASP A 76  O THR A 84  ? O THR A 84  
AA1 5 6  N VAL A 85  ? N VAL A 85  O ASN A 91  ? O ASN A 91  
AA1 6 7  N ARG A 94  ? N ARG A 94  O HIS A 107 ? O HIS A 107 
AA1 7 8  N ASN A 112 ? N ASN A 112 O LYS A 115 ? O LYS A 115 
AA1 8 9  O PHE A 122 ? O PHE A 122 N ILE A 25  ? N ILE A 25  
AA1 9 10 N LEU A 27  ? N LEU A 27  O ILE A 152 ? O ILE A 152 
# 
_pdbx_entry_details.entry_id                   1GM6 
_pdbx_entry_details.compound_details           ? 
_pdbx_entry_details.source_details             ? 
_pdbx_entry_details.nonpolymer_details         ? 
_pdbx_entry_details.sequence_details           ? 
_pdbx_entry_details.has_ligand_of_interest     ? 
_pdbx_entry_details.has_protein_modification   Y 
# 
loop_
_pdbx_validate_close_contact.id 
_pdbx_validate_close_contact.PDB_model_num 
_pdbx_validate_close_contact.auth_atom_id_1 
_pdbx_validate_close_contact.auth_asym_id_1 
_pdbx_validate_close_contact.auth_comp_id_1 
_pdbx_validate_close_contact.auth_seq_id_1 
_pdbx_validate_close_contact.PDB_ins_code_1 
_pdbx_validate_close_contact.label_alt_id_1 
_pdbx_validate_close_contact.auth_atom_id_2 
_pdbx_validate_close_contact.auth_asym_id_2 
_pdbx_validate_close_contact.auth_comp_id_2 
_pdbx_validate_close_contact.auth_seq_id_2 
_pdbx_validate_close_contact.PDB_ins_code_2 
_pdbx_validate_close_contact.label_alt_id_2 
_pdbx_validate_close_contact.dist 
1 1 OH  A TYR 144 ? ? O  A HOH 301 ? ? 1.92 
2 1 ND2 A ASN 53  ? ? C1 A NAG 203 ? ? 1.94 
3 1 NH2 A ARG 94  ? ? O  A HOH 301 ? ? 2.16 
# 
_pdbx_validate_symm_contact.id                1 
_pdbx_validate_symm_contact.PDB_model_num     1 
_pdbx_validate_symm_contact.auth_atom_id_1    O 
_pdbx_validate_symm_contact.auth_asym_id_1    A 
_pdbx_validate_symm_contact.auth_comp_id_1    HOH 
_pdbx_validate_symm_contact.auth_seq_id_1     306 
_pdbx_validate_symm_contact.PDB_ins_code_1    ? 
_pdbx_validate_symm_contact.label_alt_id_1    ? 
_pdbx_validate_symm_contact.site_symmetry_1   1_555 
_pdbx_validate_symm_contact.auth_atom_id_2    O 
_pdbx_validate_symm_contact.auth_asym_id_2    A 
_pdbx_validate_symm_contact.auth_comp_id_2    HOH 
_pdbx_validate_symm_contact.auth_seq_id_2     306 
_pdbx_validate_symm_contact.PDB_ins_code_2    ? 
_pdbx_validate_symm_contact.label_alt_id_2    ? 
_pdbx_validate_symm_contact.site_symmetry_2   8_555 
_pdbx_validate_symm_contact.dist              2.13 
# 
_pdbx_validate_rmsd_angle.id                         1 
_pdbx_validate_rmsd_angle.PDB_model_num              1 
_pdbx_validate_rmsd_angle.auth_atom_id_1             N 
_pdbx_validate_rmsd_angle.auth_asym_id_1             A 
_pdbx_validate_rmsd_angle.auth_comp_id_1             ASN 
_pdbx_validate_rmsd_angle.auth_seq_id_1              12 
_pdbx_validate_rmsd_angle.PDB_ins_code_1             ? 
_pdbx_validate_rmsd_angle.label_alt_id_1             ? 
_pdbx_validate_rmsd_angle.auth_atom_id_2             CA 
_pdbx_validate_rmsd_angle.auth_asym_id_2             A 
_pdbx_validate_rmsd_angle.auth_comp_id_2             ASN 
_pdbx_validate_rmsd_angle.auth_seq_id_2              12 
_pdbx_validate_rmsd_angle.PDB_ins_code_2             ? 
_pdbx_validate_rmsd_angle.label_alt_id_2             ? 
_pdbx_validate_rmsd_angle.auth_atom_id_3             C 
_pdbx_validate_rmsd_angle.auth_asym_id_3             A 
_pdbx_validate_rmsd_angle.auth_comp_id_3             ASN 
_pdbx_validate_rmsd_angle.auth_seq_id_3              12 
_pdbx_validate_rmsd_angle.PDB_ins_code_3             ? 
_pdbx_validate_rmsd_angle.label_alt_id_3             ? 
_pdbx_validate_rmsd_angle.angle_value                132.06 
_pdbx_validate_rmsd_angle.angle_target_value         111.00 
_pdbx_validate_rmsd_angle.angle_deviation            21.06 
_pdbx_validate_rmsd_angle.angle_standard_deviation   2.70 
_pdbx_validate_rmsd_angle.linker_flag                N 
# 
loop_
_pdbx_validate_torsion.id 
_pdbx_validate_torsion.PDB_model_num 
_pdbx_validate_torsion.auth_comp_id 
_pdbx_validate_torsion.auth_asym_id 
_pdbx_validate_torsion.auth_seq_id 
_pdbx_validate_torsion.PDB_ins_code 
_pdbx_validate_torsion.label_alt_id 
_pdbx_validate_torsion.phi 
_pdbx_validate_torsion.psi 
1 1 ASP A 14  ? ? -112.96 -168.03 
2 1 ALA A 15  ? ? -146.92 -30.37  
3 1 ASP A 30  ? ? -65.72  1.10    
4 1 LYS A 32  ? ? -41.54  -17.50  
5 1 ASN A 38  ? ? 85.48   2.13    
6 1 GLU A 46  ? ? -125.33 -70.05  
7 1 SER A 54  ? ? 80.59   1.17    
8 1 TYR A 87  ? ? -169.53 108.42  
9 1 PRO A 131 ? ? -58.97  9.06    
# 
_pdbx_struct_mod_residue.id               1 
_pdbx_struct_mod_residue.label_asym_id    A 
_pdbx_struct_mod_residue.label_comp_id    ASN 
_pdbx_struct_mod_residue.label_seq_id     53 
_pdbx_struct_mod_residue.auth_asym_id     A 
_pdbx_struct_mod_residue.auth_comp_id     ASN 
_pdbx_struct_mod_residue.auth_seq_id      53 
_pdbx_struct_mod_residue.PDB_ins_code     ? 
_pdbx_struct_mod_residue.parent_comp_id   ASN 
_pdbx_struct_mod_residue.details          'GLYCOSYLATION SITE' 
# 
_pdbx_distant_solvent_atoms.id                                1 
_pdbx_distant_solvent_atoms.PDB_model_num                     1 
_pdbx_distant_solvent_atoms.auth_atom_id                      O 
_pdbx_distant_solvent_atoms.label_alt_id                      ? 
_pdbx_distant_solvent_atoms.auth_asym_id                      A 
_pdbx_distant_solvent_atoms.auth_comp_id                      HOH 
_pdbx_distant_solvent_atoms.auth_seq_id                       412 
_pdbx_distant_solvent_atoms.PDB_ins_code                      ? 
_pdbx_distant_solvent_atoms.neighbor_macromolecule_distance   6.37 
_pdbx_distant_solvent_atoms.neighbor_ligand_distance          . 
# 
loop_
_pdbx_unobs_or_zero_occ_residues.id 
_pdbx_unobs_or_zero_occ_residues.PDB_model_num 
_pdbx_unobs_or_zero_occ_residues.polymer_flag 
_pdbx_unobs_or_zero_occ_residues.occupancy_flag 
_pdbx_unobs_or_zero_occ_residues.auth_asym_id 
_pdbx_unobs_or_zero_occ_residues.auth_comp_id 
_pdbx_unobs_or_zero_occ_residues.auth_seq_id 
_pdbx_unobs_or_zero_occ_residues.PDB_ins_code 
_pdbx_unobs_or_zero_occ_residues.label_asym_id 
_pdbx_unobs_or_zero_occ_residues.label_comp_id 
_pdbx_unobs_or_zero_occ_residues.label_seq_id 
1  1 Y 1 A HIS 1   ? A HIS 1   
2  1 Y 1 A LYS 2   ? A LYS 2   
3  1 Y 1 A GLU 3   ? A GLU 3   
4  1 Y 1 A ALA 4   ? A ALA 4   
5  1 Y 1 A GLY 5   ? A GLY 5   
6  1 Y 1 A GLN 6   ? A GLN 6   
7  1 Y 1 A ASP 7   ? A ASP 7   
8  1 Y 1 A GLY 167 ? A GLY 167 
9  1 Y 1 A GLY 168 ? A GLY 168 
10 1 Y 1 A VAL 169 ? A VAL 169 
11 1 Y 1 A GLN 170 ? A GLN 170 
12 1 Y 1 A GLU 171 ? A GLU 171 
13 1 Y 1 A SER 172 ? A SER 172 
14 1 Y 1 A SER 173 ? A SER 173 
15 1 Y 1 A ALA 174 ? A ALA 174 
16 1 Y 1 A GLU 175 ? A GLU 175 
# 
loop_
_chem_comp_atom.comp_id 
_chem_comp_atom.atom_id 
_chem_comp_atom.type_symbol 
_chem_comp_atom.pdbx_aromatic_flag 
_chem_comp_atom.pdbx_stereo_config 
_chem_comp_atom.pdbx_ordinal 
ALA N    N  N N 1   
ALA CA   C  N S 2   
ALA C    C  N N 3   
ALA O    O  N N 4   
ALA CB   C  N N 5   
ALA OXT  O  N N 6   
ALA H    H  N N 7   
ALA H2   H  N N 8   
ALA HA   H  N N 9   
ALA HB1  H  N N 10  
ALA HB2  H  N N 11  
ALA HB3  H  N N 12  
ALA HXT  H  N N 13  
ARG N    N  N N 14  
ARG CA   C  N S 15  
ARG C    C  N N 16  
ARG O    O  N N 17  
ARG CB   C  N N 18  
ARG CG   C  N N 19  
ARG CD   C  N N 20  
ARG NE   N  N N 21  
ARG CZ   C  N N 22  
ARG NH1  N  N N 23  
ARG NH2  N  N N 24  
ARG OXT  O  N N 25  
ARG H    H  N N 26  
ARG H2   H  N N 27  
ARG HA   H  N N 28  
ARG HB2  H  N N 29  
ARG HB3  H  N N 30  
ARG HG2  H  N N 31  
ARG HG3  H  N N 32  
ARG HD2  H  N N 33  
ARG HD3  H  N N 34  
ARG HE   H  N N 35  
ARG HH11 H  N N 36  
ARG HH12 H  N N 37  
ARG HH21 H  N N 38  
ARG HH22 H  N N 39  
ARG HXT  H  N N 40  
ASN N    N  N N 41  
ASN CA   C  N S 42  
ASN C    C  N N 43  
ASN O    O  N N 44  
ASN CB   C  N N 45  
ASN CG   C  N N 46  
ASN OD1  O  N N 47  
ASN ND2  N  N N 48  
ASN OXT  O  N N 49  
ASN H    H  N N 50  
ASN H2   H  N N 51  
ASN HA   H  N N 52  
ASN HB2  H  N N 53  
ASN HB3  H  N N 54  
ASN HD21 H  N N 55  
ASN HD22 H  N N 56  
ASN HXT  H  N N 57  
ASP N    N  N N 58  
ASP CA   C  N S 59  
ASP C    C  N N 60  
ASP O    O  N N 61  
ASP CB   C  N N 62  
ASP CG   C  N N 63  
ASP OD1  O  N N 64  
ASP OD2  O  N N 65  
ASP OXT  O  N N 66  
ASP H    H  N N 67  
ASP H2   H  N N 68  
ASP HA   H  N N 69  
ASP HB2  H  N N 70  
ASP HB3  H  N N 71  
ASP HD2  H  N N 72  
ASP HXT  H  N N 73  
CD  CD   CD N N 74  
CYS N    N  N N 75  
CYS CA   C  N R 76  
CYS C    C  N N 77  
CYS O    O  N N 78  
CYS CB   C  N N 79  
CYS SG   S  N N 80  
CYS OXT  O  N N 81  
CYS H    H  N N 82  
CYS H2   H  N N 83  
CYS HA   H  N N 84  
CYS HB2  H  N N 85  
CYS HB3  H  N N 86  
CYS HG   H  N N 87  
CYS HXT  H  N N 88  
GLN N    N  N N 89  
GLN CA   C  N S 90  
GLN C    C  N N 91  
GLN O    O  N N 92  
GLN CB   C  N N 93  
GLN CG   C  N N 94  
GLN CD   C  N N 95  
GLN OE1  O  N N 96  
GLN NE2  N  N N 97  
GLN OXT  O  N N 98  
GLN H    H  N N 99  
GLN H2   H  N N 100 
GLN HA   H  N N 101 
GLN HB2  H  N N 102 
GLN HB3  H  N N 103 
GLN HG2  H  N N 104 
GLN HG3  H  N N 105 
GLN HE21 H  N N 106 
GLN HE22 H  N N 107 
GLN HXT  H  N N 108 
GLU N    N  N N 109 
GLU CA   C  N S 110 
GLU C    C  N N 111 
GLU O    O  N N 112 
GLU CB   C  N N 113 
GLU CG   C  N N 114 
GLU CD   C  N N 115 
GLU OE1  O  N N 116 
GLU OE2  O  N N 117 
GLU OXT  O  N N 118 
GLU H    H  N N 119 
GLU H2   H  N N 120 
GLU HA   H  N N 121 
GLU HB2  H  N N 122 
GLU HB3  H  N N 123 
GLU HG2  H  N N 124 
GLU HG3  H  N N 125 
GLU HE2  H  N N 126 
GLU HXT  H  N N 127 
GLY N    N  N N 128 
GLY CA   C  N N 129 
GLY C    C  N N 130 
GLY O    O  N N 131 
GLY OXT  O  N N 132 
GLY H    H  N N 133 
GLY H2   H  N N 134 
GLY HA2  H  N N 135 
GLY HA3  H  N N 136 
GLY HXT  H  N N 137 
GOL C1   C  N N 138 
GOL O1   O  N N 139 
GOL C2   C  N N 140 
GOL O2   O  N N 141 
GOL C3   C  N N 142 
GOL O3   O  N N 143 
GOL H11  H  N N 144 
GOL H12  H  N N 145 
GOL HO1  H  N N 146 
GOL H2   H  N N 147 
GOL HO2  H  N N 148 
GOL H31  H  N N 149 
GOL H32  H  N N 150 
GOL HO3  H  N N 151 
HIS N    N  N N 152 
HIS CA   C  N S 153 
HIS C    C  N N 154 
HIS O    O  N N 155 
HIS CB   C  N N 156 
HIS CG   C  Y N 157 
HIS ND1  N  Y N 158 
HIS CD2  C  Y N 159 
HIS CE1  C  Y N 160 
HIS NE2  N  Y N 161 
HIS OXT  O  N N 162 
HIS H    H  N N 163 
HIS H2   H  N N 164 
HIS HA   H  N N 165 
HIS HB2  H  N N 166 
HIS HB3  H  N N 167 
HIS HD1  H  N N 168 
HIS HD2  H  N N 169 
HIS HE1  H  N N 170 
HIS HE2  H  N N 171 
HIS HXT  H  N N 172 
HOH O    O  N N 173 
HOH H1   H  N N 174 
HOH H2   H  N N 175 
ILE N    N  N N 176 
ILE CA   C  N S 177 
ILE C    C  N N 178 
ILE O    O  N N 179 
ILE CB   C  N S 180 
ILE CG1  C  N N 181 
ILE CG2  C  N N 182 
ILE CD1  C  N N 183 
ILE OXT  O  N N 184 
ILE H    H  N N 185 
ILE H2   H  N N 186 
ILE HA   H  N N 187 
ILE HB   H  N N 188 
ILE HG12 H  N N 189 
ILE HG13 H  N N 190 
ILE HG21 H  N N 191 
ILE HG22 H  N N 192 
ILE HG23 H  N N 193 
ILE HD11 H  N N 194 
ILE HD12 H  N N 195 
ILE HD13 H  N N 196 
ILE HXT  H  N N 197 
LEU N    N  N N 198 
LEU CA   C  N S 199 
LEU C    C  N N 200 
LEU O    O  N N 201 
LEU CB   C  N N 202 
LEU CG   C  N N 203 
LEU CD1  C  N N 204 
LEU CD2  C  N N 205 
LEU OXT  O  N N 206 
LEU H    H  N N 207 
LEU H2   H  N N 208 
LEU HA   H  N N 209 
LEU HB2  H  N N 210 
LEU HB3  H  N N 211 
LEU HG   H  N N 212 
LEU HD11 H  N N 213 
LEU HD12 H  N N 214 
LEU HD13 H  N N 215 
LEU HD21 H  N N 216 
LEU HD22 H  N N 217 
LEU HD23 H  N N 218 
LEU HXT  H  N N 219 
LYS N    N  N N 220 
LYS CA   C  N S 221 
LYS C    C  N N 222 
LYS O    O  N N 223 
LYS CB   C  N N 224 
LYS CG   C  N N 225 
LYS CD   C  N N 226 
LYS CE   C  N N 227 
LYS NZ   N  N N 228 
LYS OXT  O  N N 229 
LYS H    H  N N 230 
LYS H2   H  N N 231 
LYS HA   H  N N 232 
LYS HB2  H  N N 233 
LYS HB3  H  N N 234 
LYS HG2  H  N N 235 
LYS HG3  H  N N 236 
LYS HD2  H  N N 237 
LYS HD3  H  N N 238 
LYS HE2  H  N N 239 
LYS HE3  H  N N 240 
LYS HZ1  H  N N 241 
LYS HZ2  H  N N 242 
LYS HZ3  H  N N 243 
LYS HXT  H  N N 244 
MET N    N  N N 245 
MET CA   C  N S 246 
MET C    C  N N 247 
MET O    O  N N 248 
MET CB   C  N N 249 
MET CG   C  N N 250 
MET SD   S  N N 251 
MET CE   C  N N 252 
MET OXT  O  N N 253 
MET H    H  N N 254 
MET H2   H  N N 255 
MET HA   H  N N 256 
MET HB2  H  N N 257 
MET HB3  H  N N 258 
MET HG2  H  N N 259 
MET HG3  H  N N 260 
MET HE1  H  N N 261 
MET HE2  H  N N 262 
MET HE3  H  N N 263 
MET HXT  H  N N 264 
NAG C1   C  N R 265 
NAG C2   C  N R 266 
NAG C3   C  N R 267 
NAG C4   C  N S 268 
NAG C5   C  N R 269 
NAG C6   C  N N 270 
NAG C7   C  N N 271 
NAG C8   C  N N 272 
NAG N2   N  N N 273 
NAG O1   O  N N 274 
NAG O3   O  N N 275 
NAG O4   O  N N 276 
NAG O5   O  N N 277 
NAG O6   O  N N 278 
NAG O7   O  N N 279 
NAG H1   H  N N 280 
NAG H2   H  N N 281 
NAG H3   H  N N 282 
NAG H4   H  N N 283 
NAG H5   H  N N 284 
NAG H61  H  N N 285 
NAG H62  H  N N 286 
NAG H81  H  N N 287 
NAG H82  H  N N 288 
NAG H83  H  N N 289 
NAG HN2  H  N N 290 
NAG HO1  H  N N 291 
NAG HO3  H  N N 292 
NAG HO4  H  N N 293 
NAG HO6  H  N N 294 
PHE N    N  N N 295 
PHE CA   C  N S 296 
PHE C    C  N N 297 
PHE O    O  N N 298 
PHE CB   C  N N 299 
PHE CG   C  Y N 300 
PHE CD1  C  Y N 301 
PHE CD2  C  Y N 302 
PHE CE1  C  Y N 303 
PHE CE2  C  Y N 304 
PHE CZ   C  Y N 305 
PHE OXT  O  N N 306 
PHE H    H  N N 307 
PHE H2   H  N N 308 
PHE HA   H  N N 309 
PHE HB2  H  N N 310 
PHE HB3  H  N N 311 
PHE HD1  H  N N 312 
PHE HD2  H  N N 313 
PHE HE1  H  N N 314 
PHE HE2  H  N N 315 
PHE HZ   H  N N 316 
PHE HXT  H  N N 317 
PRO N    N  N N 318 
PRO CA   C  N S 319 
PRO C    C  N N 320 
PRO O    O  N N 321 
PRO CB   C  N N 322 
PRO CG   C  N N 323 
PRO CD   C  N N 324 
PRO OXT  O  N N 325 
PRO H    H  N N 326 
PRO HA   H  N N 327 
PRO HB2  H  N N 328 
PRO HB3  H  N N 329 
PRO HG2  H  N N 330 
PRO HG3  H  N N 331 
PRO HD2  H  N N 332 
PRO HD3  H  N N 333 
PRO HXT  H  N N 334 
SER N    N  N N 335 
SER CA   C  N S 336 
SER C    C  N N 337 
SER O    O  N N 338 
SER CB   C  N N 339 
SER OG   O  N N 340 
SER OXT  O  N N 341 
SER H    H  N N 342 
SER H2   H  N N 343 
SER HA   H  N N 344 
SER HB2  H  N N 345 
SER HB3  H  N N 346 
SER HG   H  N N 347 
SER HXT  H  N N 348 
THR N    N  N N 349 
THR CA   C  N S 350 
THR C    C  N N 351 
THR O    O  N N 352 
THR CB   C  N R 353 
THR OG1  O  N N 354 
THR CG2  C  N N 355 
THR OXT  O  N N 356 
THR H    H  N N 357 
THR H2   H  N N 358 
THR HA   H  N N 359 
THR HB   H  N N 360 
THR HG1  H  N N 361 
THR HG21 H  N N 362 
THR HG22 H  N N 363 
THR HG23 H  N N 364 
THR HXT  H  N N 365 
TRP N    N  N N 366 
TRP CA   C  N S 367 
TRP C    C  N N 368 
TRP O    O  N N 369 
TRP CB   C  N N 370 
TRP CG   C  Y N 371 
TRP CD1  C  Y N 372 
TRP CD2  C  Y N 373 
TRP NE1  N  Y N 374 
TRP CE2  C  Y N 375 
TRP CE3  C  Y N 376 
TRP CZ2  C  Y N 377 
TRP CZ3  C  Y N 378 
TRP CH2  C  Y N 379 
TRP OXT  O  N N 380 
TRP H    H  N N 381 
TRP H2   H  N N 382 
TRP HA   H  N N 383 
TRP HB2  H  N N 384 
TRP HB3  H  N N 385 
TRP HD1  H  N N 386 
TRP HE1  H  N N 387 
TRP HE3  H  N N 388 
TRP HZ2  H  N N 389 
TRP HZ3  H  N N 390 
TRP HH2  H  N N 391 
TRP HXT  H  N N 392 
TYR N    N  N N 393 
TYR CA   C  N S 394 
TYR C    C  N N 395 
TYR O    O  N N 396 
TYR CB   C  N N 397 
TYR CG   C  Y N 398 
TYR CD1  C  Y N 399 
TYR CD2  C  Y N 400 
TYR CE1  C  Y N 401 
TYR CE2  C  Y N 402 
TYR CZ   C  Y N 403 
TYR OH   O  N N 404 
TYR OXT  O  N N 405 
TYR H    H  N N 406 
TYR H2   H  N N 407 
TYR HA   H  N N 408 
TYR HB2  H  N N 409 
TYR HB3  H  N N 410 
TYR HD1  H  N N 411 
TYR HD2  H  N N 412 
TYR HE1  H  N N 413 
TYR HE2  H  N N 414 
TYR HH   H  N N 415 
TYR HXT  H  N N 416 
VAL N    N  N N 417 
VAL CA   C  N S 418 
VAL C    C  N N 419 
VAL O    O  N N 420 
VAL CB   C  N N 421 
VAL CG1  C  N N 422 
VAL CG2  C  N N 423 
VAL OXT  O  N N 424 
VAL H    H  N N 425 
VAL H2   H  N N 426 
VAL HA   H  N N 427 
VAL HB   H  N N 428 
VAL HG11 H  N N 429 
VAL HG12 H  N N 430 
VAL HG13 H  N N 431 
VAL HG21 H  N N 432 
VAL HG22 H  N N 433 
VAL HG23 H  N N 434 
VAL HXT  H  N N 435 
# 
loop_
_chem_comp_bond.comp_id 
_chem_comp_bond.atom_id_1 
_chem_comp_bond.atom_id_2 
_chem_comp_bond.value_order 
_chem_comp_bond.pdbx_aromatic_flag 
_chem_comp_bond.pdbx_stereo_config 
_chem_comp_bond.pdbx_ordinal 
ALA N   CA   sing N N 1   
ALA N   H    sing N N 2   
ALA N   H2   sing N N 3   
ALA CA  C    sing N N 4   
ALA CA  CB   sing N N 5   
ALA CA  HA   sing N N 6   
ALA C   O    doub N N 7   
ALA C   OXT  sing N N 8   
ALA CB  HB1  sing N N 9   
ALA CB  HB2  sing N N 10  
ALA CB  HB3  sing N N 11  
ALA OXT HXT  sing N N 12  
ARG N   CA   sing N N 13  
ARG N   H    sing N N 14  
ARG N   H2   sing N N 15  
ARG CA  C    sing N N 16  
ARG CA  CB   sing N N 17  
ARG CA  HA   sing N N 18  
ARG C   O    doub N N 19  
ARG C   OXT  sing N N 20  
ARG CB  CG   sing N N 21  
ARG CB  HB2  sing N N 22  
ARG CB  HB3  sing N N 23  
ARG CG  CD   sing N N 24  
ARG CG  HG2  sing N N 25  
ARG CG  HG3  sing N N 26  
ARG CD  NE   sing N N 27  
ARG CD  HD2  sing N N 28  
ARG CD  HD3  sing N N 29  
ARG NE  CZ   sing N N 30  
ARG NE  HE   sing N N 31  
ARG CZ  NH1  sing N N 32  
ARG CZ  NH2  doub N N 33  
ARG NH1 HH11 sing N N 34  
ARG NH1 HH12 sing N N 35  
ARG NH2 HH21 sing N N 36  
ARG NH2 HH22 sing N N 37  
ARG OXT HXT  sing N N 38  
ASN N   CA   sing N N 39  
ASN N   H    sing N N 40  
ASN N   H2   sing N N 41  
ASN CA  C    sing N N 42  
ASN CA  CB   sing N N 43  
ASN CA  HA   sing N N 44  
ASN C   O    doub N N 45  
ASN C   OXT  sing N N 46  
ASN CB  CG   sing N N 47  
ASN CB  HB2  sing N N 48  
ASN CB  HB3  sing N N 49  
ASN CG  OD1  doub N N 50  
ASN CG  ND2  sing N N 51  
ASN ND2 HD21 sing N N 52  
ASN ND2 HD22 sing N N 53  
ASN OXT HXT  sing N N 54  
ASP N   CA   sing N N 55  
ASP N   H    sing N N 56  
ASP N   H2   sing N N 57  
ASP CA  C    sing N N 58  
ASP CA  CB   sing N N 59  
ASP CA  HA   sing N N 60  
ASP C   O    doub N N 61  
ASP C   OXT  sing N N 62  
ASP CB  CG   sing N N 63  
ASP CB  HB2  sing N N 64  
ASP CB  HB3  sing N N 65  
ASP CG  OD1  doub N N 66  
ASP CG  OD2  sing N N 67  
ASP OD2 HD2  sing N N 68  
ASP OXT HXT  sing N N 69  
CYS N   CA   sing N N 70  
CYS N   H    sing N N 71  
CYS N   H2   sing N N 72  
CYS CA  C    sing N N 73  
CYS CA  CB   sing N N 74  
CYS CA  HA   sing N N 75  
CYS C   O    doub N N 76  
CYS C   OXT  sing N N 77  
CYS CB  SG   sing N N 78  
CYS CB  HB2  sing N N 79  
CYS CB  HB3  sing N N 80  
CYS SG  HG   sing N N 81  
CYS OXT HXT  sing N N 82  
GLN N   CA   sing N N 83  
GLN N   H    sing N N 84  
GLN N   H2   sing N N 85  
GLN CA  C    sing N N 86  
GLN CA  CB   sing N N 87  
GLN CA  HA   sing N N 88  
GLN C   O    doub N N 89  
GLN C   OXT  sing N N 90  
GLN CB  CG   sing N N 91  
GLN CB  HB2  sing N N 92  
GLN CB  HB3  sing N N 93  
GLN CG  CD   sing N N 94  
GLN CG  HG2  sing N N 95  
GLN CG  HG3  sing N N 96  
GLN CD  OE1  doub N N 97  
GLN CD  NE2  sing N N 98  
GLN NE2 HE21 sing N N 99  
GLN NE2 HE22 sing N N 100 
GLN OXT HXT  sing N N 101 
GLU N   CA   sing N N 102 
GLU N   H    sing N N 103 
GLU N   H2   sing N N 104 
GLU CA  C    sing N N 105 
GLU CA  CB   sing N N 106 
GLU CA  HA   sing N N 107 
GLU C   O    doub N N 108 
GLU C   OXT  sing N N 109 
GLU CB  CG   sing N N 110 
GLU CB  HB2  sing N N 111 
GLU CB  HB3  sing N N 112 
GLU CG  CD   sing N N 113 
GLU CG  HG2  sing N N 114 
GLU CG  HG3  sing N N 115 
GLU CD  OE1  doub N N 116 
GLU CD  OE2  sing N N 117 
GLU OE2 HE2  sing N N 118 
GLU OXT HXT  sing N N 119 
GLY N   CA   sing N N 120 
GLY N   H    sing N N 121 
GLY N   H2   sing N N 122 
GLY CA  C    sing N N 123 
GLY CA  HA2  sing N N 124 
GLY CA  HA3  sing N N 125 
GLY C   O    doub N N 126 
GLY C   OXT  sing N N 127 
GLY OXT HXT  sing N N 128 
GOL C1  O1   sing N N 129 
GOL C1  C2   sing N N 130 
GOL C1  H11  sing N N 131 
GOL C1  H12  sing N N 132 
GOL O1  HO1  sing N N 133 
GOL C2  O2   sing N N 134 
GOL C2  C3   sing N N 135 
GOL C2  H2   sing N N 136 
GOL O2  HO2  sing N N 137 
GOL C3  O3   sing N N 138 
GOL C3  H31  sing N N 139 
GOL C3  H32  sing N N 140 
GOL O3  HO3  sing N N 141 
HIS N   CA   sing N N 142 
HIS N   H    sing N N 143 
HIS N   H2   sing N N 144 
HIS CA  C    sing N N 145 
HIS CA  CB   sing N N 146 
HIS CA  HA   sing N N 147 
HIS C   O    doub N N 148 
HIS C   OXT  sing N N 149 
HIS CB  CG   sing N N 150 
HIS CB  HB2  sing N N 151 
HIS CB  HB3  sing N N 152 
HIS CG  ND1  sing Y N 153 
HIS CG  CD2  doub Y N 154 
HIS ND1 CE1  doub Y N 155 
HIS ND1 HD1  sing N N 156 
HIS CD2 NE2  sing Y N 157 
HIS CD2 HD2  sing N N 158 
HIS CE1 NE2  sing Y N 159 
HIS CE1 HE1  sing N N 160 
HIS NE2 HE2  sing N N 161 
HIS OXT HXT  sing N N 162 
HOH O   H1   sing N N 163 
HOH O   H2   sing N N 164 
ILE N   CA   sing N N 165 
ILE N   H    sing N N 166 
ILE N   H2   sing N N 167 
ILE CA  C    sing N N 168 
ILE CA  CB   sing N N 169 
ILE CA  HA   sing N N 170 
ILE C   O    doub N N 171 
ILE C   OXT  sing N N 172 
ILE CB  CG1  sing N N 173 
ILE CB  CG2  sing N N 174 
ILE CB  HB   sing N N 175 
ILE CG1 CD1  sing N N 176 
ILE CG1 HG12 sing N N 177 
ILE CG1 HG13 sing N N 178 
ILE CG2 HG21 sing N N 179 
ILE CG2 HG22 sing N N 180 
ILE CG2 HG23 sing N N 181 
ILE CD1 HD11 sing N N 182 
ILE CD1 HD12 sing N N 183 
ILE CD1 HD13 sing N N 184 
ILE OXT HXT  sing N N 185 
LEU N   CA   sing N N 186 
LEU N   H    sing N N 187 
LEU N   H2   sing N N 188 
LEU CA  C    sing N N 189 
LEU CA  CB   sing N N 190 
LEU CA  HA   sing N N 191 
LEU C   O    doub N N 192 
LEU C   OXT  sing N N 193 
LEU CB  CG   sing N N 194 
LEU CB  HB2  sing N N 195 
LEU CB  HB3  sing N N 196 
LEU CG  CD1  sing N N 197 
LEU CG  CD2  sing N N 198 
LEU CG  HG   sing N N 199 
LEU CD1 HD11 sing N N 200 
LEU CD1 HD12 sing N N 201 
LEU CD1 HD13 sing N N 202 
LEU CD2 HD21 sing N N 203 
LEU CD2 HD22 sing N N 204 
LEU CD2 HD23 sing N N 205 
LEU OXT HXT  sing N N 206 
LYS N   CA   sing N N 207 
LYS N   H    sing N N 208 
LYS N   H2   sing N N 209 
LYS CA  C    sing N N 210 
LYS CA  CB   sing N N 211 
LYS CA  HA   sing N N 212 
LYS C   O    doub N N 213 
LYS C   OXT  sing N N 214 
LYS CB  CG   sing N N 215 
LYS CB  HB2  sing N N 216 
LYS CB  HB3  sing N N 217 
LYS CG  CD   sing N N 218 
LYS CG  HG2  sing N N 219 
LYS CG  HG3  sing N N 220 
LYS CD  CE   sing N N 221 
LYS CD  HD2  sing N N 222 
LYS CD  HD3  sing N N 223 
LYS CE  NZ   sing N N 224 
LYS CE  HE2  sing N N 225 
LYS CE  HE3  sing N N 226 
LYS NZ  HZ1  sing N N 227 
LYS NZ  HZ2  sing N N 228 
LYS NZ  HZ3  sing N N 229 
LYS OXT HXT  sing N N 230 
MET N   CA   sing N N 231 
MET N   H    sing N N 232 
MET N   H2   sing N N 233 
MET CA  C    sing N N 234 
MET CA  CB   sing N N 235 
MET CA  HA   sing N N 236 
MET C   O    doub N N 237 
MET C   OXT  sing N N 238 
MET CB  CG   sing N N 239 
MET CB  HB2  sing N N 240 
MET CB  HB3  sing N N 241 
MET CG  SD   sing N N 242 
MET CG  HG2  sing N N 243 
MET CG  HG3  sing N N 244 
MET SD  CE   sing N N 245 
MET CE  HE1  sing N N 246 
MET CE  HE2  sing N N 247 
MET CE  HE3  sing N N 248 
MET OXT HXT  sing N N 249 
NAG C1  C2   sing N N 250 
NAG C1  O1   sing N N 251 
NAG C1  O5   sing N N 252 
NAG C1  H1   sing N N 253 
NAG C2  C3   sing N N 254 
NAG C2  N2   sing N N 255 
NAG C2  H2   sing N N 256 
NAG C3  C4   sing N N 257 
NAG C3  O3   sing N N 258 
NAG C3  H3   sing N N 259 
NAG C4  C5   sing N N 260 
NAG C4  O4   sing N N 261 
NAG C4  H4   sing N N 262 
NAG C5  C6   sing N N 263 
NAG C5  O5   sing N N 264 
NAG C5  H5   sing N N 265 
NAG C6  O6   sing N N 266 
NAG C6  H61  sing N N 267 
NAG C6  H62  sing N N 268 
NAG C7  C8   sing N N 269 
NAG C7  N2   sing N N 270 
NAG C7  O7   doub N N 271 
NAG C8  H81  sing N N 272 
NAG C8  H82  sing N N 273 
NAG C8  H83  sing N N 274 
NAG N2  HN2  sing N N 275 
NAG O1  HO1  sing N N 276 
NAG O3  HO3  sing N N 277 
NAG O4  HO4  sing N N 278 
NAG O6  HO6  sing N N 279 
PHE N   CA   sing N N 280 
PHE N   H    sing N N 281 
PHE N   H2   sing N N 282 
PHE CA  C    sing N N 283 
PHE CA  CB   sing N N 284 
PHE CA  HA   sing N N 285 
PHE C   O    doub N N 286 
PHE C   OXT  sing N N 287 
PHE CB  CG   sing N N 288 
PHE CB  HB2  sing N N 289 
PHE CB  HB3  sing N N 290 
PHE CG  CD1  doub Y N 291 
PHE CG  CD2  sing Y N 292 
PHE CD1 CE1  sing Y N 293 
PHE CD1 HD1  sing N N 294 
PHE CD2 CE2  doub Y N 295 
PHE CD2 HD2  sing N N 296 
PHE CE1 CZ   doub Y N 297 
PHE CE1 HE1  sing N N 298 
PHE CE2 CZ   sing Y N 299 
PHE CE2 HE2  sing N N 300 
PHE CZ  HZ   sing N N 301 
PHE OXT HXT  sing N N 302 
PRO N   CA   sing N N 303 
PRO N   CD   sing N N 304 
PRO N   H    sing N N 305 
PRO CA  C    sing N N 306 
PRO CA  CB   sing N N 307 
PRO CA  HA   sing N N 308 
PRO C   O    doub N N 309 
PRO C   OXT  sing N N 310 
PRO CB  CG   sing N N 311 
PRO CB  HB2  sing N N 312 
PRO CB  HB3  sing N N 313 
PRO CG  CD   sing N N 314 
PRO CG  HG2  sing N N 315 
PRO CG  HG3  sing N N 316 
PRO CD  HD2  sing N N 317 
PRO CD  HD3  sing N N 318 
PRO OXT HXT  sing N N 319 
SER N   CA   sing N N 320 
SER N   H    sing N N 321 
SER N   H2   sing N N 322 
SER CA  C    sing N N 323 
SER CA  CB   sing N N 324 
SER CA  HA   sing N N 325 
SER C   O    doub N N 326 
SER C   OXT  sing N N 327 
SER CB  OG   sing N N 328 
SER CB  HB2  sing N N 329 
SER CB  HB3  sing N N 330 
SER OG  HG   sing N N 331 
SER OXT HXT  sing N N 332 
THR N   CA   sing N N 333 
THR N   H    sing N N 334 
THR N   H2   sing N N 335 
THR CA  C    sing N N 336 
THR CA  CB   sing N N 337 
THR CA  HA   sing N N 338 
THR C   O    doub N N 339 
THR C   OXT  sing N N 340 
THR CB  OG1  sing N N 341 
THR CB  CG2  sing N N 342 
THR CB  HB   sing N N 343 
THR OG1 HG1  sing N N 344 
THR CG2 HG21 sing N N 345 
THR CG2 HG22 sing N N 346 
THR CG2 HG23 sing N N 347 
THR OXT HXT  sing N N 348 
TRP N   CA   sing N N 349 
TRP N   H    sing N N 350 
TRP N   H2   sing N N 351 
TRP CA  C    sing N N 352 
TRP CA  CB   sing N N 353 
TRP CA  HA   sing N N 354 
TRP C   O    doub N N 355 
TRP C   OXT  sing N N 356 
TRP CB  CG   sing N N 357 
TRP CB  HB2  sing N N 358 
TRP CB  HB3  sing N N 359 
TRP CG  CD1  doub Y N 360 
TRP CG  CD2  sing Y N 361 
TRP CD1 NE1  sing Y N 362 
TRP CD1 HD1  sing N N 363 
TRP CD2 CE2  doub Y N 364 
TRP CD2 CE3  sing Y N 365 
TRP NE1 CE2  sing Y N 366 
TRP NE1 HE1  sing N N 367 
TRP CE2 CZ2  sing Y N 368 
TRP CE3 CZ3  doub Y N 369 
TRP CE3 HE3  sing N N 370 
TRP CZ2 CH2  doub Y N 371 
TRP CZ2 HZ2  sing N N 372 
TRP CZ3 CH2  sing Y N 373 
TRP CZ3 HZ3  sing N N 374 
TRP CH2 HH2  sing N N 375 
TRP OXT HXT  sing N N 376 
TYR N   CA   sing N N 377 
TYR N   H    sing N N 378 
TYR N   H2   sing N N 379 
TYR CA  C    sing N N 380 
TYR CA  CB   sing N N 381 
TYR CA  HA   sing N N 382 
TYR C   O    doub N N 383 
TYR C   OXT  sing N N 384 
TYR CB  CG   sing N N 385 
TYR CB  HB2  sing N N 386 
TYR CB  HB3  sing N N 387 
TYR CG  CD1  doub Y N 388 
TYR CG  CD2  sing Y N 389 
TYR CD1 CE1  sing Y N 390 
TYR CD1 HD1  sing N N 391 
TYR CD2 CE2  doub Y N 392 
TYR CD2 HD2  sing N N 393 
TYR CE1 CZ   doub Y N 394 
TYR CE1 HE1  sing N N 395 
TYR CE2 CZ   sing Y N 396 
TYR CE2 HE2  sing N N 397 
TYR CZ  OH   sing N N 398 
TYR OH  HH   sing N N 399 
TYR OXT HXT  sing N N 400 
VAL N   CA   sing N N 401 
VAL N   H    sing N N 402 
VAL N   H2   sing N N 403 
VAL CA  C    sing N N 404 
VAL CA  CB   sing N N 405 
VAL CA  HA   sing N N 406 
VAL C   O    doub N N 407 
VAL C   OXT  sing N N 408 
VAL CB  CG1  sing N N 409 
VAL CB  CG2  sing N N 410 
VAL CB  HB   sing N N 411 
VAL CG1 HG11 sing N N 412 
VAL CG1 HG12 sing N N 413 
VAL CG1 HG13 sing N N 414 
VAL CG2 HG21 sing N N 415 
VAL CG2 HG22 sing N N 416 
VAL CG2 HG23 sing N N 417 
VAL OXT HXT  sing N N 418 
# 
_pdbx_initial_refinement_model.id               1 
_pdbx_initial_refinement_model.entity_id_list   ? 
_pdbx_initial_refinement_model.type             'experimental model' 
_pdbx_initial_refinement_model.source_name      PDB 
_pdbx_initial_refinement_model.accession_code   1EW3 
_pdbx_initial_refinement_model.details          'PDB ENTRY 1EW3' 
# 
_atom_sites.entry_id                    1GM6 
_atom_sites.fract_transf_matrix[1][1]   -0.00894666 
_atom_sites.fract_transf_matrix[1][2]   -0.01103223 
_atom_sites.fract_transf_matrix[1][3]   0.00129631 
_atom_sites.fract_transf_matrix[2][1]   0.01086109 
_atom_sites.fract_transf_matrix[2][2]   -0.00833885 
_atom_sites.fract_transf_matrix[2][3]   0.00399168 
_atom_sites.fract_transf_matrix[3][1]   -0.00227637 
_atom_sites.fract_transf_matrix[3][2]   0.00341117 
_atom_sites.fract_transf_matrix[3][3]   0.01331998 
_atom_sites.fract_transf_vector[1]      0.171933 
_atom_sites.fract_transf_vector[2]      0.263939 
_atom_sites.fract_transf_vector[3]      0.275213 
# 
loop_
_atom_type.symbol 
C  
CD 
N  
O  
S  
# 
loop_
_atom_site.group_PDB 
_atom_site.id 
_atom_site.type_symbol 
_atom_site.label_atom_id 
_atom_site.label_alt_id 
_atom_site.label_comp_id 
_atom_site.label_asym_id 
_atom_site.label_entity_id 
_atom_site.label_seq_id 
_atom_site.pdbx_PDB_ins_code 
_atom_site.Cartn_x 
_atom_site.Cartn_y 
_atom_site.Cartn_z 
_atom_site.occupancy 
_atom_site.B_iso_or_equiv 
_atom_site.pdbx_formal_charge 
_atom_site.auth_seq_id 
_atom_site.auth_comp_id 
_atom_site.auth_asym_id 
_atom_site.auth_atom_id 
_atom_site.pdbx_PDB_model_num 
ATOM   1    N  N   . VAL A 1 8   ? -15.196 8.565   -5.476  1.00 69.83 ? 8   VAL A N   1 
ATOM   2    C  CA  . VAL A 1 8   ? -13.723 8.572   -5.757  1.00 69.79 ? 8   VAL A CA  1 
ATOM   3    C  C   . VAL A 1 8   ? -13.151 9.983   -5.880  1.00 69.48 ? 8   VAL A C   1 
ATOM   4    O  O   . VAL A 1 8   ? -13.740 10.841  -6.526  1.00 69.80 ? 8   VAL A O   1 
ATOM   5    C  CB  . VAL A 1 8   ? -13.347 7.799   -7.066  1.00 70.01 ? 8   VAL A CB  1 
ATOM   6    C  CG1 . VAL A 1 8   ? -14.292 6.643   -7.297  1.00 70.29 ? 8   VAL A CG1 1 
ATOM   7    C  CG2 . VAL A 1 8   ? -13.361 8.757   -8.258  1.00 70.68 ? 8   VAL A CG2 1 
ATOM   8    N  N   . VAL A 1 9   ? -11.977 10.199  -5.292  1.00 68.62 ? 9   VAL A N   1 
ATOM   9    C  CA  . VAL A 1 9   ? -11.284 11.486  -5.348  1.00 67.75 ? 9   VAL A CA  1 
ATOM   10   C  C   . VAL A 1 9   ? -9.947  11.221  -6.069  1.00 67.63 ? 9   VAL A C   1 
ATOM   11   O  O   . VAL A 1 9   ? -9.017  10.681  -5.489  1.00 67.81 ? 9   VAL A O   1 
ATOM   12   C  CB  . VAL A 1 9   ? -11.047 12.004  -3.923  1.00 66.97 ? 9   VAL A CB  1 
ATOM   13   C  CG1 . VAL A 1 9   ? -10.359 13.352  -3.959  1.00 66.41 ? 9   VAL A CG1 1 
ATOM   14   C  CG2 . VAL A 1 9   ? -12.394 12.135  -3.196  1.00 66.33 ? 9   VAL A CG2 1 
ATOM   15   N  N   . THR A 1 10  ? -9.853  11.623  -7.334  1.00 66.72 ? 10  THR A N   1 
ATOM   16   C  CA  . THR A 1 10  ? -8.656  11.384  -8.149  1.00 66.11 ? 10  THR A CA  1 
ATOM   17   C  C   . THR A 1 10  ? -7.741  12.562  -8.039  1.00 66.19 ? 10  THR A C   1 
ATOM   18   O  O   . THR A 1 10  ? -6.478  12.462  -8.028  1.00 66.57 ? 10  THR A O   1 
ATOM   19   C  CB  . THR A 1 10  ? -9.030  11.236  -9.644  1.00 65.80 ? 10  THR A CB  1 
ATOM   20   O  OG1 . THR A 1 10  ? -9.275  12.533  -10.227 1.00 65.39 ? 10  THR A OG1 1 
ATOM   21   C  CG2 . THR A 1 10  ? -10.305 10.426  -9.746  1.00 65.87 ? 10  THR A CG2 1 
ATOM   22   N  N   . SER A 1 11  ? -8.402  13.689  -7.981  1.00 65.57 ? 11  SER A N   1 
ATOM   23   C  CA  . SER A 1 11  ? -7.678  14.897  -7.882  1.00 64.74 ? 11  SER A CA  1 
ATOM   24   C  C   . SER A 1 11  ? -7.467  15.118  -6.426  1.00 63.46 ? 11  SER A C   1 
ATOM   25   O  O   . SER A 1 11  ? -7.810  14.266  -5.561  1.00 64.89 ? 11  SER A O   1 
ATOM   26   C  CB  . SER A 1 11  ? -8.486  16.036  -8.483  1.00 65.14 ? 11  SER A CB  1 
ATOM   27   O  OG  . SER A 1 11  ? -8.076  17.267  -7.944  1.00 65.38 ? 11  SER A OG  1 
ATOM   28   N  N   . ASN A 1 12  ? -7.006  16.300  -6.147  1.00 61.85 ? 12  ASN A N   1 
ATOM   29   C  CA  . ASN A 1 12  ? -6.700  16.517  -4.835  1.00 60.38 ? 12  ASN A CA  1 
ATOM   30   C  C   . ASN A 1 12  ? -7.482  16.419  -3.638  1.00 60.52 ? 12  ASN A C   1 
ATOM   31   O  O   . ASN A 1 12  ? -8.377  17.127  -3.351  1.00 61.97 ? 12  ASN A O   1 
ATOM   32   C  CB  . ASN A 1 12  ? -5.772  17.697  -4.768  1.00 61.55 ? 12  ASN A CB  1 
ATOM   33   C  CG  . ASN A 1 12  ? -4.423  17.238  -4.763  1.00 61.21 ? 12  ASN A CG  1 
ATOM   34   O  OD1 . ASN A 1 12  ? -3.671  17.615  -3.870  1.00 60.82 ? 12  ASN A OD1 1 
ATOM   35   N  ND2 . ASN A 1 12  ? -4.071  16.403  -5.711  1.00 60.62 ? 12  ASN A ND2 1 
ATOM   36   N  N   . PHE A 1 13  ? -6.867  15.507  -2.921  1.00 58.41 ? 13  PHE A N   1 
ATOM   37   C  CA  . PHE A 1 13  ? -7.234  14.962  -1.674  1.00 57.29 ? 13  PHE A CA  1 
ATOM   38   C  C   . PHE A 1 13  ? -6.921  15.879  -0.517  1.00 56.99 ? 13  PHE A C   1 
ATOM   39   O  O   . PHE A 1 13  ? -6.335  16.911  -0.597  1.00 57.17 ? 13  PHE A O   1 
ATOM   40   C  CB  . PHE A 1 13  ? -6.472  13.652  -1.482  1.00 55.41 ? 13  PHE A CB  1 
ATOM   41   C  CG  . PHE A 1 13  ? -6.131  12.961  -2.775  1.00 52.63 ? 13  PHE A CG  1 
ATOM   42   C  CD1 . PHE A 1 13  ? -6.817  11.824  -3.171  1.00 51.26 ? 13  PHE A CD1 1 
ATOM   43   C  CD2 . PHE A 1 13  ? -5.146  13.465  -3.605  1.00 51.47 ? 13  PHE A CD2 1 
ATOM   44   C  CE1 . PHE A 1 13  ? -6.535  11.196  -4.385  1.00 49.99 ? 13  PHE A CE1 1 
ATOM   45   C  CE2 . PHE A 1 13  ? -4.854  12.844  -4.832  1.00 50.80 ? 13  PHE A CE2 1 
ATOM   46   C  CZ  . PHE A 1 13  ? -5.550  11.706  -5.220  1.00 49.54 ? 13  PHE A CZ  1 
ATOM   47   N  N   . ASP A 1 14  ? -7.390  15.344  0.590   1.00 56.15 ? 14  ASP A N   1 
ATOM   48   C  CA  . ASP A 1 14  ? -7.337  15.771  1.974   1.00 56.36 ? 14  ASP A CA  1 
ATOM   49   C  C   . ASP A 1 14  ? -6.439  14.709  2.651   1.00 57.06 ? 14  ASP A C   1 
ATOM   50   O  O   . ASP A 1 14  ? -5.776  13.922  1.982   1.00 57.18 ? 14  ASP A O   1 
ATOM   51   C  CB  . ASP A 1 14  ? -8.743  15.649  2.568   1.00 55.91 ? 14  ASP A CB  1 
ATOM   52   C  CG  . ASP A 1 14  ? -8.876  16.356  3.927   1.00 55.64 ? 14  ASP A CG  1 
ATOM   53   O  OD1 . ASP A 1 14  ? -8.016  16.116  4.797   1.00 56.11 ? 14  ASP A OD1 1 
ATOM   54   O  OD2 . ASP A 1 14  ? -9.817  17.152  4.119   1.00 54.76 ? 14  ASP A OD2 1 
ATOM   55   N  N   . ALA A 1 15  ? -6.409  14.705  3.976   1.00 56.73 ? 15  ALA A N   1 
ATOM   56   C  CA  . ALA A 1 15  ? -5.553  13.769  4.678   1.00 55.77 ? 15  ALA A CA  1 
ATOM   57   C  C   . ALA A 1 15  ? -6.196  13.360  5.971   1.00 55.14 ? 15  ALA A C   1 
ATOM   58   O  O   . ALA A 1 15  ? -5.986  12.253  6.462   1.00 54.37 ? 15  ALA A O   1 
ATOM   59   C  CB  . ALA A 1 15  ? -4.201  14.404  4.947   1.00 55.99 ? 15  ALA A CB  1 
ATOM   60   N  N   . SER A 1 16  ? -6.974  14.273  6.532   1.00 53.94 ? 16  SER A N   1 
ATOM   61   C  CA  . SER A 1 16  ? -7.685  14.006  7.769   1.00 53.61 ? 16  SER A CA  1 
ATOM   62   C  C   . SER A 1 16  ? -8.673  12.896  7.457   1.00 52.46 ? 16  SER A C   1 
ATOM   63   O  O   . SER A 1 16  ? -9.010  12.067  8.315   1.00 53.58 ? 16  SER A O   1 
ATOM   64   C  CB  . SER A 1 16  ? -8.423  15.261  8.209   1.00 53.93 ? 16  SER A CB  1 
ATOM   65   O  OG  . SER A 1 16  ? -8.993  15.926  7.092   1.00 55.29 ? 16  SER A OG  1 
ATOM   66   N  N   . LYS A 1 17  ? -9.084  12.864  6.191   1.00 51.16 ? 17  LYS A N   1 
ATOM   67   C  CA  . LYS A 1 17  ? -10.051 11.889  5.690   1.00 50.47 ? 17  LYS A CA  1 
ATOM   68   C  C   . LYS A 1 17  ? -9.449  10.578  5.177   1.00 49.39 ? 17  LYS A C   1 
ATOM   69   O  O   . LYS A 1 17  ? -10.168 9.685   4.735   1.00 49.63 ? 17  LYS A O   1 
ATOM   70   C  CB  . LYS A 1 17  ? -10.908 12.548  4.604   1.00 51.07 ? 17  LYS A CB  1 
ATOM   71   C  CG  . LYS A 1 17  ? -11.841 13.609  5.138   1.00 52.96 ? 17  LYS A CG  1 
ATOM   72   C  CD  . LYS A 1 17  ? -12.559 14.372  4.023   1.00 54.54 ? 17  LYS A CD  1 
ATOM   73   C  CE  . LYS A 1 17  ? -13.636 15.313  4.589   1.00 55.41 ? 17  LYS A CE  1 
ATOM   74   N  NZ  . LYS A 1 17  ? -14.351 16.108  3.551   1.00 55.97 ? 17  LYS A NZ  1 
ATOM   75   N  N   . ILE A 1 18  ? -8.127  10.464  5.201   1.00 46.58 ? 18  ILE A N   1 
ATOM   76   C  CA  . ILE A 1 18  ? -7.508  9.212   4.769   1.00 44.66 ? 18  ILE A CA  1 
ATOM   77   C  C   . ILE A 1 18  ? -6.915  8.571   6.005   1.00 42.43 ? 18  ILE A C   1 
ATOM   78   O  O   . ILE A 1 18  ? -6.508  7.411   6.003   1.00 43.68 ? 18  ILE A O   1 
ATOM   79   C  CB  . ILE A 1 18  ? -6.393  9.416   3.722   1.00 44.28 ? 18  ILE A CB  1 
ATOM   80   C  CG1 . ILE A 1 18  ? -6.213  8.133   2.895   1.00 46.44 ? 18  ILE A CG1 1 
ATOM   81   C  CG2 . ILE A 1 18  ? -5.092  9.811   4.399   1.00 46.05 ? 18  ILE A CG2 1 
ATOM   82   C  CD1 . ILE A 1 18  ? -5.454  6.983   3.642   1.00 45.77 ? 18  ILE A CD1 1 
ATOM   83   N  N   . ALA A 1 19  ? -6.887  9.339   7.078   1.00 39.17 ? 19  ALA A N   1 
ATOM   84   C  CA  . ALA A 1 19  ? -6.360  8.835   8.327   1.00 39.31 ? 19  ALA A CA  1 
ATOM   85   C  C   . ALA A 1 19  ? -7.261  7.707   8.805   1.00 37.80 ? 19  ALA A C   1 
ATOM   86   O  O   . ALA A 1 19  ? -8.357  7.524   8.298   1.00 37.99 ? 19  ALA A O   1 
ATOM   87   C  CB  . ALA A 1 19  ? -6.312  9.949   9.360   1.00 39.76 ? 19  ALA A CB  1 
ATOM   88   N  N   . GLY A 1 20  ? -6.792  6.948   9.780   1.00 38.03 ? 20  GLY A N   1 
ATOM   89   C  CA  . GLY A 1 20  ? -7.595  5.862   10.291  1.00 38.13 ? 20  GLY A CA  1 
ATOM   90   C  C   . GLY A 1 20  ? -7.053  4.470   10.015  1.00 36.56 ? 20  GLY A C   1 
ATOM   91   O  O   . GLY A 1 20  ? -5.902  4.298   9.590   1.00 37.35 ? 20  GLY A O   1 
ATOM   92   N  N   . GLU A 1 21  ? -7.901  3.474   10.273  1.00 36.77 ? 21  GLU A N   1 
ATOM   93   C  CA  . GLU A 1 21  ? -7.563  2.068   10.080  1.00 34.70 ? 21  GLU A CA  1 
ATOM   94   C  C   . GLU A 1 21  ? -7.856  1.632   8.655   1.00 32.78 ? 21  GLU A C   1 
ATOM   95   O  O   . GLU A 1 21  ? -8.867  2.016   8.071   1.00 30.11 ? 21  GLU A O   1 
ATOM   96   C  CB  . GLU A 1 21  ? -8.385  1.194   11.018  1.00 38.84 ? 21  GLU A CB  1 
ATOM   97   C  CG  . GLU A 1 21  ? -8.339  1.592   12.478  1.00 45.40 ? 21  GLU A CG  1 
ATOM   98   C  CD  . GLU A 1 21  ? -7.046  1.186   13.129  1.00 47.28 ? 21  GLU A CD  1 
ATOM   99   O  OE1 . GLU A 1 21  ? -6.641  0.019   12.959  1.00 51.20 ? 21  GLU A OE1 1 
ATOM   100  O  OE2 . GLU A 1 21  ? -6.437  2.028   13.815  1.00 51.08 ? 21  GLU A OE2 1 
ATOM   101  N  N   . TRP A 1 22  ? -6.965  0.818   8.102   1.00 29.81 ? 22  TRP A N   1 
ATOM   102  C  CA  . TRP A 1 22  ? -7.130  0.300   6.754   1.00 27.47 ? 22  TRP A CA  1 
ATOM   103  C  C   . TRP A 1 22  ? -6.701  -1.158  6.760   1.00 26.75 ? 22  TRP A C   1 
ATOM   104  O  O   . TRP A 1 22  ? -6.111  -1.637  7.730   1.00 26.87 ? 22  TRP A O   1 
ATOM   105  C  CB  . TRP A 1 22  ? -6.267  1.066   5.761   1.00 26.20 ? 22  TRP A CB  1 
ATOM   106  C  CG  . TRP A 1 22  ? -6.667  2.501   5.549   1.00 28.17 ? 22  TRP A CG  1 
ATOM   107  C  CD1 . TRP A 1 22  ? -6.175  3.598   6.198   1.00 29.62 ? 22  TRP A CD1 1 
ATOM   108  C  CD2 . TRP A 1 22  ? -7.612  2.997   4.589   1.00 30.16 ? 22  TRP A CD2 1 
ATOM   109  N  NE1 . TRP A 1 22  ? -6.750  4.748   5.697   1.00 29.24 ? 22  TRP A NE1 1 
ATOM   110  C  CE2 . TRP A 1 22  ? -7.637  4.404   4.706   1.00 30.95 ? 22  TRP A CE2 1 
ATOM   111  C  CE3 . TRP A 1 22  ? -8.441  2.388   3.636   1.00 30.92 ? 22  TRP A CE3 1 
ATOM   112  C  CZ2 . TRP A 1 22  ? -8.461  5.212   3.909   1.00 33.38 ? 22  TRP A CZ2 1 
ATOM   113  C  CZ3 . TRP A 1 22  ? -9.260  3.194   2.844   1.00 33.45 ? 22  TRP A CZ3 1 
ATOM   114  C  CH2 . TRP A 1 22  ? -9.260  4.589   2.985   1.00 33.98 ? 22  TRP A CH2 1 
ATOM   115  N  N   . TYR A 1 23  ? -7.018  -1.866  5.684   1.00 27.14 ? 23  TYR A N   1 
ATOM   116  C  CA  . TYR A 1 23  ? -6.634  -3.266  5.554   1.00 28.21 ? 23  TYR A CA  1 
ATOM   117  C  C   . TYR A 1 23  ? -5.969  -3.417  4.206   1.00 27.40 ? 23  TYR A C   1 
ATOM   118  O  O   . TYR A 1 23  ? -6.415  -2.828  3.240   1.00 27.23 ? 23  TYR A O   1 
ATOM   119  C  CB  . TYR A 1 23  ? -7.865  -4.192  5.609   1.00 30.80 ? 23  TYR A CB  1 
ATOM   120  C  CG  . TYR A 1 23  ? -8.529  -4.237  6.955   1.00 32.83 ? 23  TYR A CG  1 
ATOM   121  C  CD1 . TYR A 1 23  ? -9.307  -3.166  7.401   1.00 36.07 ? 23  TYR A CD1 1 
ATOM   122  C  CD2 . TYR A 1 23  ? -8.304  -5.306  7.828   1.00 33.18 ? 23  TYR A CD2 1 
ATOM   123  C  CE1 . TYR A 1 23  ? -9.841  -3.146  8.694   1.00 36.67 ? 23  TYR A CE1 1 
ATOM   124  C  CE2 . TYR A 1 23  ? -8.832  -5.300  9.129   1.00 35.61 ? 23  TYR A CE2 1 
ATOM   125  C  CZ  . TYR A 1 23  ? -9.597  -4.213  9.554   1.00 36.01 ? 23  TYR A CZ  1 
ATOM   126  O  OH  . TYR A 1 23  ? -10.103 -4.166  10.835  1.00 42.31 ? 23  TYR A OH  1 
ATOM   127  N  N   . SER A 1 24  ? -4.881  -4.169  4.140   1.00 27.48 ? 24  SER A N   1 
ATOM   128  C  CA  . SER A 1 24  ? -4.235  -4.402  2.854   1.00 26.97 ? 24  SER A CA  1 
ATOM   129  C  C   . SER A 1 24  ? -5.024  -5.543  2.201   1.00 27.32 ? 24  SER A C   1 
ATOM   130  O  O   . SER A 1 24  ? -5.241  -6.584  2.828   1.00 24.51 ? 24  SER A O   1 
ATOM   131  C  CB  . SER A 1 24  ? -2.765  -4.807  3.041   1.00 26.35 ? 24  SER A CB  1 
ATOM   132  O  OG  . SER A 1 24  ? -1.937  -3.667  3.244   1.00 26.65 ? 24  SER A OG  1 
ATOM   133  N  N   . ILE A 1 25  ? -5.469  -5.348  0.961   1.00 26.80 ? 25  ILE A N   1 
ATOM   134  C  CA  . ILE A 1 25  ? -6.253  -6.377  0.269   1.00 28.92 ? 25  ILE A CA  1 
ATOM   135  C  C   . ILE A 1 25  ? -5.563  -6.981  -0.958  1.00 27.94 ? 25  ILE A C   1 
ATOM   136  O  O   . ILE A 1 25  ? -5.501  -8.207  -1.119  1.00 28.58 ? 25  ILE A O   1 
ATOM   137  C  CB  . ILE A 1 25  ? -7.630  -5.811  -0.152  1.00 31.97 ? 25  ILE A CB  1 
ATOM   138  C  CG1 . ILE A 1 25  ? -8.412  -5.405  1.099   1.00 33.23 ? 25  ILE A CG1 1 
ATOM   139  C  CG2 . ILE A 1 25  ? -8.401  -6.850  -0.933  1.00 29.41 ? 25  ILE A CG2 1 
ATOM   140  C  CD1 . ILE A 1 25  ? -9.587  -4.519  0.843   1.00 36.18 ? 25  ILE A CD1 1 
ATOM   141  N  N   . LEU A 1 26  ? -5.044  -6.120  -1.825  1.00 26.10 ? 26  LEU A N   1 
ATOM   142  C  CA  . LEU A 1 26  ? -4.363  -6.581  -3.030  1.00 26.63 ? 26  LEU A CA  1 
ATOM   143  C  C   . LEU A 1 26  ? -2.985  -5.920  -3.090  1.00 27.16 ? 26  LEU A C   1 
ATOM   144  O  O   . LEU A 1 26  ? -2.798  -4.804  -2.609  1.00 26.66 ? 26  LEU A O   1 
ATOM   145  C  CB  . LEU A 1 26  ? -5.194  -6.192  -4.258  1.00 29.41 ? 26  LEU A CB  1 
ATOM   146  C  CG  . LEU A 1 26  ? -6.643  -6.720  -4.268  1.00 28.77 ? 26  LEU A CG  1 
ATOM   147  C  CD1 . LEU A 1 26  ? -7.479  -5.876  -5.218  1.00 31.78 ? 26  LEU A CD1 1 
ATOM   148  C  CD2 . LEU A 1 26  ? -6.676  -8.201  -4.656  1.00 27.27 ? 26  LEU A CD2 1 
ATOM   149  N  N   . LEU A 1 27  ? -2.022  -6.615  -3.676  1.00 28.11 ? 27  LEU A N   1 
ATOM   150  C  CA  . LEU A 1 27  ? -0.676  -6.086  -3.795  1.00 31.14 ? 27  LEU A CA  1 
ATOM   151  C  C   . LEU A 1 27  ? -0.064  -6.619  -5.086  1.00 31.55 ? 27  LEU A C   1 
ATOM   152  O  O   . LEU A 1 27  ? -0.103  -7.821  -5.336  1.00 30.30 ? 27  LEU A O   1 
ATOM   153  C  CB  . LEU A 1 27  ? 0.150   -6.544  -2.603  1.00 32.65 ? 27  LEU A CB  1 
ATOM   154  C  CG  . LEU A 1 27  ? 1.547   -5.955  -2.437  1.00 35.93 ? 27  LEU A CG  1 
ATOM   155  C  CD1 . LEU A 1 27  ? 1.457   -4.459  -2.161  1.00 36.36 ? 27  LEU A CD1 1 
ATOM   156  C  CD2 . LEU A 1 27  ? 2.224   -6.661  -1.281  1.00 38.22 ? 27  LEU A CD2 1 
ATOM   157  N  N   . ALA A 1 28  ? 0.480   -5.734  -5.914  1.00 31.08 ? 28  ALA A N   1 
ATOM   158  C  CA  . ALA A 1 28  ? 1.090   -6.159  -7.170  1.00 34.08 ? 28  ALA A CA  1 
ATOM   159  C  C   . ALA A 1 28  ? 2.450   -5.486  -7.361  1.00 34.24 ? 28  ALA A C   1 
ATOM   160  O  O   . ALA A 1 28  ? 2.699   -4.416  -6.805  1.00 35.66 ? 28  ALA A O   1 
ATOM   161  C  CB  . ALA A 1 28  ? 0.170   -5.829  -8.324  1.00 33.23 ? 28  ALA A CB  1 
ATOM   162  N  N   . SER A 1 29  ? 3.320   -6.110  -8.152  1.00 35.50 ? 29  SER A N   1 
ATOM   163  C  CA  . SER A 1 29  ? 4.667   -5.583  -8.401  1.00 37.63 ? 29  SER A CA  1 
ATOM   164  C  C   . SER A 1 29  ? 5.281   -6.186  -9.668  1.00 39.08 ? 29  SER A C   1 
ATOM   165  O  O   . SER A 1 29  ? 5.219   -7.400  -9.871  1.00 40.80 ? 29  SER A O   1 
ATOM   166  C  CB  . SER A 1 29  ? 5.562   -5.907  -7.204  1.00 38.16 ? 29  SER A CB  1 
ATOM   167  O  OG  . SER A 1 29  ? 6.907   -5.538  -7.435  1.00 36.71 ? 29  SER A OG  1 
ATOM   168  N  N   . ASP A 1 30  ? 5.876   -5.364  -10.525 1.00 39.00 ? 30  ASP A N   1 
ATOM   169  C  CA  . ASP A 1 30  ? 6.480   -5.929  -11.727 1.00 40.67 ? 30  ASP A CA  1 
ATOM   170  C  C   . ASP A 1 30  ? 7.670   -6.831  -11.354 1.00 41.40 ? 30  ASP A C   1 
ATOM   171  O  O   . ASP A 1 30  ? 8.331   -7.406  -12.225 1.00 41.63 ? 30  ASP A O   1 
ATOM   172  C  CB  . ASP A 1 30  ? 6.897   -4.823  -12.715 1.00 40.15 ? 30  ASP A CB  1 
ATOM   173  C  CG  . ASP A 1 30  ? 7.812   -3.774  -12.095 1.00 41.77 ? 30  ASP A CG  1 
ATOM   174  O  OD1 . ASP A 1 30  ? 8.245   -2.868  -12.836 1.00 40.22 ? 30  ASP A OD1 1 
ATOM   175  O  OD2 . ASP A 1 30  ? 8.089   -3.858  -10.879 1.00 41.09 ? 30  ASP A OD2 1 
ATOM   176  N  N   . ALA A 1 31  ? 7.916   -6.952  -10.046 1.00 42.14 ? 31  ALA A N   1 
ATOM   177  C  CA  . ALA A 1 31  ? 8.980   -7.793  -9.482  1.00 41.82 ? 31  ALA A CA  1 
ATOM   178  C  C   . ALA A 1 31  ? 8.362   -8.569  -8.306  1.00 42.85 ? 31  ALA A C   1 
ATOM   179  O  O   . ALA A 1 31  ? 8.691   -8.306  -7.146  1.00 40.52 ? 31  ALA A O   1 
ATOM   180  C  CB  . ALA A 1 31  ? 10.133  -6.919  -8.981  1.00 41.45 ? 31  ALA A CB  1 
ATOM   181  N  N   . LYS A 1 32  ? 7.460   -9.501  -8.632  1.00 43.50 ? 32  LYS A N   1 
ATOM   182  C  CA  . LYS A 1 32  ? 6.722   -10.338 -7.674  1.00 43.60 ? 32  LYS A CA  1 
ATOM   183  C  C   . LYS A 1 32  ? 7.652   -10.812 -6.547  1.00 43.19 ? 32  LYS A C   1 
ATOM   184  O  O   . LYS A 1 32  ? 7.198   -11.229 -5.475  1.00 44.07 ? 32  LYS A O   1 
ATOM   185  C  CB  . LYS A 1 32  ? 6.082   -11.551 -8.418  1.00 44.97 ? 32  LYS A CB  1 
ATOM   186  C  CG  . LYS A 1 32  ? 4.967   -12.389 -7.711  1.00 49.06 ? 32  LYS A CG  1 
ATOM   187  C  CD  . LYS A 1 32  ? 3.938   -12.940 -8.750  1.00 52.78 ? 32  LYS A CD  1 
ATOM   188  C  CE  . LYS A 1 32  ? 3.539   -14.415 -8.551  1.00 57.18 ? 32  LYS A CE  1 
ATOM   189  N  NZ  . LYS A 1 32  ? 2.894   -15.045 -9.765  1.00 61.74 ? 32  LYS A NZ  1 
ATOM   190  N  N   . GLU A 1 33  ? 8.957   -10.729 -6.779  1.00 42.75 ? 33  GLU A N   1 
ATOM   191  C  CA  . GLU A 1 33  ? 9.960   -11.153 -5.804  1.00 41.91 ? 33  GLU A CA  1 
ATOM   192  C  C   . GLU A 1 33  ? 9.858   -10.400 -4.465  1.00 42.39 ? 33  GLU A C   1 
ATOM   193  O  O   . GLU A 1 33  ? 10.074  -10.978 -3.400  1.00 41.62 ? 33  GLU A O   1 
ATOM   194  C  CB  . GLU A 1 33  ? 11.356  -10.966 -6.427  1.00 46.14 ? 33  GLU A CB  1 
ATOM   195  C  CG  . GLU A 1 33  ? 12.484  -11.695 -5.710  1.00 47.21 ? 33  GLU A CG  1 
ATOM   196  C  CD  . GLU A 1 33  ? 13.793  -11.696 -6.516  0.60 48.58 ? 33  GLU A CD  1 
ATOM   197  O  OE1 . GLU A 1 33  ? 13.811  -12.288 -7.619  0.60 49.04 ? 33  GLU A OE1 1 
ATOM   198  O  OE2 . GLU A 1 33  ? 14.786  -11.099 -6.041  0.60 49.64 ? 33  GLU A OE2 1 
ATOM   199  N  N   . ASN A 1 34  ? 9.510   -9.118  -4.531  1.00 39.30 ? 34  ASN A N   1 
ATOM   200  C  CA  . ASN A 1 34  ? 9.409   -8.268  -3.353  1.00 37.32 ? 34  ASN A CA  1 
ATOM   201  C  C   . ASN A 1 34  ? 8.152   -8.424  -2.534  1.00 37.64 ? 34  ASN A C   1 
ATOM   202  O  O   . ASN A 1 34  ? 8.130   -8.050  -1.364  1.00 37.99 ? 34  ASN A O   1 
ATOM   203  C  CB  . ASN A 1 34  ? 9.519   -6.815  -3.764  1.00 34.32 ? 34  ASN A CB  1 
ATOM   204  C  CG  . ASN A 1 34  ? 10.820  -6.511  -4.434  1.00 35.20 ? 34  ASN A CG  1 
ATOM   205  O  OD1 . ASN A 1 34  ? 11.871  -6.460  -3.790  1.00 36.19 ? 34  ASN A OD1 1 
ATOM   206  N  ND2 . ASN A 1 34  ? 10.771  -6.321  -5.748  1.00 34.10 ? 34  ASN A ND2 1 
ATOM   207  N  N   . ILE A 1 35  ? 7.094   -8.959  -3.134  1.00 37.26 ? 35  ILE A N   1 
ATOM   208  C  CA  . ILE A 1 35  ? 5.836   -9.113  -2.402  1.00 36.24 ? 35  ILE A CA  1 
ATOM   209  C  C   . ILE A 1 35  ? 5.500   -10.550 -2.030  1.00 37.99 ? 35  ILE A C   1 
ATOM   210  O  O   . ILE A 1 35  ? 4.397   -10.845 -1.570  1.00 36.09 ? 35  ILE A O   1 
ATOM   211  C  CB  . ILE A 1 35  ? 4.637   -8.501  -3.189  1.00 34.79 ? 35  ILE A CB  1 
ATOM   212  C  CG1 . ILE A 1 35  ? 4.484   -9.170  -4.562  1.00 35.32 ? 35  ILE A CG1 1 
ATOM   213  C  CG2 . ILE A 1 35  ? 4.862   -7.021  -3.383  1.00 31.71 ? 35  ILE A CG2 1 
ATOM   214  C  CD1 . ILE A 1 35  ? 3.786   -10.524 -4.508  1.00 40.92 ? 35  ILE A CD1 1 
ATOM   215  N  N   . GLU A 1 36  ? 6.447   -11.452 -2.238  1.00 40.08 ? 36  GLU A N   1 
ATOM   216  C  CA  . GLU A 1 36  ? 6.220   -12.845 -1.902  1.00 44.31 ? 36  GLU A CA  1 
ATOM   217  C  C   . GLU A 1 36  ? 6.581   -13.091 -0.448  1.00 45.11 ? 36  GLU A C   1 
ATOM   218  O  O   . GLU A 1 36  ? 7.130   -12.210 0.214   1.00 45.20 ? 36  GLU A O   1 
ATOM   219  C  CB  . GLU A 1 36  ? 7.059   -13.731 -2.808  1.00 45.36 ? 36  GLU A CB  1 
ATOM   220  C  CG  . GLU A 1 36  ? 6.549   -13.741 -4.213  1.00 48.32 ? 36  GLU A CG  1 
ATOM   221  C  CD  . GLU A 1 36  ? 7.435   -14.559 -5.115  1.00 50.89 ? 36  GLU A CD  1 
ATOM   222  O  OE1 . GLU A 1 36  ? 6.890   -15.226 -6.020  1.00 51.42 ? 36  GLU A OE1 1 
ATOM   223  O  OE2 . GLU A 1 36  ? 8.669   -14.521 -4.899  1.00 52.94 ? 36  GLU A OE2 1 
ATOM   224  N  N   . GLU A 1 37  ? 6.261   -14.275 0.061   1.00 46.48 ? 37  GLU A N   1 
ATOM   225  C  CA  . GLU A 1 37  ? 6.588   -14.571 1.446   1.00 48.00 ? 37  GLU A CA  1 
ATOM   226  C  C   . GLU A 1 37  ? 8.064   -14.215 1.591   1.00 49.37 ? 37  GLU A C   1 
ATOM   227  O  O   . GLU A 1 37  ? 8.893   -14.650 0.786   1.00 49.69 ? 37  GLU A O   1 
ATOM   228  C  CB  . GLU A 1 37  ? 6.340   -16.054 1.755   1.00 49.19 ? 37  GLU A CB  1 
ATOM   229  C  CG  . GLU A 1 37  ? 6.077   -16.368 3.225   1.00 52.51 ? 37  GLU A CG  1 
ATOM   230  C  CD  . GLU A 1 37  ? 4.888   -15.589 3.786   1.00 55.18 ? 37  GLU A CD  1 
ATOM   231  O  OE1 . GLU A 1 37  ? 5.006   -14.346 3.914   1.00 55.64 ? 37  GLU A OE1 1 
ATOM   232  O  OE2 . GLU A 1 37  ? 3.848   -16.227 4.084   1.00 58.45 ? 37  GLU A OE2 1 
ATOM   233  N  N   . ASN A 1 38  ? 8.375   -13.402 2.596   1.00 48.86 ? 38  ASN A N   1 
ATOM   234  C  CA  . ASN A 1 38  ? 9.736   -12.946 2.855   1.00 48.18 ? 38  ASN A CA  1 
ATOM   235  C  C   . ASN A 1 38  ? 10.092  -11.715 2.038   1.00 47.05 ? 38  ASN A C   1 
ATOM   236  O  O   . ASN A 1 38  ? 11.214  -11.222 2.103   1.00 45.52 ? 38  ASN A O   1 
ATOM   237  C  CB  . ASN A 1 38  ? 10.761  -14.051 2.588   1.00 50.69 ? 38  ASN A CB  1 
ATOM   238  C  CG  . ASN A 1 38  ? 10.945  -14.979 3.780   1.00 53.69 ? 38  ASN A CG  1 
ATOM   239  O  OD1 . ASN A 1 38  ? 11.294  -14.540 4.879   1.00 54.81 ? 38  ASN A OD1 1 
ATOM   240  N  ND2 . ASN A 1 38  ? 10.716  -16.271 3.566   1.00 54.80 ? 38  ASN A ND2 1 
ATOM   241  N  N   . GLY A 1 39  ? 9.134   -11.222 1.267   1.00 45.40 ? 39  GLY A N   1 
ATOM   242  C  CA  . GLY A 1 39  ? 9.378   -10.034 0.475   1.00 43.15 ? 39  GLY A CA  1 
ATOM   243  C  C   . GLY A 1 39  ? 9.266   -8.804  1.360   1.00 40.11 ? 39  GLY A C   1 
ATOM   244  O  O   . GLY A 1 39  ? 8.367   -8.704  2.195   1.00 40.79 ? 39  GLY A O   1 
ATOM   245  N  N   . SER A 1 40  ? 10.169  -7.854  1.171   1.00 37.00 ? 40  SER A N   1 
ATOM   246  C  CA  . SER A 1 40  ? 10.169  -6.639  1.975   1.00 35.28 ? 40  SER A CA  1 
ATOM   247  C  C   . SER A 1 40  ? 8.883   -5.833  1.855   1.00 31.92 ? 40  SER A C   1 
ATOM   248  O  O   . SER A 1 40  ? 8.384   -5.286  2.834   1.00 33.29 ? 40  SER A O   1 
ATOM   249  C  CB  . SER A 1 40  ? 11.367  -5.767  1.585   1.00 37.31 ? 40  SER A CB  1 
ATOM   250  O  OG  . SER A 1 40  ? 11.311  -5.394  0.218   1.00 38.40 ? 40  SER A OG  1 
ATOM   251  N  N   . MET A 1 41  ? 8.348   -5.779  0.641   1.00 28.34 ? 41  MET A N   1 
ATOM   252  C  CA  . MET A 1 41  ? 7.138   -5.023  0.328   1.00 27.41 ? 41  MET A CA  1 
ATOM   253  C  C   . MET A 1 41  ? 5.821   -5.763  0.546   1.00 27.60 ? 41  MET A C   1 
ATOM   254  O  O   . MET A 1 41  ? 4.772   -5.319  0.084   1.00 27.89 ? 41  MET A O   1 
ATOM   255  C  CB  . MET A 1 41  ? 7.209   -4.539  -1.120  1.00 28.20 ? 41  MET A CB  1 
ATOM   256  C  CG  . MET A 1 41  ? 8.346   -3.576  -1.368  1.00 31.98 ? 41  MET A CG  1 
ATOM   257  S  SD  . MET A 1 41  ? 8.116   -2.080  -0.417  1.00 34.55 ? 41  MET A SD  1 
ATOM   258  C  CE  . MET A 1 41  ? 9.781   -1.420  -0.445  1.00 34.78 ? 41  MET A CE  1 
ATOM   259  N  N   . ARG A 1 42  ? 5.882   -6.895  1.238   1.00 27.67 ? 42  ARG A N   1 
ATOM   260  C  CA  . ARG A 1 42  ? 4.696   -7.706  1.541   1.00 28.90 ? 42  ARG A CA  1 
ATOM   261  C  C   . ARG A 1 42  ? 4.122   -7.229  2.886   1.00 28.19 ? 42  ARG A C   1 
ATOM   262  O  O   . ARG A 1 42  ? 4.131   -7.943  3.893   1.00 30.70 ? 42  ARG A O   1 
ATOM   263  C  CB  . ARG A 1 42  ? 5.096   -9.180  1.631   1.00 30.17 ? 42  ARG A CB  1 
ATOM   264  C  CG  . ARG A 1 42  ? 3.944   -10.152 1.718   1.00 31.93 ? 42  ARG A CG  1 
ATOM   265  C  CD  . ARG A 1 42  ? 4.484   -11.535 1.902   1.00 34.77 ? 42  ARG A CD  1 
ATOM   266  N  NE  . ARG A 1 42  ? 3.443   -12.557 1.871   1.00 36.45 ? 42  ARG A NE  1 
ATOM   267  C  CZ  . ARG A 1 42  ? 2.976   -13.140 0.767   1.00 39.63 ? 42  ARG A CZ  1 
ATOM   268  N  NH1 . ARG A 1 42  ? 3.446   -12.815 -0.428  1.00 37.58 ? 42  ARG A NH1 1 
ATOM   269  N  NH2 . ARG A 1 42  ? 2.035   -14.061 0.867   1.00 39.34 ? 42  ARG A NH2 1 
ATOM   270  N  N   . VAL A 1 43  ? 3.617   -6.004  2.865   1.00 28.82 ? 43  VAL A N   1 
ATOM   271  C  CA  . VAL A 1 43  ? 3.080   -5.344  4.027   1.00 25.68 ? 43  VAL A CA  1 
ATOM   272  C  C   . VAL A 1 43  ? 1.561   -5.367  4.152   1.00 27.40 ? 43  VAL A C   1 
ATOM   273  O  O   . VAL A 1 43  ? 0.818   -5.444  3.159   1.00 23.55 ? 43  VAL A O   1 
ATOM   274  C  CB  . VAL A 1 43  ? 3.569   -3.890  4.043   1.00 27.03 ? 43  VAL A CB  1 
ATOM   275  C  CG1 . VAL A 1 43  ? 5.096   -3.867  4.058   1.00 25.17 ? 43  VAL A CG1 1 
ATOM   276  C  CG2 . VAL A 1 43  ? 3.063   -3.170  2.808   1.00 26.42 ? 43  VAL A CG2 1 
ATOM   277  N  N   . PHE A 1 44  ? 1.118   -5.293  5.400   1.00 24.20 ? 44  PHE A N   1 
ATOM   278  C  CA  . PHE A 1 44  ? -0.291  -5.298  5.732   1.00 26.31 ? 44  PHE A CA  1 
ATOM   279  C  C   . PHE A 1 44  ? -0.536  -4.054  6.562   1.00 26.93 ? 44  PHE A C   1 
ATOM   280  O  O   . PHE A 1 44  ? -0.281  -4.037  7.760   1.00 24.60 ? 44  PHE A O   1 
ATOM   281  C  CB  . PHE A 1 44  ? -0.610  -6.556  6.530   1.00 29.70 ? 44  PHE A CB  1 
ATOM   282  C  CG  . PHE A 1 44  ? -0.053  -7.809  5.910   1.00 30.42 ? 44  PHE A CG  1 
ATOM   283  C  CD1 . PHE A 1 44  ? 0.912   -8.561  6.579   1.00 34.16 ? 44  PHE A CD1 1 
ATOM   284  C  CD2 . PHE A 1 44  ? -0.481  -8.233  4.656   1.00 32.47 ? 44  PHE A CD2 1 
ATOM   285  C  CE1 . PHE A 1 44  ? 1.451   -9.723  6.001   1.00 33.92 ? 44  PHE A CE1 1 
ATOM   286  C  CE2 . PHE A 1 44  ? 0.043   -9.382  4.070   1.00 31.62 ? 44  PHE A CE2 1 
ATOM   287  C  CZ  . PHE A 1 44  ? 1.013   -10.131 4.743   1.00 34.73 ? 44  PHE A CZ  1 
ATOM   288  N  N   . VAL A 1 45  ? -1.013  -3.006  5.907   1.00 25.82 ? 45  VAL A N   1 
ATOM   289  C  CA  . VAL A 1 45  ? -1.278  -1.743  6.577   1.00 28.39 ? 45  VAL A CA  1 
ATOM   290  C  C   . VAL A 1 45  ? -2.326  -1.822  7.683   1.00 27.71 ? 45  VAL A C   1 
ATOM   291  O  O   . VAL A 1 45  ? -3.225  -2.668  7.654   1.00 25.68 ? 45  VAL A O   1 
ATOM   292  C  CB  . VAL A 1 45  ? -1.690  -0.659  5.542   1.00 31.43 ? 45  VAL A CB  1 
ATOM   293  C  CG1 . VAL A 1 45  ? -0.544  -0.423  4.594   0.70 33.81 ? 45  VAL A CG1 1 
ATOM   294  C  CG2 . VAL A 1 45  ? -2.891  -1.120  4.730   1.00 34.60 ? 45  VAL A CG2 1 
ATOM   295  N  N   . GLU A 1 46  ? -2.196  -0.927  8.657   1.00 26.94 ? 46  GLU A N   1 
ATOM   296  C  CA  . GLU A 1 46  ? -3.128  -0.876  9.769   1.00 28.76 ? 46  GLU A CA  1 
ATOM   297  C  C   . GLU A 1 46  ? -3.736  0.515   9.926   1.00 28.81 ? 46  GLU A C   1 
ATOM   298  O  O   . GLU A 1 46  ? -4.925  0.695   9.672   1.00 26.69 ? 46  GLU A O   1 
ATOM   299  C  CB  . GLU A 1 46  ? -2.432  -1.311  11.049  1.00 28.88 ? 46  GLU A CB  1 
ATOM   300  C  CG  . GLU A 1 46  ? -3.282  -1.199  12.273  1.00 31.83 ? 46  GLU A CG  1 
ATOM   301  C  CD  . GLU A 1 46  ? -2.523  -1.586  13.509  1.00 33.77 ? 46  GLU A CD  1 
ATOM   302  O  OE1 . GLU A 1 46  ? -2.947  -1.185  14.603  1.00 36.30 ? 46  GLU A OE1 1 
ATOM   303  O  OE2 . GLU A 1 46  ? -1.509  -2.300  13.391  1.00 31.73 ? 46  GLU A OE2 1 
ATOM   304  N  N   . HIS A 1 47  ? -2.952  1.500   10.354  1.00 31.62 ? 47  HIS A N   1 
ATOM   305  C  CA  . HIS A 1 47  ? -3.511  2.842   10.482  1.00 34.90 ? 47  HIS A CA  1 
ATOM   306  C  C   . HIS A 1 47  ? -2.626  3.898   9.894   1.00 35.19 ? 47  HIS A C   1 
ATOM   307  O  O   . HIS A 1 47  ? -1.424  3.713   9.751   1.00 36.13 ? 47  HIS A O   1 
ATOM   308  C  CB  . HIS A 1 47  ? -3.840  3.221   11.937  1.00 36.10 ? 47  HIS A CB  1 
ATOM   309  C  CG  . HIS A 1 47  ? -2.646  3.451   12.815  1.00 40.16 ? 47  HIS A CG  1 
ATOM   310  N  ND1 . HIS A 1 47  ? -2.147  2.482   13.657  1.00 42.41 ? 47  HIS A ND1 1 
ATOM   311  C  CD2 . HIS A 1 47  ? -1.904  4.564   13.040  1.00 41.55 ? 47  HIS A CD2 1 
ATOM   312  C  CE1 . HIS A 1 47  ? -1.153  2.986   14.371  0.50 41.65 ? 47  HIS A CE1 1 
ATOM   313  N  NE2 . HIS A 1 47  ? -0.986  4.247   14.015  0.50 42.41 ? 47  HIS A NE2 1 
ATOM   314  N  N   . ILE A 1 48  ? -3.252  5.007   9.533   1.00 36.27 ? 48  ILE A N   1 
ATOM   315  C  CA  . ILE A 1 48  ? -2.568  6.147   8.962   1.00 36.88 ? 48  ILE A CA  1 
ATOM   316  C  C   . ILE A 1 48  ? -2.905  7.332   9.846   1.00 39.88 ? 48  ILE A C   1 
ATOM   317  O  O   . ILE A 1 48  ? -4.069  7.534   10.197  1.00 39.24 ? 48  ILE A O   1 
ATOM   318  C  CB  . ILE A 1 48  ? -3.061  6.448   7.528   1.00 37.41 ? 48  ILE A CB  1 
ATOM   319  C  CG1 . ILE A 1 48  ? -2.525  5.403   6.541   1.00 33.24 ? 48  ILE A CG1 1 
ATOM   320  C  CG2 . ILE A 1 48  ? -2.594  7.833   7.091   1.00 36.89 ? 48  ILE A CG2 1 
ATOM   321  C  CD1 . ILE A 1 48  ? -3.059  3.981   6.790   1.00 41.55 ? 48  ILE A CD1 1 
ATOM   322  N  N   . ARG A 1 49  ? -1.885  8.090   10.239  1.00 41.80 ? 49  ARG A N   1 
ATOM   323  C  CA  . ARG A 1 49  ? -2.101  9.277   11.054  1.00 44.82 ? 49  ARG A CA  1 
ATOM   324  C  C   . ARG A 1 49  ? -1.413  10.443  10.370  1.00 45.19 ? 49  ARG A C   1 
ATOM   325  O  O   . ARG A 1 49  ? -0.287  10.310  9.882   1.00 46.33 ? 49  ARG A O   1 
ATOM   326  C  CB  . ARG A 1 49  ? -1.561  9.090   12.482  1.00 46.35 ? 49  ARG A CB  1 
ATOM   327  C  CG  . ARG A 1 49  ? -1.402  10.414  13.251  1.00 51.93 ? 49  ARG A CG  1 
ATOM   328  C  CD  . ARG A 1 49  ? -1.384  10.276  14.784  1.00 54.45 ? 49  ARG A CD  1 
ATOM   329  N  NE  . ARG A 1 49  ? -0.651  9.112   15.281  1.00 57.87 ? 49  ARG A NE  1 
ATOM   330  C  CZ  . ARG A 1 49  ? 0.583   8.778   14.919  1.00 59.15 ? 49  ARG A CZ  1 
ATOM   331  N  NH1 . ARG A 1 49  ? 1.245   9.520   14.042  1.00 60.59 ? 49  ARG A NH1 1 
ATOM   332  N  NH2 . ARG A 1 49  ? 1.159   7.699   15.443  1.00 59.35 ? 49  ARG A NH2 1 
ATOM   333  N  N   . VAL A 1 50  ? -2.120  11.568  10.305  1.00 44.58 ? 50  VAL A N   1 
ATOM   334  C  CA  . VAL A 1 50  ? -1.589  12.779  9.702   1.00 45.32 ? 50  VAL A CA  1 
ATOM   335  C  C   . VAL A 1 50  ? -0.904  13.589  10.794  1.00 45.64 ? 50  VAL A C   1 
ATOM   336  O  O   . VAL A 1 50  ? -1.558  14.100  11.701  1.00 44.09 ? 50  VAL A O   1 
ATOM   337  C  CB  . VAL A 1 50  ? -2.706  13.615  9.089   1.00 46.08 ? 50  VAL A CB  1 
ATOM   338  C  CG1 . VAL A 1 50  ? -2.112  14.845  8.438   1.00 45.56 ? 50  VAL A CG1 1 
ATOM   339  C  CG2 . VAL A 1 50  ? -3.487  12.777  8.084   1.00 45.02 ? 50  VAL A CG2 1 
ATOM   340  N  N   . LEU A 1 51  ? 0.418   13.692  10.706  1.00 45.99 ? 51  LEU A N   1 
ATOM   341  C  CA  . LEU A 1 51  ? 1.188   14.422  11.693  1.00 46.43 ? 51  LEU A CA  1 
ATOM   342  C  C   . LEU A 1 51  ? 1.071   15.916  11.513  1.00 46.14 ? 51  LEU A C   1 
ATOM   343  O  O   . LEU A 1 51  ? 0.654   16.396  10.454  1.00 44.85 ? 51  LEU A O   1 
ATOM   344  C  CB  . LEU A 1 51  ? 2.658   14.027  11.623  1.00 48.46 ? 51  LEU A CB  1 
ATOM   345  C  CG  . LEU A 1 51  ? 3.008   12.627  12.114  1.00 50.53 ? 51  LEU A CG  1 
ATOM   346  C  CD1 . LEU A 1 51  ? 4.517   12.427  12.041  1.00 51.30 ? 51  LEU A CD1 1 
ATOM   347  C  CD2 . LEU A 1 51  ? 2.517   12.451  13.548  1.00 51.57 ? 51  LEU A CD2 1 
ATOM   348  N  N   . ASP A 1 52  ? 1.453   16.641  12.562  1.00 45.88 ? 52  ASP A N   1 
ATOM   349  C  CA  . ASP A 1 52  ? 1.407   18.097  12.566  1.00 48.28 ? 52  ASP A CA  1 
ATOM   350  C  C   . ASP A 1 52  ? 2.235   18.747  11.443  1.00 48.47 ? 52  ASP A C   1 
ATOM   351  O  O   . ASP A 1 52  ? 2.023   19.922  11.122  1.00 48.80 ? 52  ASP A O   1 
ATOM   352  C  CB  . ASP A 1 52  ? 1.847   18.640  13.937  1.00 50.48 ? 52  ASP A CB  1 
ATOM   353  C  CG  . ASP A 1 52  ? 0.816   18.373  15.035  1.00 52.93 ? 52  ASP A CG  1 
ATOM   354  O  OD1 . ASP A 1 52  ? -0.398  18.472  14.755  1.00 53.44 ? 52  ASP A OD1 1 
ATOM   355  O  OD2 . ASP A 1 52  ? 1.218   18.078  16.182  1.00 54.67 ? 52  ASP A OD2 1 
ATOM   356  N  N   . ASN A 1 53  ? 3.170   17.997  10.850  1.00 46.85 ? 53  ASN A N   1 
ATOM   357  C  CA  . ASN A 1 53  ? 3.974   18.530  9.747   1.00 47.32 ? 53  ASN A CA  1 
ATOM   358  C  C   . ASN A 1 53  ? 3.461   18.088  8.383   1.00 46.30 ? 53  ASN A C   1 
ATOM   359  O  O   . ASN A 1 53  ? 4.139   18.273  7.371   1.00 47.62 ? 53  ASN A O   1 
ATOM   360  C  CB  . ASN A 1 53  ? 5.422   18.129  9.855   1.00 46.99 ? 53  ASN A CB  1 
ATOM   361  C  CG  . ASN A 1 53  ? 5.593   16.741  10.247  1.00 47.48 ? 53  ASN A CG  1 
ATOM   362  O  OD1 . ASN A 1 53  ? 4.823   15.811  9.954   1.00 45.39 ? 53  ASN A OD1 1 
ATOM   363  N  ND2 . ASN A 1 53  ? 6.633   16.574  10.938  1.00 45.56 ? 53  ASN A ND2 1 
ATOM   364  N  N   . SER A 1 54  ? 2.265   17.499  8.372   1.00 44.75 ? 54  SER A N   1 
ATOM   365  C  CA  . SER A 1 54  ? 1.597   17.037  7.153   1.00 44.24 ? 54  SER A CA  1 
ATOM   366  C  C   . SER A 1 54  ? 2.082   15.687  6.631   1.00 42.09 ? 54  SER A C   1 
ATOM   367  O  O   . SER A 1 54  ? 1.618   15.209  5.601   1.00 40.89 ? 54  SER A O   1 
ATOM   368  C  CB  . SER A 1 54  ? 1.723   18.094  6.051   1.00 44.78 ? 54  SER A CB  1 
ATOM   369  O  OG  . SER A 1 54  ? 0.513   18.214  5.327   0.40 46.56 ? 54  SER A OG  1 
ATOM   370  N  N   . SER A 1 55  ? 3.022   15.082  7.344   1.00 40.18 ? 55  SER A N   1 
ATOM   371  C  CA  . SER A 1 55  ? 3.544   13.785  6.959   1.00 40.02 ? 55  SER A CA  1 
ATOM   372  C  C   . SER A 1 55  ? 2.571   12.745  7.471   1.00 40.60 ? 55  SER A C   1 
ATOM   373  O  O   . SER A 1 55  ? 1.897   12.960  8.472   1.00 42.98 ? 55  SER A O   1 
ATOM   374  C  CB  . SER A 1 55  ? 4.920   13.543  7.583   1.00 39.87 ? 55  SER A CB  1 
ATOM   375  O  OG  . SER A 1 55  ? 5.854   14.515  7.150   1.00 39.98 ? 55  SER A OG  1 
ATOM   376  N  N   . LEU A 1 56  ? 2.505   11.614  6.781   1.00 39.63 ? 56  LEU A N   1 
ATOM   377  C  CA  . LEU A 1 56  ? 1.609   10.527  7.156   1.00 38.83 ? 56  LEU A CA  1 
ATOM   378  C  C   . LEU A 1 56  ? 2.367   9.432   7.892   1.00 37.75 ? 56  LEU A C   1 
ATOM   379  O  O   . LEU A 1 56  ? 3.337   8.886   7.380   1.00 37.54 ? 56  LEU A O   1 
ATOM   380  C  CB  . LEU A 1 56  ? 0.959   9.935   5.902   1.00 39.54 ? 56  LEU A CB  1 
ATOM   381  C  CG  . LEU A 1 56  ? 0.164   10.880  4.999   1.00 40.19 ? 56  LEU A CG  1 
ATOM   382  C  CD1 . LEU A 1 56  ? -0.359  10.080  3.826   1.00 41.14 ? 56  LEU A CD1 1 
ATOM   383  C  CD2 . LEU A 1 56  ? -0.987  11.540  5.770   1.00 40.52 ? 56  LEU A CD2 1 
ATOM   384  N  N   . ALA A 1 57  ? 1.921   9.105   9.095   1.00 35.81 ? 57  ALA A N   1 
ATOM   385  C  CA  . ALA A 1 57  ? 2.577   8.065   9.865   1.00 34.58 ? 57  ALA A CA  1 
ATOM   386  C  C   . ALA A 1 57  ? 1.857   6.754   9.598   1.00 33.59 ? 57  ALA A C   1 
ATOM   387  O  O   . ALA A 1 57  ? 0.707   6.592   9.987   1.00 32.59 ? 57  ALA A O   1 
ATOM   388  C  CB  . ALA A 1 57  ? 2.522   8.407   11.321  1.00 33.53 ? 57  ALA A CB  1 
ATOM   389  N  N   . PHE A 1 58  ? 2.532   5.829   8.919   1.00 34.74 ? 58  PHE A N   1 
ATOM   390  C  CA  . PHE A 1 58  ? 1.961   4.519   8.575   1.00 34.90 ? 58  PHE A CA  1 
ATOM   391  C  C   . PHE A 1 58  ? 2.360   3.467   9.600   1.00 35.05 ? 58  PHE A C   1 
ATOM   392  O  O   . PHE A 1 58  ? 3.498   3.456   10.066  1.00 34.04 ? 58  PHE A O   1 
ATOM   393  C  CB  . PHE A 1 58  ? 2.491   4.023   7.215   1.00 35.86 ? 58  PHE A CB  1 
ATOM   394  C  CG  . PHE A 1 58  ? 1.636   4.384   6.017   1.00 39.73 ? 58  PHE A CG  1 
ATOM   395  C  CD1 . PHE A 1 58  ? 1.526   5.707   5.562   1.00 40.62 ? 58  PHE A CD1 1 
ATOM   396  C  CD2 . PHE A 1 58  ? 1.011   3.373   5.279   1.00 39.40 ? 58  PHE A CD2 1 
ATOM   397  C  CE1 . PHE A 1 58  ? 0.810   6.005   4.383   1.00 40.29 ? 58  PHE A CE1 1 
ATOM   398  C  CE2 . PHE A 1 58  ? 0.295   3.667   4.101   1.00 39.35 ? 58  PHE A CE2 1 
ATOM   399  C  CZ  . PHE A 1 58  ? 0.198   4.980   3.657   1.00 38.93 ? 58  PHE A CZ  1 
ATOM   400  N  N   . LYS A 1 59  ? 1.426   2.591   9.957   1.00 33.59 ? 59  LYS A N   1 
ATOM   401  C  CA  . LYS A 1 59  ? 1.746   1.483   10.849  1.00 32.41 ? 59  LYS A CA  1 
ATOM   402  C  C   . LYS A 1 59  ? 1.267   0.233   10.116  1.00 30.72 ? 59  LYS A C   1 
ATOM   403  O  O   . LYS A 1 59  ? 0.119   0.171   9.666   1.00 27.57 ? 59  LYS A O   1 
ATOM   404  C  CB  . LYS A 1 59  ? 1.040   1.593   12.188  1.00 34.54 ? 59  LYS A CB  1 
ATOM   405  C  CG  . LYS A 1 59  ? 1.406   0.448   13.116  1.00 37.09 ? 59  LYS A CG  1 
ATOM   406  C  CD  . LYS A 1 59  ? 0.926   0.744   14.517  1.00 38.45 ? 59  LYS A CD  1 
ATOM   407  C  CE  . LYS A 1 59  ? 1.252   -0.365  15.489  1.00 40.60 ? 59  LYS A CE  1 
ATOM   408  N  NZ  . LYS A 1 59  ? 0.812   0.028   16.857  0.30 39.29 ? 59  LYS A NZ  1 
ATOM   409  N  N   . PHE A 1 60  ? 2.142   -0.753  9.965   1.00 28.08 ? 60  PHE A N   1 
ATOM   410  C  CA  . PHE A 1 60  ? 1.760   -1.960  9.258   1.00 28.49 ? 60  PHE A CA  1 
ATOM   411  C  C   . PHE A 1 60  ? 2.505   -3.157  9.790   1.00 29.64 ? 60  PHE A C   1 
ATOM   412  O  O   . PHE A 1 60  ? 3.480   -3.029  10.516  1.00 28.67 ? 60  PHE A O   1 
ATOM   413  C  CB  . PHE A 1 60  ? 2.047   -1.807  7.766   1.00 28.76 ? 60  PHE A CB  1 
ATOM   414  C  CG  . PHE A 1 60  ? 3.478   -1.507  7.458   1.00 28.97 ? 60  PHE A CG  1 
ATOM   415  C  CD1 . PHE A 1 60  ? 4.380   -2.536  7.210   1.00 29.03 ? 60  PHE A CD1 1 
ATOM   416  C  CD2 . PHE A 1 60  ? 3.936   -0.192  7.444   1.00 31.69 ? 60  PHE A CD2 1 
ATOM   417  C  CE1 . PHE A 1 60  ? 5.725   -2.266  6.945   1.00 28.74 ? 60  PHE A CE1 1 
ATOM   418  C  CE2 . PHE A 1 60  ? 5.274   0.093   7.184   1.00 30.51 ? 60  PHE A CE2 1 
ATOM   419  C  CZ  . PHE A 1 60  ? 6.169   -0.945  6.936   1.00 31.46 ? 60  PHE A CZ  1 
ATOM   420  N  N   . GLN A 1 61  ? 2.030   -4.334  9.417   1.00 29.05 ? 61  GLN A N   1 
ATOM   421  C  CA  . GLN A 1 61  ? 2.643   -5.587  9.833   1.00 29.75 ? 61  GLN A CA  1 
ATOM   422  C  C   . GLN A 1 61  ? 3.215   -6.327  8.631   1.00 32.17 ? 61  GLN A C   1 
ATOM   423  O  O   . GLN A 1 61  ? 2.725   -6.154  7.520   1.00 34.08 ? 61  GLN A O   1 
ATOM   424  C  CB  . GLN A 1 61  ? 1.584   -6.540  10.428  1.00 29.95 ? 61  GLN A CB  1 
ATOM   425  C  CG  . GLN A 1 61  ? 0.857   -6.123  11.697  1.00 28.97 ? 61  GLN A CG  1 
ATOM   426  C  CD  . GLN A 1 61  ? -0.240  -5.086  11.466  1.00 31.91 ? 61  GLN A CD  1 
ATOM   427  O  OE1 . GLN A 1 61  ? -0.999  -5.172  10.509  0.70 30.20 ? 61  GLN A OE1 1 
ATOM   428  N  NE2 . GLN A 1 61  ? -0.339  -4.122  12.367  1.00 32.08 ? 61  GLN A NE2 1 
ATOM   429  N  N   . ARG A 1 62  ? 4.292   -7.076  8.825   1.00 31.92 ? 62  ARG A N   1 
ATOM   430  C  CA  . ARG A 1 62  ? 4.725   -8.002  7.786   1.00 36.72 ? 62  ARG A CA  1 
ATOM   431  C  C   . ARG A 1 62  ? 5.223   -9.207  8.549   1.00 37.49 ? 62  ARG A C   1 
ATOM   432  O  O   . ARG A 1 62  ? 5.552   -9.110  9.733   1.00 40.02 ? 62  ARG A O   1 
ATOM   433  C  CB  . ARG A 1 62  ? 5.705   -7.511  6.658   1.00 38.81 ? 62  ARG A CB  1 
ATOM   434  C  CG  . ARG A 1 62  ? 6.916   -6.599  6.887   1.00 43.11 ? 62  ARG A CG  1 
ATOM   435  C  CD  . ARG A 1 62  ? 8.228   -7.356  7.056   1.00 45.79 ? 62  ARG A CD  1 
ATOM   436  N  NE  . ARG A 1 62  ? 9.037   -7.725  5.887   1.00 45.82 ? 62  ARG A NE  1 
ATOM   437  C  CZ  . ARG A 1 62  ? 10.292  -7.306  5.715   1.00 46.57 ? 62  ARG A CZ  1 
ATOM   438  N  NH1 . ARG A 1 62  ? 10.840  -6.491  6.601   1.00 46.49 ? 62  ARG A NH1 1 
ATOM   439  N  NH2 . ARG A 1 62  ? 11.051  -7.778  4.735   1.00 49.86 ? 62  ARG A NH2 1 
ATOM   440  N  N   . LYS A 1 63  ? 5.161   -10.364 7.910   1.00 37.21 ? 63  LYS A N   1 
ATOM   441  C  CA  . LYS A 1 63  ? 5.570   -11.584 8.556   1.00 38.04 ? 63  LYS A CA  1 
ATOM   442  C  C   . LYS A 1 63  ? 7.045   -11.791 8.258   1.00 38.78 ? 63  LYS A C   1 
ATOM   443  O  O   . LYS A 1 63  ? 7.456   -11.985 7.110   1.00 36.40 ? 63  LYS A O   1 
ATOM   444  C  CB  . LYS A 1 63  ? 4.707   -12.757 8.063   1.00 40.20 ? 63  LYS A CB  1 
ATOM   445  C  CG  . LYS A 1 63  ? 4.494   -13.865 9.112   1.00 41.39 ? 63  LYS A CG  1 
ATOM   446  C  CD  . LYS A 1 63  ? 3.719   -15.062 8.565   1.00 43.26 ? 63  LYS A CD  1 
ATOM   447  C  CE  . LYS A 1 63  ? 2.262   -14.728 8.258   0.60 44.37 ? 63  LYS A CE  1 
ATOM   448  N  NZ  . LYS A 1 63  ? 1.551   -15.853 7.583   0.60 45.60 ? 63  LYS A NZ  1 
ATOM   449  N  N   . VAL A 1 64  ? 7.840   -11.709 9.322   1.00 39.13 ? 64  VAL A N   1 
ATOM   450  C  CA  . VAL A 1 64  ? 9.287   -11.872 9.250   1.00 38.18 ? 64  VAL A CA  1 
ATOM   451  C  C   . VAL A 1 64  ? 9.696   -13.139 9.989   1.00 38.29 ? 64  VAL A C   1 
ATOM   452  O  O   . VAL A 1 64  ? 9.292   -13.368 11.136  1.00 38.61 ? 64  VAL A O   1 
ATOM   453  C  CB  . VAL A 1 64  ? 10.024  -10.664 9.893   1.00 38.31 ? 64  VAL A CB  1 
ATOM   454  C  CG1 . VAL A 1 64  ? 11.524  -10.869 9.857   1.00 38.13 ? 64  VAL A CG1 1 
ATOM   455  C  CG2 . VAL A 1 64  ? 9.677   -9.392  9.137   1.00 38.47 ? 64  VAL A CG2 1 
ATOM   456  N  N   . ASN A 1 65  ? 10.496  -13.957 9.310   1.00 37.85 ? 65  ASN A N   1 
ATOM   457  C  CA  . ASN A 1 65  ? 10.990  -15.206 9.869   1.00 37.56 ? 65  ASN A CA  1 
ATOM   458  C  C   . ASN A 1 65  ? 9.892   -16.011 10.557  1.00 36.92 ? 65  ASN A C   1 
ATOM   459  O  O   . ASN A 1 65  ? 10.086  -16.566 11.642  1.00 36.32 ? 65  ASN A O   1 
ATOM   460  C  CB  . ASN A 1 65  ? 12.147  -14.905 10.818  1.00 37.53 ? 65  ASN A CB  1 
ATOM   461  C  CG  . ASN A 1 65  ? 13.338  -14.334 10.090  1.00 38.27 ? 65  ASN A CG  1 
ATOM   462  O  OD1 . ASN A 1 65  ? 14.059  -13.486 10.609  1.00 39.12 ? 65  ASN A OD1 1 
ATOM   463  N  ND2 . ASN A 1 65  ? 13.554  -14.802 8.874   1.00 40.61 ? 65  ASN A ND2 1 
ATOM   464  N  N   . GLY A 1 66  ? 8.729   -16.047 9.910   1.00 34.62 ? 66  GLY A N   1 
ATOM   465  C  CA  . GLY A 1 66  ? 7.597   -16.786 10.437  1.00 35.00 ? 66  GLY A CA  1 
ATOM   466  C  C   . GLY A 1 66  ? 6.797   -16.062 11.503  1.00 34.44 ? 66  GLY A C   1 
ATOM   467  O  O   . GLY A 1 66  ? 5.729   -16.526 11.912  1.00 35.09 ? 66  GLY A O   1 
ATOM   468  N  N   . GLU A 1 67  ? 7.301   -14.918 11.953  1.00 33.76 ? 67  GLU A N   1 
ATOM   469  C  CA  . GLU A 1 67  ? 6.607   -14.157 12.989  1.00 33.88 ? 67  GLU A CA  1 
ATOM   470  C  C   . GLU A 1 67  ? 5.977   -12.881 12.466  1.00 32.16 ? 67  GLU A C   1 
ATOM   471  O  O   . GLU A 1 67  ? 6.577   -12.168 11.666  1.00 32.25 ? 67  GLU A O   1 
ATOM   472  C  CB  . GLU A 1 67  ? 7.569   -13.772 14.112  1.00 34.45 ? 67  GLU A CB  1 
ATOM   473  C  CG  . GLU A 1 67  ? 8.318   -14.920 14.760  1.00 36.40 ? 67  GLU A CG  1 
ATOM   474  C  CD  . GLU A 1 67  ? 7.401   -15.882 15.502  1.00 36.27 ? 67  GLU A CD  1 
ATOM   475  O  OE1 . GLU A 1 67  ? 6.353   -15.428 16.014  1.00 39.93 ? 67  GLU A OE1 1 
ATOM   476  O  OE2 . GLU A 1 67  ? 7.755   -17.075 15.577  1.00 37.91 ? 67  GLU A OE2 1 
ATOM   477  N  N   . CYS A 1 68  ? 4.772   -12.597 12.950  1.00 31.62 ? 68  CYS A N   1 
ATOM   478  C  CA  . CYS A 1 68  ? 4.027   -11.389 12.590  1.00 34.75 ? 68  CYS A CA  1 
ATOM   479  C  C   . CYS A 1 68  ? 4.728   -10.181 13.231  1.00 36.01 ? 68  CYS A C   1 
ATOM   480  O  O   . CYS A 1 68  ? 4.901   -10.133 14.447  1.00 37.15 ? 68  CYS A O   1 
ATOM   481  C  CB  . CYS A 1 68  ? 2.574   -11.503 13.084  1.00 33.28 ? 68  CYS A CB  1 
ATOM   482  S  SG  . CYS A 1 68  ? 1.451   -12.286 11.884  0.70 34.24 ? 68  CYS A SG  1 
ATOM   483  N  N   . THR A 1 69  ? 5.112   -9.200  12.418  1.00 37.01 ? 69  THR A N   1 
ATOM   484  C  CA  . THR A 1 69  ? 5.850   -8.038  12.920  1.00 35.99 ? 69  THR A CA  1 
ATOM   485  C  C   . THR A 1 69  ? 5.193   -6.672  12.729  1.00 34.65 ? 69  THR A C   1 
ATOM   486  O  O   . THR A 1 69  ? 4.402   -6.479  11.822  1.00 34.11 ? 69  THR A O   1 
ATOM   487  C  CB  . THR A 1 69  ? 7.263   -8.000  12.262  1.00 36.95 ? 69  THR A CB  1 
ATOM   488  O  OG1 . THR A 1 69  ? 7.949   -9.228  12.542  1.00 40.48 ? 69  THR A OG1 1 
ATOM   489  C  CG2 . THR A 1 69  ? 8.086   -6.835  12.785  1.00 37.07 ? 69  THR A CG2 1 
ATOM   490  N  N   . ASP A 1 70  ? 5.553   -5.726  13.588  1.00 33.67 ? 70  ASP A N   1 
ATOM   491  C  CA  . ASP A 1 70  ? 5.051   -4.359  13.524  1.00 33.40 ? 70  ASP A CA  1 
ATOM   492  C  C   . ASP A 1 70  ? 6.141   -3.434  12.975  1.00 32.60 ? 70  ASP A C   1 
ATOM   493  O  O   . ASP A 1 70  ? 7.318   -3.550  13.352  1.00 31.18 ? 70  ASP A O   1 
ATOM   494  C  CB  . ASP A 1 70  ? 4.636   -3.881  14.919  1.00 35.43 ? 70  ASP A CB  1 
ATOM   495  C  CG  . ASP A 1 70  ? 3.160   -4.121  15.212  1.00 37.26 ? 70  ASP A CG  1 
ATOM   496  O  OD1 . ASP A 1 70  ? 2.754   -4.004  16.390  1.00 40.79 ? 70  ASP A OD1 1 
ATOM   497  O  OD2 . ASP A 1 70  ? 2.394   -4.409  14.269  1.00 39.68 ? 70  ASP A OD2 1 
ATOM   498  N  N   . PHE A 1 71  ? 5.738   -2.530  12.080  1.00 32.93 ? 71  PHE A N   1 
ATOM   499  C  CA  . PHE A 1 71  ? 6.639   -1.552  11.472  1.00 33.83 ? 71  PHE A CA  1 
ATOM   500  C  C   . PHE A 1 71  ? 5.996   -0.167  11.437  1.00 35.36 ? 71  PHE A C   1 
ATOM   501  O  O   . PHE A 1 71  ? 4.777   -0.043  11.345  1.00 34.18 ? 71  PHE A O   1 
ATOM   502  C  CB  . PHE A 1 71  ? 6.993   -1.937  10.034  1.00 33.11 ? 71  PHE A CB  1 
ATOM   503  C  CG  . PHE A 1 71  ? 7.787   -3.201  9.912   1.00 32.01 ? 71  PHE A CG  1 
ATOM   504  C  CD1 . PHE A 1 71  ? 7.154   -4.445  9.944   1.00 33.56 ? 71  PHE A CD1 1 
ATOM   505  C  CD2 . PHE A 1 71  ? 9.171   -3.149  9.734   1.00 32.71 ? 71  PHE A CD2 1 
ATOM   506  C  CE1 . PHE A 1 71  ? 7.891   -5.617  9.797   1.00 34.32 ? 71  PHE A CE1 1 
ATOM   507  C  CE2 . PHE A 1 71  ? 9.916   -4.312  9.587   1.00 34.98 ? 71  PHE A CE2 1 
ATOM   508  C  CZ  . PHE A 1 71  ? 9.277   -5.550  9.615   1.00 34.67 ? 71  PHE A CZ  1 
ATOM   509  N  N   . TYR A 1 72  ? 6.828   0.871   11.504  1.00 36.37 ? 72  TYR A N   1 
ATOM   510  C  CA  . TYR A 1 72  ? 6.359   2.253   11.453  1.00 38.76 ? 72  TYR A CA  1 
ATOM   511  C  C   . TYR A 1 72  ? 7.170   3.010   10.420  1.00 38.30 ? 72  TYR A C   1 
ATOM   512  O  O   . TYR A 1 72  ? 8.340   2.715   10.212  1.00 38.38 ? 72  TYR A O   1 
ATOM   513  C  CB  . TYR A 1 72  ? 6.517   2.956   12.806  1.00 41.39 ? 72  TYR A CB  1 
ATOM   514  C  CG  . TYR A 1 72  ? 5.696   2.357   13.934  1.00 47.61 ? 72  TYR A CG  1 
ATOM   515  C  CD1 . TYR A 1 72  ? 6.190   1.290   14.702  1.00 48.42 ? 72  TYR A CD1 1 
ATOM   516  C  CD2 . TYR A 1 72  ? 4.421   2.850   14.235  1.00 47.27 ? 72  TYR A CD2 1 
ATOM   517  C  CE1 . TYR A 1 72  ? 5.434   0.731   15.741  1.00 50.48 ? 72  TYR A CE1 1 
ATOM   518  C  CE2 . TYR A 1 72  ? 3.654   2.297   15.273  1.00 49.33 ? 72  TYR A CE2 1 
ATOM   519  C  CZ  . TYR A 1 72  ? 4.164   1.240   16.019  1.00 49.90 ? 72  TYR A CZ  1 
ATOM   520  O  OH  . TYR A 1 72  ? 3.403   0.692   17.030  0.70 50.85 ? 72  TYR A OH  1 
ATOM   521  N  N   . ALA A 1 73  ? 6.545   3.992   9.782   1.00 37.37 ? 73  ALA A N   1 
ATOM   522  C  CA  . ALA A 1 73  ? 7.212   4.789   8.766   1.00 37.46 ? 73  ALA A CA  1 
ATOM   523  C  C   . ALA A 1 73  ? 6.492   6.125   8.598   1.00 37.09 ? 73  ALA A C   1 
ATOM   524  O  O   . ALA A 1 73  ? 5.259   6.174   8.590   1.00 37.19 ? 73  ALA A O   1 
ATOM   525  C  CB  . ALA A 1 73  ? 7.221   4.030   7.440   1.00 38.83 ? 73  ALA A CB  1 
ATOM   526  N  N   . VAL A 1 74  ? 7.260   7.206   8.487   1.00 34.74 ? 74  VAL A N   1 
ATOM   527  C  CA  . VAL A 1 74  ? 6.688   8.535   8.278   1.00 33.97 ? 74  VAL A CA  1 
ATOM   528  C  C   . VAL A 1 74  ? 6.936   8.886   6.818   1.00 34.40 ? 74  VAL A C   1 
ATOM   529  O  O   . VAL A 1 74  ? 8.072   8.825   6.335   1.00 36.02 ? 74  VAL A O   1 
ATOM   530  C  CB  . VAL A 1 74  ? 7.363   9.613   9.161   1.00 33.80 ? 74  VAL A CB  1 
ATOM   531  C  CG1 . VAL A 1 74  ? 6.788   10.987  8.843   1.00 33.08 ? 74  VAL A CG1 1 
ATOM   532  C  CG2 . VAL A 1 74  ? 7.172   9.278   10.619  1.00 32.92 ? 74  VAL A CG2 1 
ATOM   533  N  N   . CYS A 1 75  ? 5.874   9.233   6.110   1.00 33.48 ? 75  CYS A N   1 
ATOM   534  C  CA  . CYS A 1 75  ? 5.983   9.588   4.707   1.00 34.48 ? 75  CYS A CA  1 
ATOM   535  C  C   . CYS A 1 75  ? 5.829   11.090  4.587   1.00 36.33 ? 75  CYS A C   1 
ATOM   536  O  O   . CYS A 1 75  ? 4.833   11.650  5.013   1.00 35.00 ? 75  CYS A O   1 
ATOM   537  C  CB  . CYS A 1 75  ? 4.886   8.891   3.902   1.00 34.94 ? 75  CYS A CB  1 
ATOM   538  S  SG  . CYS A 1 75  ? 4.706   7.142   4.321   1.00 34.83 ? 75  CYS A SG  1 
ATOM   539  N  N   . ASP A 1 76  ? 6.817   11.747  4.003   1.00 36.82 ? 76  ASP A N   1 
ATOM   540  C  CA  . ASP A 1 76  ? 6.741   13.183  3.855   1.00 38.11 ? 76  ASP A CA  1 
ATOM   541  C  C   . ASP A 1 76  ? 6.064   13.602  2.553   1.00 38.95 ? 76  ASP A C   1 
ATOM   542  O  O   . ASP A 1 76  ? 6.327   13.059  1.487   1.00 37.83 ? 76  ASP A O   1 
ATOM   543  C  CB  . ASP A 1 76  ? 8.139   13.795  3.951   1.00 40.13 ? 76  ASP A CB  1 
ATOM   544  C  CG  . ASP A 1 76  ? 8.775   13.573  5.308   1.00 41.81 ? 76  ASP A CG  1 
ATOM   545  O  OD1 . ASP A 1 76  ? 8.156   13.959  6.322   1.00 43.02 ? 76  ASP A OD1 1 
ATOM   546  O  OD2 . ASP A 1 76  ? 9.892   13.016  5.367   1.00 43.66 ? 76  ASP A OD2 1 
ATOM   547  N  N   . LYS A 1 77  ? 5.179   14.582  2.666   1.00 39.44 ? 77  LYS A N   1 
ATOM   548  C  CA  . LYS A 1 77  ? 4.431   15.120  1.541   1.00 41.25 ? 77  LYS A CA  1 
ATOM   549  C  C   . LYS A 1 77  ? 5.434   15.788  0.584   1.00 41.99 ? 77  LYS A C   1 
ATOM   550  O  O   . LYS A 1 77  ? 6.266   16.586  1.015   1.00 42.75 ? 77  LYS A O   1 
ATOM   551  C  CB  . LYS A 1 77  ? 3.417   16.135  2.099   1.00 42.37 ? 77  LYS A CB  1 
ATOM   552  C  CG  . LYS A 1 77  ? 2.149   16.343  1.294   1.00 45.39 ? 77  LYS A CG  1 
ATOM   553  C  CD  . LYS A 1 77  ? 2.422   17.100  0.017   1.00 47.84 ? 77  LYS A CD  1 
ATOM   554  C  CE  . LYS A 1 77  ? 1.183   17.859  -0.416  1.00 50.53 ? 77  LYS A CE  1 
ATOM   555  N  NZ  . LYS A 1 77  ? -0.033  17.002  -0.365  1.00 52.28 ? 77  LYS A NZ  1 
ATOM   556  N  N   . VAL A 1 78  ? 5.361   15.440  -0.702  1.00 42.98 ? 78  VAL A N   1 
ATOM   557  C  CA  . VAL A 1 78  ? 6.250   15.994  -1.737  1.00 45.51 ? 78  VAL A CA  1 
ATOM   558  C  C   . VAL A 1 78  ? 5.413   16.565  -2.863  1.00 45.93 ? 78  VAL A C   1 
ATOM   559  O  O   . VAL A 1 78  ? 5.902   17.209  -3.795  1.00 47.60 ? 78  VAL A O   1 
ATOM   560  C  CB  . VAL A 1 78  ? 7.169   14.897  -2.343  1.00 45.16 ? 78  VAL A CB  1 
ATOM   561  C  CG1 . VAL A 1 78  ? 6.321   13.818  -3.001  1.00 47.41 ? 78  VAL A CG1 1 
ATOM   562  C  CG2 . VAL A 1 78  ? 8.106   15.502  -3.390  1.00 47.18 ? 78  VAL A CG2 1 
ATOM   563  N  N   . GLY A 1 79  ? 4.130   16.295  -2.769  1.00 45.46 ? 79  GLY A N   1 
ATOM   564  C  CA  . GLY A 1 79  ? 3.241   16.769  -3.784  1.00 45.65 ? 79  GLY A CA  1 
ATOM   565  C  C   . GLY A 1 79  ? 1.851   16.477  -3.304  1.00 47.08 ? 79  GLY A C   1 
ATOM   566  O  O   . GLY A 1 79  ? 1.615   15.720  -2.358  1.00 45.38 ? 79  GLY A O   1 
ATOM   567  N  N   . ASP A 1 80  ? 0.911   17.104  -3.969  1.00 47.17 ? 80  ASP A N   1 
ATOM   568  C  CA  . ASP A 1 80  ? -0.467  16.913  -3.628  1.00 48.27 ? 80  ASP A CA  1 
ATOM   569  C  C   . ASP A 1 80  ? -0.830  15.492  -4.048  1.00 46.89 ? 80  ASP A C   1 
ATOM   570  O  O   . ASP A 1 80  ? -0.917  15.174  -5.241  1.00 47.44 ? 80  ASP A O   1 
ATOM   571  C  CB  . ASP A 1 80  ? -1.254  18.020  -4.313  1.00 49.90 ? 80  ASP A CB  1 
ATOM   572  C  CG  . ASP A 1 80  ? -1.020  19.397  -3.618  1.00 52.20 ? 80  ASP A CG  1 
ATOM   573  O  OD1 . ASP A 1 80  ? -1.510  19.563  -2.477  0.50 53.45 ? 80  ASP A OD1 1 
ATOM   574  O  OD2 . ASP A 1 80  ? -0.332  20.280  -4.184  0.50 53.65 ? 80  ASP A OD2 1 
ATOM   575  N  N   . GLY A 1 81  ? -0.975  14.631  -3.039  1.00 45.49 ? 81  GLY A N   1 
ATOM   576  C  CA  . GLY A 1 81  ? -1.301  13.229  -3.258  1.00 45.02 ? 81  GLY A CA  1 
ATOM   577  C  C   . GLY A 1 81  ? -0.061  12.347  -3.365  1.00 44.12 ? 81  GLY A C   1 
ATOM   578  O  O   . GLY A 1 81  ? -0.162  11.121  -3.511  1.00 43.54 ? 81  GLY A O   1 
ATOM   579  N  N   . VAL A 1 82  ? 1.114   12.972  -3.280  1.00 42.85 ? 82  VAL A N   1 
ATOM   580  C  CA  . VAL A 1 82  ? 2.384   12.254  -3.394  1.00 41.37 ? 82  VAL A CA  1 
ATOM   581  C  C   . VAL A 1 82  ? 3.219   12.345  -2.110  1.00 39.20 ? 82  VAL A C   1 
ATOM   582  O  O   . VAL A 1 82  ? 3.241   13.372  -1.433  1.00 38.35 ? 82  VAL A O   1 
ATOM   583  C  CB  . VAL A 1 82  ? 3.219   12.800  -4.583  1.00 42.23 ? 82  VAL A CB  1 
ATOM   584  C  CG1 . VAL A 1 82  ? 4.383   11.869  -4.879  1.00 42.10 ? 82  VAL A CG1 1 
ATOM   585  C  CG2 . VAL A 1 82  ? 2.348   12.923  -5.823  1.00 42.71 ? 82  VAL A CG2 1 
ATOM   586  N  N   . TYR A 1 83  ? 3.890   11.246  -1.784  1.00 37.14 ? 83  TYR A N   1 
ATOM   587  C  CA  . TYR A 1 83  ? 4.728   11.160  -0.596  1.00 36.22 ? 83  TYR A CA  1 
ATOM   588  C  C   . TYR A 1 83  ? 6.020   10.421  -0.866  1.00 34.68 ? 83  TYR A C   1 
ATOM   589  O  O   . TYR A 1 83  ? 6.178   9.774   -1.909  1.00 33.09 ? 83  TYR A O   1 
ATOM   590  C  CB  . TYR A 1 83  ? 3.997   10.447  0.535   1.00 36.82 ? 83  TYR A CB  1 
ATOM   591  C  CG  . TYR A 1 83  ? 2.776   11.177  0.981   1.00 38.94 ? 83  TYR A CG  1 
ATOM   592  C  CD1 . TYR A 1 83  ? 1.578   11.080  0.270   1.00 38.15 ? 83  TYR A CD1 1 
ATOM   593  C  CD2 . TYR A 1 83  ? 2.830   12.026  2.078   1.00 40.03 ? 83  TYR A CD2 1 
ATOM   594  C  CE1 . TYR A 1 83  ? 0.462   11.817  0.643   1.00 40.42 ? 83  TYR A CE1 1 
ATOM   595  C  CE2 . TYR A 1 83  ? 1.729   12.769  2.459   1.00 39.63 ? 83  TYR A CE2 1 
ATOM   596  C  CZ  . TYR A 1 83  ? 0.550   12.661  1.737   1.00 40.05 ? 83  TYR A CZ  1 
ATOM   597  O  OH  . TYR A 1 83  ? -0.536  13.410  2.124   1.00 42.53 ? 83  TYR A OH  1 
ATOM   598  N  N   . THR A 1 84  ? 6.931   10.514  0.096   1.00 34.10 ? 84  THR A N   1 
ATOM   599  C  CA  . THR A 1 84  ? 8.227   9.877   -0.008  1.00 32.57 ? 84  THR A CA  1 
ATOM   600  C  C   . THR A 1 84  ? 8.533   9.198   1.303   1.00 32.68 ? 84  THR A C   1 
ATOM   601  O  O   . THR A 1 84  ? 8.277   9.759   2.374   1.00 32.22 ? 84  THR A O   1 
ATOM   602  C  CB  . THR A 1 84  ? 9.319   10.903  -0.273  1.00 34.56 ? 84  THR A CB  1 
ATOM   603  O  OG1 . THR A 1 84  ? 9.411   11.794  0.848   1.00 34.83 ? 84  THR A OG1 1 
ATOM   604  C  CG2 . THR A 1 84  ? 9.000   11.693  -1.526  1.00 34.66 ? 84  THR A CG2 1 
ATOM   605  N  N   . VAL A 1 85  ? 9.084   7.989   1.205   1.00 31.19 ? 85  VAL A N   1 
ATOM   606  C  CA  . VAL A 1 85  ? 9.450   7.187   2.365   1.00 29.55 ? 85  VAL A CA  1 
ATOM   607  C  C   . VAL A 1 85  ? 10.725  6.384   2.166   1.00 29.77 ? 85  VAL A C   1 
ATOM   608  O  O   . VAL A 1 85  ? 10.982  5.851   1.090   1.00 28.37 ? 85  VAL A O   1 
ATOM   609  C  CB  . VAL A 1 85  ? 8.355   6.149   2.750   1.00 30.36 ? 85  VAL A CB  1 
ATOM   610  C  CG1 . VAL A 1 85  ? 7.690   6.564   4.043   1.00 30.32 ? 85  VAL A CG1 1 
ATOM   611  C  CG2 . VAL A 1 85  ? 7.330   5.980   1.619   1.00 30.27 ? 85  VAL A CG2 1 
ATOM   612  N  N   . ALA A 1 86  ? 11.521  6.303   3.220   1.00 27.08 ? 86  ALA A N   1 
ATOM   613  C  CA  . ALA A 1 86  ? 12.726  5.515   3.181   1.00 28.19 ? 86  ALA A CA  1 
ATOM   614  C  C   . ALA A 1 86  ? 12.318  4.175   3.815   1.00 29.62 ? 86  ALA A C   1 
ATOM   615  O  O   . ALA A 1 86  ? 11.859  4.131   4.967   1.00 30.18 ? 86  ALA A O   1 
ATOM   616  C  CB  . ALA A 1 86  ? 13.825  6.195   3.994   1.00 31.00 ? 86  ALA A CB  1 
ATOM   617  N  N   . TYR A 1 87  ? 12.442  3.095   3.048   1.00 28.01 ? 87  TYR A N   1 
ATOM   618  C  CA  . TYR A 1 87  ? 12.103  1.757   3.525   1.00 28.84 ? 87  TYR A CA  1 
ATOM   619  C  C   . TYR A 1 87  ? 12.615  0.791   2.488   1.00 30.04 ? 87  TYR A C   1 
ATOM   620  O  O   . TYR A 1 87  ? 12.042  0.693   1.402   1.00 30.38 ? 87  TYR A O   1 
ATOM   621  C  CB  . TYR A 1 87  ? 10.594  1.582   3.654   1.00 28.46 ? 87  TYR A CB  1 
ATOM   622  C  CG  . TYR A 1 87  ? 10.191  0.168   4.030   1.00 29.56 ? 87  TYR A CG  1 
ATOM   623  C  CD1 . TYR A 1 87  ? 10.397  -0.315  5.319   1.00 28.89 ? 87  TYR A CD1 1 
ATOM   624  C  CD2 . TYR A 1 87  ? 9.629   -0.696  3.083   1.00 31.33 ? 87  TYR A CD2 1 
ATOM   625  C  CE1 . TYR A 1 87  ? 10.056  -1.620  5.653   1.00 29.05 ? 87  TYR A CE1 1 
ATOM   626  C  CE2 . TYR A 1 87  ? 9.288   -2.002  3.409   1.00 29.24 ? 87  TYR A CE2 1 
ATOM   627  C  CZ  . TYR A 1 87  ? 9.506   -2.458  4.696   1.00 29.31 ? 87  TYR A CZ  1 
ATOM   628  O  OH  . TYR A 1 87  ? 9.197   -3.757  5.036   1.00 27.82 ? 87  TYR A OH  1 
ATOM   629  N  N   . TYR A 1 88  ? 13.675  0.062   2.815   1.00 29.94 ? 88  TYR A N   1 
ATOM   630  C  CA  . TYR A 1 88  ? 14.239  -0.856  1.842   1.00 31.96 ? 88  TYR A CA  1 
ATOM   631  C  C   . TYR A 1 88  ? 14.545  -0.049  0.586   1.00 31.04 ? 88  TYR A C   1 
ATOM   632  O  O   . TYR A 1 88  ? 14.308  -0.502  -0.536  1.00 31.35 ? 88  TYR A O   1 
ATOM   633  C  CB  . TYR A 1 88  ? 13.249  -1.979  1.556   1.00 33.57 ? 88  TYR A CB  1 
ATOM   634  C  CG  . TYR A 1 88  ? 13.423  -3.101  2.535   1.00 36.22 ? 88  TYR A CG  1 
ATOM   635  C  CD1 . TYR A 1 88  ? 14.450  -4.018  2.371   1.00 38.00 ? 88  TYR A CD1 1 
ATOM   636  C  CD2 . TYR A 1 88  ? 12.627  -3.201  3.670   1.00 36.44 ? 88  TYR A CD2 1 
ATOM   637  C  CE1 . TYR A 1 88  ? 14.683  -5.001  3.306   1.00 37.99 ? 88  TYR A CE1 1 
ATOM   638  C  CE2 . TYR A 1 88  ? 12.857  -4.188  4.619   1.00 36.50 ? 88  TYR A CE2 1 
ATOM   639  C  CZ  . TYR A 1 88  ? 13.889  -5.081  4.423   1.00 36.79 ? 88  TYR A CZ  1 
ATOM   640  O  OH  . TYR A 1 88  ? 14.150  -6.073  5.326   1.00 39.29 ? 88  TYR A OH  1 
ATOM   641  N  N   . GLY A 1 89  ? 15.067  1.161   0.810   1.00 29.20 ? 89  GLY A N   1 
ATOM   642  C  CA  . GLY A 1 89  ? 15.412  2.072   -0.270  1.00 28.43 ? 89  GLY A CA  1 
ATOM   643  C  C   . GLY A 1 89  ? 14.590  3.354   -0.225  1.00 27.80 ? 89  GLY A C   1 
ATOM   644  O  O   . GLY A 1 89  ? 13.967  3.652   0.790   1.00 27.23 ? 89  GLY A O   1 
ATOM   645  N  N   . GLU A 1 90  ? 14.604  4.121   -1.312  1.00 25.94 ? 90  GLU A N   1 
ATOM   646  C  CA  . GLU A 1 90  ? 13.828  5.348   -1.388  1.00 28.52 ? 90  GLU A CA  1 
ATOM   647  C  C   . GLU A 1 90  ? 12.538  5.043   -2.105  1.00 29.20 ? 90  GLU A C   1 
ATOM   648  O  O   . GLU A 1 90  ? 12.536  4.533   -3.224  1.00 27.74 ? 90  GLU A O   1 
ATOM   649  C  CB  . GLU A 1 90  ? 14.577  6.445   -2.143  1.00 28.53 ? 90  GLU A CB  1 
ATOM   650  C  CG  . GLU A 1 90  ? 15.774  6.966   -1.399  1.00 36.86 ? 90  GLU A CG  1 
ATOM   651  C  CD  . GLU A 1 90  ? 15.448  7.310   0.041   1.00 41.92 ? 90  GLU A CD  1 
ATOM   652  O  OE1 . GLU A 1 90  ? 16.245  6.943   0.924   1.00 45.62 ? 90  GLU A OE1 1 
ATOM   653  O  OE2 . GLU A 1 90  ? 14.401  7.944   0.296   1.00 46.82 ? 90  GLU A OE2 1 
ATOM   654  N  N   . ASN A 1 91  ? 11.434  5.367   -1.452  1.00 28.10 ? 91  ASN A N   1 
ATOM   655  C  CA  . ASN A 1 91  ? 10.129  5.127   -2.027  1.00 30.46 ? 91  ASN A CA  1 
ATOM   656  C  C   . ASN A 1 91  ? 9.404   6.424   -2.293  1.00 31.66 ? 91  ASN A C   1 
ATOM   657  O  O   . ASN A 1 91  ? 9.529   7.387   -1.544  1.00 31.20 ? 91  ASN A O   1 
ATOM   658  C  CB  . ASN A 1 91  ? 9.298   4.269   -1.084  1.00 29.78 ? 91  ASN A CB  1 
ATOM   659  C  CG  . ASN A 1 91  ? 9.929   2.933   -0.827  1.00 30.29 ? 91  ASN A CG  1 
ATOM   660  O  OD1 . ASN A 1 91  ? 9.971   2.081   -1.706  1.00 26.66 ? 91  ASN A OD1 1 
ATOM   661  N  ND2 . ASN A 1 91  ? 10.442  2.741   0.379   1.00 28.62 ? 91  ASN A ND2 1 
ATOM   662  N  N   . LYS A 1 92  ? 8.659   6.442   -3.383  1.00 32.35 ? 92  LYS A N   1 
ATOM   663  C  CA  . LYS A 1 92  ? 7.874   7.595   -3.754  1.00 33.92 ? 92  LYS A CA  1 
ATOM   664  C  C   . LYS A 1 92  ? 6.578   6.978   -4.244  1.00 34.18 ? 92  LYS A C   1 
ATOM   665  O  O   . LYS A 1 92  ? 6.591   6.207   -5.204  1.00 34.82 ? 92  LYS A O   1 
ATOM   666  C  CB  . LYS A 1 92  ? 8.534   8.374   -4.885  1.00 35.03 ? 92  LYS A CB  1 
ATOM   667  C  CG  . LYS A 1 92  ? 7.879   9.733   -5.091  1.00 39.05 ? 92  LYS A CG  1 
ATOM   668  C  CD  . LYS A 1 92  ? 8.227   10.341  -6.425  0.30 38.62 ? 92  LYS A CD  1 
ATOM   669  C  CE  . LYS A 1 92  ? 7.332   11.530  -6.715  0.30 38.48 ? 92  LYS A CE  1 
ATOM   670  N  NZ  . LYS A 1 92  ? 7.551   12.043  -8.086  0.30 40.03 ? 92  LYS A NZ  1 
ATOM   671  N  N   . PHE A 1 93  ? 5.467   7.290   -3.583  1.00 34.29 ? 93  PHE A N   1 
ATOM   672  C  CA  . PHE A 1 93  ? 4.180   6.730   -3.992  1.00 35.23 ? 93  PHE A CA  1 
ATOM   673  C  C   . PHE A 1 93  ? 3.123   7.794   -4.223  1.00 35.80 ? 93  PHE A C   1 
ATOM   674  O  O   . PHE A 1 93  ? 3.168   8.863   -3.619  1.00 34.95 ? 93  PHE A O   1 
ATOM   675  C  CB  . PHE A 1 93  ? 3.665   5.709   -2.964  1.00 31.17 ? 93  PHE A CB  1 
ATOM   676  C  CG  . PHE A 1 93  ? 3.379   6.279   -1.605  1.00 29.57 ? 93  PHE A CG  1 
ATOM   677  C  CD1 . PHE A 1 93  ? 4.364   6.317   -0.629  1.00 29.29 ? 93  PHE A CD1 1 
ATOM   678  C  CD2 . PHE A 1 93  ? 2.114   6.759   -1.290  1.00 26.57 ? 93  PHE A CD2 1 
ATOM   679  C  CE1 . PHE A 1 93  ? 4.087   6.802   0.643   1.00 29.59 ? 93  PHE A CE1 1 
ATOM   680  C  CE2 . PHE A 1 93  ? 1.834   7.247   -0.019  1.00 26.96 ? 93  PHE A CE2 1 
ATOM   681  C  CZ  . PHE A 1 93  ? 2.822   7.274   0.942   1.00 28.03 ? 93  PHE A CZ  1 
ATOM   682  N  N   . ARG A 1 94  ? 2.174   7.500   -5.106  1.00 36.06 ? 94  ARG A N   1 
ATOM   683  C  CA  . ARG A 1 94  ? 1.114   8.450   -5.393  1.00 36.88 ? 94  ARG A CA  1 
ATOM   684  C  C   . ARG A 1 94  ? -0.249  7.800   -5.228  1.00 35.73 ? 94  ARG A C   1 
ATOM   685  O  O   . ARG A 1 94  ? -0.469  6.656   -5.636  1.00 35.75 ? 94  ARG A O   1 
ATOM   686  C  CB  . ARG A 1 94  ? 1.261   8.998   -6.811  1.00 37.80 ? 94  ARG A CB  1 
ATOM   687  C  CG  . ARG A 1 94  ? 0.472   10.271  -7.072  1.00 40.80 ? 94  ARG A CG  1 
ATOM   688  C  CD  . ARG A 1 94  ? 0.671   10.715  -8.499  1.00 42.49 ? 94  ARG A CD  1 
ATOM   689  N  NE  . ARG A 1 94  ? 0.305   9.638   -9.413  1.00 44.67 ? 94  ARG A NE  1 
ATOM   690  C  CZ  . ARG A 1 94  ? 0.842   9.457   -10.612 1.00 45.02 ? 94  ARG A CZ  1 
ATOM   691  N  NH1 . ARG A 1 94  ? 1.777   10.280  -11.062 0.40 45.92 ? 94  ARG A NH1 1 
ATOM   692  N  NH2 . ARG A 1 94  ? 0.457   8.439   -11.358 1.00 45.49 ? 94  ARG A NH2 1 
ATOM   693  N  N   . LEU A 1 95  ? -1.163  8.538   -4.620  1.00 35.44 ? 95  LEU A N   1 
ATOM   694  C  CA  . LEU A 1 95  ? -2.512  8.046   -4.400  1.00 37.17 ? 95  LEU A CA  1 
ATOM   695  C  C   . LEU A 1 95  ? -3.314  8.300   -5.662  1.00 38.03 ? 95  LEU A C   1 
ATOM   696  O  O   . LEU A 1 95  ? -3.571  9.457   -6.004  1.00 39.81 ? 95  LEU A O   1 
ATOM   697  C  CB  . LEU A 1 95  ? -3.159  8.795   -3.235  1.00 36.62 ? 95  LEU A CB  1 
ATOM   698  C  CG  . LEU A 1 95  ? -2.399  8.843   -1.902  1.00 35.76 ? 95  LEU A CG  1 
ATOM   699  C  CD1 . LEU A 1 95  ? -3.223  9.648   -0.916  1.00 35.60 ? 95  LEU A CD1 1 
ATOM   700  C  CD2 . LEU A 1 95  ? -2.137  7.438   -1.375  1.00 35.28 ? 95  LEU A CD2 1 
ATOM   701  N  N   . LEU A 1 96  ? -3.718  7.243   -6.363  1.00 37.71 ? 96  LEU A N   1 
ATOM   702  C  CA  . LEU A 1 96  ? -4.503  7.437   -7.587  1.00 41.17 ? 96  LEU A CA  1 
ATOM   703  C  C   . LEU A 1 96  ? -5.992  7.635   -7.309  1.00 43.32 ? 96  LEU A C   1 
ATOM   704  O  O   . LEU A 1 96  ? -6.608  8.564   -7.820  1.00 43.64 ? 96  LEU A O   1 
ATOM   705  C  CB  . LEU A 1 96  ? -4.382  6.248   -8.522  1.00 38.55 ? 96  LEU A CB  1 
ATOM   706  C  CG  . LEU A 1 96  ? -3.045  5.553   -8.768  1.00 41.61 ? 96  LEU A CG  1 
ATOM   707  C  CD1 . LEU A 1 96  ? -3.206  4.688   -10.004 1.00 40.77 ? 96  LEU A CD1 1 
ATOM   708  C  CD2 . LEU A 1 96  ? -1.928  6.544   -8.958  1.00 40.35 ? 96  LEU A CD2 1 
ATOM   709  N  N   . GLU A 1 97  ? -6.575  6.763   -6.494  1.00 44.97 ? 97  GLU A N   1 
ATOM   710  C  CA  . GLU A 1 97  ? -8.004  6.848   -6.185  1.00 47.29 ? 97  GLU A CA  1 
ATOM   711  C  C   . GLU A 1 97  ? -8.328  6.723   -4.709  1.00 47.48 ? 97  GLU A C   1 
ATOM   712  O  O   . GLU A 1 97  ? -7.873  5.780   -4.041  1.00 47.34 ? 97  GLU A O   1 
ATOM   713  C  CB  . GLU A 1 97  ? -8.752  5.739   -6.900  1.00 49.73 ? 97  GLU A CB  1 
ATOM   714  C  CG  . GLU A 1 97  ? -9.018  5.995   -8.358  1.00 53.80 ? 97  GLU A CG  1 
ATOM   715  C  CD  . GLU A 1 97  ? -9.684  4.794   -8.997  1.00 54.81 ? 97  GLU A CD  1 
ATOM   716  O  OE1 . GLU A 1 97  ? -9.755  3.749   -8.316  0.70 56.30 ? 97  GLU A OE1 1 
ATOM   717  O  OE2 . GLU A 1 97  ? -10.123 4.895   -10.158 1.00 57.52 ? 97  GLU A OE2 1 
ATOM   718  N  N   . VAL A 1 98  ? -9.134  7.646   -4.193  1.00 47.56 ? 98  VAL A N   1 
ATOM   719  C  CA  . VAL A 1 98  ? -9.489  7.557   -2.791  1.00 48.21 ? 98  VAL A CA  1 
ATOM   720  C  C   . VAL A 1 98  ? -10.948 7.809   -2.439  1.00 48.89 ? 98  VAL A C   1 
ATOM   721  O  O   . VAL A 1 98  ? -11.474 8.905   -2.663  1.00 50.05 ? 98  VAL A O   1 
ATOM   722  C  CB  . VAL A 1 98  ? -8.636  8.520   -1.936  1.00 47.71 ? 98  VAL A CB  1 
ATOM   723  C  CG1 . VAL A 1 98  ? -8.933  8.302   -0.464  1.00 47.25 ? 98  VAL A CG1 1 
ATOM   724  C  CG2 . VAL A 1 98  ? -7.157  8.307   -2.204  1.00 48.67 ? 98  VAL A CG2 1 
ATOM   725  N  N   . ASN A 1 99  ? -11.604 6.773   -1.921  1.00 47.95 ? 99  ASN A N   1 
ATOM   726  C  CA  . ASN A 1 99  ? -12.966 6.901   -1.430  1.00 46.13 ? 99  ASN A CA  1 
ATOM   727  C  C   . ASN A 1 99  ? -12.718 6.698   0.053   1.00 45.20 ? 99  ASN A C   1 
ATOM   728  O  O   . ASN A 1 99  ? -12.648 5.563   0.539   1.00 45.14 ? 99  ASN A O   1 
ATOM   729  C  CB  . ASN A 1 99  ? -13.892 5.801   -1.940  1.00 45.63 ? 99  ASN A CB  1 
ATOM   730  C  CG  . ASN A 1 99  ? -15.326 5.976   -1.435  1.00 45.17 ? 99  ASN A CG  1 
ATOM   731  O  OD1 . ASN A 1 99  ? -15.589 6.774   -0.534  1.00 44.88 ? 99  ASN A OD1 1 
ATOM   732  N  ND2 . ASN A 1 99  ? -16.253 5.226   -2.013  1.00 44.41 ? 99  ASN A ND2 1 
ATOM   733  N  N   . TYR A 1 100 ? -12.544 7.815   0.746   1.00 43.78 ? 100 TYR A N   1 
ATOM   734  C  CA  . TYR A 1 100 ? -12.259 7.844   2.171   1.00 45.12 ? 100 TYR A CA  1 
ATOM   735  C  C   . TYR A 1 100 ? -13.039 6.829   2.986   1.00 44.42 ? 100 TYR A C   1 
ATOM   736  O  O   . TYR A 1 100 ? -12.565 6.325   4.002   1.00 42.61 ? 100 TYR A O   1 
ATOM   737  C  CB  . TYR A 1 100 ? -12.519 9.256   2.703   1.00 46.25 ? 100 TYR A CB  1 
ATOM   738  C  CG  . TYR A 1 100 ? -11.805 10.315  1.900   1.00 49.25 ? 100 TYR A CG  1 
ATOM   739  C  CD1 . TYR A 1 100 ? -10.464 10.161  1.553   1.00 49.92 ? 100 TYR A CD1 1 
ATOM   740  C  CD2 . TYR A 1 100 ? -12.457 11.478  1.494   1.00 49.55 ? 100 TYR A CD2 1 
ATOM   741  C  CE1 . TYR A 1 100 ? -9.788  11.137  0.819   1.00 50.05 ? 100 TYR A CE1 1 
ATOM   742  C  CE2 . TYR A 1 100 ? -11.785 12.465  0.759   1.00 50.54 ? 100 TYR A CE2 1 
ATOM   743  C  CZ  . TYR A 1 100 ? -10.451 12.282  0.429   1.00 51.84 ? 100 TYR A CZ  1 
ATOM   744  O  OH  . TYR A 1 100 ? -9.777  13.251  -0.278  1.00 51.34 ? 100 TYR A OH  1 
ATOM   745  N  N   . SER A 1 101 ? -14.238 6.526   2.516   1.00 44.46 ? 101 SER A N   1 
ATOM   746  C  CA  . SER A 1 101 ? -15.122 5.599   3.189   1.00 45.95 ? 101 SER A CA  1 
ATOM   747  C  C   . SER A 1 101 ? -14.796 4.138   2.928   1.00 45.94 ? 101 SER A C   1 
ATOM   748  O  O   . SER A 1 101 ? -14.856 3.313   3.831   1.00 46.71 ? 101 SER A O   1 
ATOM   749  C  CB  . SER A 1 101 ? -16.572 5.855   2.742   1.00 46.71 ? 101 SER A CB  1 
ATOM   750  O  OG  . SER A 1 101 ? -16.905 7.228   2.799   1.00 49.02 ? 101 SER A OG  1 
ATOM   751  N  N   . ASP A 1 102 ? -14.441 3.821   1.690   1.00 45.24 ? 102 ASP A N   1 
ATOM   752  C  CA  . ASP A 1 102 ? -14.206 2.436   1.308   1.00 44.44 ? 102 ASP A CA  1 
ATOM   753  C  C   . ASP A 1 102 ? -12.775 1.976   1.048   1.00 43.63 ? 102 ASP A C   1 
ATOM   754  O  O   . ASP A 1 102 ? -12.320 1.006   1.667   1.00 42.91 ? 102 ASP A O   1 
ATOM   755  C  CB  . ASP A 1 102 ? -15.065 2.118   0.071   1.00 45.77 ? 102 ASP A CB  1 
ATOM   756  C  CG  . ASP A 1 102 ? -15.190 0.615   -0.207  1.00 47.41 ? 102 ASP A CG  1 
ATOM   757  O  OD1 . ASP A 1 102 ? -14.635 -0.196  0.564   0.60 49.64 ? 102 ASP A OD1 1 
ATOM   758  O  OD2 . ASP A 1 102 ? -15.856 0.257   -1.200  0.70 49.55 ? 102 ASP A OD2 1 
ATOM   759  N  N   . TYR A 1 103 ? -12.061 2.665   0.159   1.00 41.66 ? 103 TYR A N   1 
ATOM   760  C  CA  . TYR A 1 103 ? -10.723 2.210   -0.195  1.00 41.14 ? 103 TYR A CA  1 
ATOM   761  C  C   . TYR A 1 103 ? -9.797  3.268   -0.744  1.00 40.93 ? 103 TYR A C   1 
ATOM   762  O  O   . TYR A 1 103 ? -10.133 4.454   -0.825  1.00 39.34 ? 103 TYR A O   1 
ATOM   763  C  CB  . TYR A 1 103 ? -10.842 1.114   -1.257  1.00 43.19 ? 103 TYR A CB  1 
ATOM   764  C  CG  . TYR A 1 103 ? -11.320 1.666   -2.590  1.00 45.64 ? 103 TYR A CG  1 
ATOM   765  C  CD1 . TYR A 1 103 ? -10.470 1.719   -3.696  1.00 45.84 ? 103 TYR A CD1 1 
ATOM   766  C  CD2 . TYR A 1 103 ? -12.622 2.165   -2.737  1.00 46.77 ? 103 TYR A CD2 1 
ATOM   767  C  CE1 . TYR A 1 103 ? -10.900 2.246   -4.920  1.00 46.34 ? 103 TYR A CE1 1 
ATOM   768  C  CE2 . TYR A 1 103 ? -13.062 2.699   -3.953  1.00 47.55 ? 103 TYR A CE2 1 
ATOM   769  C  CZ  . TYR A 1 103 ? -12.195 2.732   -5.041  1.00 48.38 ? 103 TYR A CZ  1 
ATOM   770  O  OH  . TYR A 1 103 ? -12.633 3.228   -6.248  1.00 46.77 ? 103 TYR A OH  1 
ATOM   771  N  N   . VAL A 1 104 ? -8.633  2.783   -1.162  1.00 40.28 ? 104 VAL A N   1 
ATOM   772  C  CA  . VAL A 1 104 ? -7.595  3.600   -1.741  1.00 40.51 ? 104 VAL A CA  1 
ATOM   773  C  C   . VAL A 1 104 ? -6.738  2.687   -2.599  1.00 40.07 ? 104 VAL A C   1 
ATOM   774  O  O   . VAL A 1 104 ? -6.604  1.500   -2.309  1.00 40.72 ? 104 VAL A O   1 
ATOM   775  C  CB  . VAL A 1 104 ? -6.690  4.222   -0.656  1.00 41.99 ? 104 VAL A CB  1 
ATOM   776  C  CG1 . VAL A 1 104 ? -7.515  4.995   0.344   1.00 43.17 ? 104 VAL A CG1 1 
ATOM   777  C  CG2 . VAL A 1 104 ? -5.918  3.145   0.060   1.00 41.93 ? 104 VAL A CG2 1 
ATOM   778  N  N   . ILE A 1 105 ? -6.178  3.241   -3.667  1.00 37.93 ? 105 ILE A N   1 
ATOM   779  C  CA  . ILE A 1 105 ? -5.286  2.500   -4.547  1.00 38.45 ? 105 ILE A CA  1 
ATOM   780  C  C   . ILE A 1 105 ? -4.128  3.453   -4.862  1.00 36.74 ? 105 ILE A C   1 
ATOM   781  O  O   . ILE A 1 105 ? -4.339  4.574   -5.307  1.00 37.58 ? 105 ILE A O   1 
ATOM   782  C  CB  . ILE A 1 105 ? -6.027  2.007   -5.829  1.00 38.21 ? 105 ILE A CB  1 
ATOM   783  C  CG1 . ILE A 1 105 ? -5.141  2.176   -7.066  1.00 38.48 ? 105 ILE A CG1 1 
ATOM   784  C  CG2 . ILE A 1 105 ? -7.361  2.711   -5.959  1.00 41.75 ? 105 ILE A CG2 1 
ATOM   785  C  CD1 . ILE A 1 105 ? -3.980  1.209   -7.140  1.00 41.64 ? 105 ILE A CD1 1 
ATOM   786  N  N   . LEU A 1 106 ? -2.904  3.024   -4.584  1.00 35.58 ? 106 LEU A N   1 
ATOM   787  C  CA  . LEU A 1 106 ? -1.757  3.883   -4.819  1.00 34.50 ? 106 LEU A CA  1 
ATOM   788  C  C   . LEU A 1 106 ? -0.668  3.237   -5.620  1.00 33.56 ? 106 LEU A C   1 
ATOM   789  O  O   . LEU A 1 106 ? -0.573  2.024   -5.703  1.00 30.81 ? 106 LEU A O   1 
ATOM   790  C  CB  . LEU A 1 106 ? -1.190  4.380   -3.496  1.00 35.90 ? 106 LEU A CB  1 
ATOM   791  C  CG  . LEU A 1 106 ? -0.794  3.309   -2.494  1.00 34.36 ? 106 LEU A CG  1 
ATOM   792  C  CD1 . LEU A 1 106 ? 0.645   2.926   -2.708  1.00 35.29 ? 106 LEU A CD1 1 
ATOM   793  C  CD2 . LEU A 1 106 ? -0.978  3.859   -1.101  1.00 36.70 ? 106 LEU A CD2 1 
ATOM   794  N  N   . HIS A 1 107 ? 0.157   4.082   -6.210  1.00 31.71 ? 107 HIS A N   1 
ATOM   795  C  CA  . HIS A 1 107 ? 1.242   3.624   -7.041  1.00 31.77 ? 107 HIS A CA  1 
ATOM   796  C  C   . HIS A 1 107 ? 2.543   4.015   -6.359  1.00 30.50 ? 107 HIS A C   1 
ATOM   797  O  O   . HIS A 1 107 ? 2.711   5.156   -5.941  1.00 29.86 ? 107 HIS A O   1 
ATOM   798  C  CB  . HIS A 1 107 ? 1.113   4.276   -8.434  1.00 31.51 ? 107 HIS A CB  1 
ATOM   799  C  CG  . HIS A 1 107 ? 2.151   3.831   -9.421  1.00 33.23 ? 107 HIS A CG  1 
ATOM   800  N  ND1 . HIS A 1 107 ? 2.456   2.505   -9.642  1.00 32.63 ? 107 HIS A ND1 1 
ATOM   801  C  CD2 . HIS A 1 107 ? 2.971   4.545   -10.231 1.00 33.32 ? 107 HIS A CD2 1 
ATOM   802  C  CE1 . HIS A 1 107 ? 3.423   2.421   -10.540 1.00 33.22 ? 107 HIS A CE1 1 
ATOM   803  N  NE2 . HIS A 1 107 ? 3.753   3.644   -10.911 1.00 32.86 ? 107 HIS A NE2 1 
ATOM   804  N  N   . LEU A 1 108 ? 3.448   3.051   -6.231  1.00 28.77 ? 108 LEU A N   1 
ATOM   805  C  CA  . LEU A 1 108 ? 4.741   3.290   -5.607  1.00 26.98 ? 108 LEU A CA  1 
ATOM   806  C  C   . LEU A 1 108 ? 5.909   2.777   -6.448  1.00 26.53 ? 108 LEU A C   1 
ATOM   807  O  O   . LEU A 1 108 ? 5.799   1.787   -7.172  1.00 25.55 ? 108 LEU A O   1 
ATOM   808  C  CB  . LEU A 1 108 ? 4.787   2.629   -4.219  1.00 25.65 ? 108 LEU A CB  1 
ATOM   809  C  CG  . LEU A 1 108 ? 6.105   2.552   -3.425  1.00 24.87 ? 108 LEU A CG  1 
ATOM   810  C  CD1 . LEU A 1 108 ? 5.781   2.365   -1.947  1.00 26.12 ? 108 LEU A CD1 1 
ATOM   811  C  CD2 . LEU A 1 108 ? 7.003   1.401   -3.949  1.00 24.12 ? 108 LEU A CD2 1 
ATOM   812  N  N   . VAL A 1 109 ? 7.037   3.467   -6.341  1.00 26.98 ? 109 VAL A N   1 
ATOM   813  C  CA  . VAL A 1 109 ? 8.253   3.070   -7.040  1.00 26.44 ? 109 VAL A CA  1 
ATOM   814  C  C   . VAL A 1 109 ? 9.382   3.074   -6.006  1.00 24.51 ? 109 VAL A C   1 
ATOM   815  O  O   . VAL A 1 109 ? 9.524   4.007   -5.223  1.00 24.71 ? 109 VAL A O   1 
ATOM   816  C  CB  . VAL A 1 109 ? 8.587   4.029   -8.226  1.00 29.37 ? 109 VAL A CB  1 
ATOM   817  C  CG1 . VAL A 1 109 ? 9.908   3.618   -8.870  1.00 29.35 ? 109 VAL A CG1 1 
ATOM   818  C  CG2 . VAL A 1 109 ? 7.477   3.976   -9.273  1.00 25.33 ? 109 VAL A CG2 1 
ATOM   819  N  N   . ASP A 1 110 ? 10.157  1.997   -5.991  1.00 25.93 ? 110 ASP A N   1 
ATOM   820  C  CA  . ASP A 1 110 ? 11.271  1.846   -5.065  1.00 25.22 ? 110 ASP A CA  1 
ATOM   821  C  C   . ASP A 1 110 ? 12.576  1.982   -5.844  1.00 26.94 ? 110 ASP A C   1 
ATOM   822  O  O   . ASP A 1 110 ? 12.690  1.480   -6.960  1.00 23.57 ? 110 ASP A O   1 
ATOM   823  C  CB  . ASP A 1 110 ? 11.207  0.458   -4.411  1.00 26.93 ? 110 ASP A CB  1 
ATOM   824  C  CG  . ASP A 1 110 ? 12.376  0.190   -3.447  1.00 28.59 ? 110 ASP A CG  1 
ATOM   825  O  OD1 . ASP A 1 110 ? 12.337  0.689   -2.305  1.00 28.33 ? 110 ASP A OD1 1 
ATOM   826  O  OD2 . ASP A 1 110 ? 13.328  -0.522  -3.841  1.00 31.45 ? 110 ASP A OD2 1 
ATOM   827  N  N   . VAL A 1 111 ? 13.554  2.666   -5.265  1.00 28.45 ? 111 VAL A N   1 
ATOM   828  C  CA  . VAL A 1 111 ? 14.844  2.827   -5.921  1.00 32.53 ? 111 VAL A CA  1 
ATOM   829  C  C   . VAL A 1 111 ? 16.060  2.552   -5.030  1.00 34.01 ? 111 VAL A C   1 
ATOM   830  O  O   . VAL A 1 111 ? 16.164  3.060   -3.914  1.00 34.09 ? 111 VAL A O   1 
ATOM   831  C  CB  . VAL A 1 111 ? 15.005  4.242   -6.484  1.00 33.01 ? 111 VAL A CB  1 
ATOM   832  C  CG1 . VAL A 1 111 ? 16.408  4.418   -7.041  1.00 33.48 ? 111 VAL A CG1 1 
ATOM   833  C  CG2 . VAL A 1 111 ? 13.981  4.485   -7.564  1.00 34.93 ? 111 VAL A CG2 1 
ATOM   834  N  N   . ASN A 1 112 ? 16.967  1.729   -5.539  1.00 36.17 ? 112 ASN A N   1 
ATOM   835  C  CA  . ASN A 1 112 ? 18.203  1.409   -4.856  1.00 38.64 ? 112 ASN A CA  1 
ATOM   836  C  C   . ASN A 1 112 ? 19.279  1.524   -5.903  1.00 38.59 ? 112 ASN A C   1 
ATOM   837  O  O   . ASN A 1 112 ? 19.409  0.645   -6.746  1.00 37.38 ? 112 ASN A O   1 
ATOM   838  C  CB  . ASN A 1 112 ? 18.183  -0.002  -4.320  1.00 42.24 ? 112 ASN A CB  1 
ATOM   839  C  CG  . ASN A 1 112 ? 18.150  -0.030  -2.817  1.00 46.19 ? 112 ASN A CG  1 
ATOM   840  O  OD1 . ASN A 1 112 ? 17.089  -0.140  -2.223  1.00 49.15 ? 112 ASN A OD1 1 
ATOM   841  N  ND2 . ASN A 1 112 ? 19.317  0.109   -2.186  1.00 49.39 ? 112 ASN A ND2 1 
ATOM   842  N  N   . GLY A 1 113 ? 20.048  2.608   -5.850  1.00 40.19 ? 113 GLY A N   1 
ATOM   843  C  CA  . GLY A 1 113 ? 21.079  2.816   -6.843  1.00 41.15 ? 113 GLY A CA  1 
ATOM   844  C  C   . GLY A 1 113 ? 20.380  2.898   -8.188  1.00 41.48 ? 113 GLY A C   1 
ATOM   845  O  O   . GLY A 1 113 ? 19.422  3.665   -8.355  1.00 43.16 ? 113 GLY A O   1 
ATOM   846  N  N   . ASP A 1 114 ? 20.831  2.099   -9.153  1.00 42.33 ? 114 ASP A N   1 
ATOM   847  C  CA  . ASP A 1 114 ? 20.215  2.092   -10.482 1.00 42.95 ? 114 ASP A CA  1 
ATOM   848  C  C   . ASP A 1 114 ? 19.159  0.986   -10.623 1.00 42.45 ? 114 ASP A C   1 
ATOM   849  O  O   . ASP A 1 114 ? 18.673  0.727   -11.723 1.00 43.57 ? 114 ASP A O   1 
ATOM   850  C  CB  . ASP A 1 114 ? 21.295  1.946   -11.575 1.00 42.54 ? 114 ASP A CB  1 
ATOM   851  C  CG  . ASP A 1 114 ? 22.113  0.660   -11.439 1.00 43.42 ? 114 ASP A CG  1 
ATOM   852  O  OD1 . ASP A 1 114 ? 23.272  0.668   -11.893 1.00 42.48 ? 114 ASP A OD1 1 
ATOM   853  O  OD2 . ASP A 1 114 ? 21.600  -0.343  -10.891 1.00 41.45 ? 114 ASP A OD2 1 
ATOM   854  N  N   . LYS A 1 115 ? 18.804  0.341   -9.512  1.00 41.48 ? 115 LYS A N   1 
ATOM   855  C  CA  . LYS A 1 115 ? 17.791  -0.715  -9.522  1.00 39.60 ? 115 LYS A CA  1 
ATOM   856  C  C   . LYS A 1 115 ? 16.472  -0.127  -9.037  1.00 38.56 ? 115 LYS A C   1 
ATOM   857  O  O   . LYS A 1 115 ? 16.432  0.559   -8.011  1.00 37.22 ? 115 LYS A O   1 
ATOM   858  C  CB  . LYS A 1 115 ? 18.200  -1.880  -8.610  1.00 42.79 ? 115 LYS A CB  1 
ATOM   859  C  CG  . LYS A 1 115 ? 17.229  -3.089  -8.639  1.00 45.95 ? 115 LYS A CG  1 
ATOM   860  C  CD  . LYS A 1 115 ? 16.069  -3.003  -7.620  1.00 48.93 ? 115 LYS A CD  1 
ATOM   861  C  CE  . LYS A 1 115 ? 16.462  -3.551  -6.236  1.00 49.20 ? 115 LYS A CE  1 
ATOM   862  N  NZ  . LYS A 1 115 ? 15.347  -3.510  -5.248  1.00 49.91 ? 115 LYS A NZ  1 
ATOM   863  N  N   . THR A 1 116 ? 15.402  -0.381  -9.788  1.00 36.96 ? 116 THR A N   1 
ATOM   864  C  CA  . THR A 1 116 ? 14.078  0.125   -9.449  1.00 35.69 ? 116 THR A CA  1 
ATOM   865  C  C   . THR A 1 116 ? 13.007  -0.922  -9.705  1.00 35.67 ? 116 THR A C   1 
ATOM   866  O  O   . THR A 1 116 ? 13.207  -1.834  -10.500 1.00 34.72 ? 116 THR A O   1 
ATOM   867  C  CB  . THR A 1 116 ? 13.709  1.360   -10.301 1.00 36.95 ? 116 THR A CB  1 
ATOM   868  O  OG1 . THR A 1 116 ? 13.726  1.005   -11.689 1.00 37.72 ? 116 THR A OG1 1 
ATOM   869  C  CG2 . THR A 1 116 ? 14.683  2.495   -10.065 1.00 37.63 ? 116 THR A CG2 1 
ATOM   870  N  N   . PHE A 1 117 ? 11.877  -0.805  -9.015  1.00 34.12 ? 117 PHE A N   1 
ATOM   871  C  CA  . PHE A 1 117 ? 10.757  -1.716  -9.239  1.00 33.65 ? 117 PHE A CA  1 
ATOM   872  C  C   . PHE A 1 117 ? 9.417   -1.038  -8.922  1.00 33.85 ? 117 PHE A C   1 
ATOM   873  O  O   . PHE A 1 117 ? 9.377   -0.014  -8.240  1.00 33.60 ? 117 PHE A O   1 
ATOM   874  C  CB  . PHE A 1 117 ? 10.945  -3.065  -8.495  1.00 32.94 ? 117 PHE A CB  1 
ATOM   875  C  CG  . PHE A 1 117 ? 10.816  -2.991  -6.999  1.00 32.33 ? 117 PHE A CG  1 
ATOM   876  C  CD1 . PHE A 1 117 ? 9.569   -2.845  -6.401  1.00 32.40 ? 117 PHE A CD1 1 
ATOM   877  C  CD2 . PHE A 1 117 ? 11.946  -3.088  -6.186  1.00 33.56 ? 117 PHE A CD2 1 
ATOM   878  C  CE1 . PHE A 1 117 ? 9.445   -2.797  -5.021  1.00 32.53 ? 117 PHE A CE1 1 
ATOM   879  C  CE2 . PHE A 1 117 ? 11.841  -3.044  -4.794  1.00 32.77 ? 117 PHE A CE2 1 
ATOM   880  C  CZ  . PHE A 1 117 ? 10.587  -2.898  -4.208  1.00 32.94 ? 117 PHE A CZ  1 
ATOM   881  N  N   . GLN A 1 118 ? 8.336   -1.609  -9.442  1.00 33.19 ? 118 GLN A N   1 
ATOM   882  C  CA  . GLN A 1 118 ? 6.995   -1.057  -9.307  1.00 33.70 ? 118 GLN A CA  1 
ATOM   883  C  C   . GLN A 1 118 ? 6.085   -1.788  -8.335  1.00 31.95 ? 118 GLN A C   1 
ATOM   884  O  O   . GLN A 1 118 ? 6.184   -2.990  -8.163  1.00 29.71 ? 118 GLN A O   1 
ATOM   885  C  CB  . GLN A 1 118 ? 6.352   -1.058  -10.683 1.00 36.57 ? 118 GLN A CB  1 
ATOM   886  C  CG  . GLN A 1 118 ? 5.228   -0.088  -10.857 1.00 41.49 ? 118 GLN A CG  1 
ATOM   887  C  CD  . GLN A 1 118 ? 4.668   -0.124  -12.260 1.00 38.40 ? 118 GLN A CD  1 
ATOM   888  O  OE1 . GLN A 1 118 ? 3.867   0.723   -12.638 1.00 41.97 ? 118 GLN A OE1 1 
ATOM   889  N  NE2 . GLN A 1 118 ? 5.088   -1.114  -13.044 1.00 43.54 ? 118 GLN A NE2 1 
ATOM   890  N  N   . LEU A 1 119 ? 5.164   -1.056  -7.729  1.00 32.69 ? 119 LEU A N   1 
ATOM   891  C  CA  . LEU A 1 119 ? 4.252   -1.651  -6.761  1.00 33.05 ? 119 LEU A CA  1 
ATOM   892  C  C   . LEU A 1 119 ? 2.884   -0.948  -6.780  1.00 32.00 ? 119 LEU A C   1 
ATOM   893  O  O   . LEU A 1 119 ? 2.808   0.283   -6.792  1.00 30.21 ? 119 LEU A O   1 
ATOM   894  C  CB  . LEU A 1 119 ? 4.889   -1.551  -5.360  1.00 35.93 ? 119 LEU A CB  1 
ATOM   895  C  CG  . LEU A 1 119 ? 4.411   -2.380  -4.168  1.00 37.52 ? 119 LEU A CG  1 
ATOM   896  C  CD1 . LEU A 1 119 ? 4.844   -3.821  -4.327  1.00 38.23 ? 119 LEU A CD1 1 
ATOM   897  C  CD2 . LEU A 1 119 ? 5.004   -1.812  -2.895  1.00 38.25 ? 119 LEU A CD2 1 
ATOM   898  N  N   . MET A 1 120 ? 1.811   -1.743  -6.812  1.00 31.12 ? 120 MET A N   1 
ATOM   899  C  CA  . MET A 1 120 ? 0.435   -1.225  -6.781  1.00 30.04 ? 120 MET A CA  1 
ATOM   900  C  C   . MET A 1 120 ? -0.266  -1.801  -5.559  1.00 28.10 ? 120 MET A C   1 
ATOM   901  O  O   . MET A 1 120 ? -0.184  -3.004  -5.294  1.00 29.45 ? 120 MET A O   1 
ATOM   902  C  CB  . MET A 1 120 ? -0.356  -1.620  -8.036  1.00 30.33 ? 120 MET A CB  1 
ATOM   903  C  CG  . MET A 1 120 ? -0.257  -0.626  -9.188  1.00 35.33 ? 120 MET A CG  1 
ATOM   904  S  SD  . MET A 1 120 ? -0.883  1.017   -8.799  1.00 33.03 ? 120 MET A SD  1 
ATOM   905  C  CE  . MET A 1 120 ? -1.264  1.583   -10.341 1.00 36.66 ? 120 MET A CE  1 
ATOM   906  N  N   . GLU A 1 121 ? -0.970  -0.952  -4.823  1.00 28.72 ? 121 GLU A N   1 
ATOM   907  C  CA  . GLU A 1 121 ? -1.638  -1.416  -3.622  1.00 31.98 ? 121 GLU A CA  1 
ATOM   908  C  C   . GLU A 1 121 ? -3.086  -1.014  -3.558  1.00 29.52 ? 121 GLU A C   1 
ATOM   909  O  O   . GLU A 1 121 ? -3.475  0.021   -4.079  1.00 32.05 ? 121 GLU A O   1 
ATOM   910  C  CB  . GLU A 1 121 ? -0.914  -0.885  -2.385  1.00 34.68 ? 121 GLU A CB  1 
ATOM   911  C  CG  . GLU A 1 121 ? 0.526   -1.352  -2.290  1.00 39.95 ? 121 GLU A CG  1 
ATOM   912  C  CD  . GLU A 1 121 ? 1.262   -0.792  -1.087  1.00 43.54 ? 121 GLU A CD  1 
ATOM   913  O  OE1 . GLU A 1 121 ? 0.637   -0.633  -0.017  1.00 42.61 ? 121 GLU A OE1 1 
ATOM   914  O  OE2 . GLU A 1 121 ? 2.478   -0.538  -1.215  1.00 45.33 ? 121 GLU A OE2 1 
ATOM   915  N  N   . PHE A 1 122 ? -3.872  -1.854  -2.897  1.00 28.22 ? 122 PHE A N   1 
ATOM   916  C  CA  . PHE A 1 122 ? -5.292  -1.634  -2.721  1.00 25.85 ? 122 PHE A CA  1 
ATOM   917  C  C   . PHE A 1 122 ? -5.630  -1.840  -1.253  1.00 26.61 ? 122 PHE A C   1 
ATOM   918  O  O   . PHE A 1 122 ? -5.542  -2.972  -0.754  1.00 24.34 ? 122 PHE A O   1 
ATOM   919  C  CB  . PHE A 1 122 ? -6.092  -2.634  -3.553  1.00 28.44 ? 122 PHE A CB  1 
ATOM   920  C  CG  . PHE A 1 122 ? -7.559  -2.360  -3.540  1.00 30.32 ? 122 PHE A CG  1 
ATOM   921  C  CD1 . PHE A 1 122 ? -8.171  -1.730  -4.623  1.00 31.36 ? 122 PHE A CD1 1 
ATOM   922  C  CD2 . PHE A 1 122 ? -8.318  -2.636  -2.403  1.00 32.34 ? 122 PHE A CD2 1 
ATOM   923  C  CE1 . PHE A 1 122 ? -9.516  -1.372  -4.572  1.00 32.64 ? 122 PHE A CE1 1 
ATOM   924  C  CE2 . PHE A 1 122 ? -9.668  -2.281  -2.337  1.00 34.70 ? 122 PHE A CE2 1 
ATOM   925  C  CZ  . PHE A 1 122 ? -10.269 -1.645  -3.424  1.00 34.17 ? 122 PHE A CZ  1 
ATOM   926  N  N   . TYR A 1 123 ? -5.994  -0.757  -0.562  1.00 24.72 ? 123 TYR A N   1 
ATOM   927  C  CA  . TYR A 1 123 ? -6.372  -0.856  0.848   1.00 28.62 ? 123 TYR A CA  1 
ATOM   928  C  C   . TYR A 1 123 ? -7.872  -0.662  0.965   1.00 30.04 ? 123 TYR A C   1 
ATOM   929  O  O   . TYR A 1 123 ? -8.497  -0.021  0.116   1.00 28.84 ? 123 TYR A O   1 
ATOM   930  C  CB  . TYR A 1 123 ? -5.729  0.214   1.738   1.00 30.00 ? 123 TYR A CB  1 
ATOM   931  C  CG  . TYR A 1 123 ? -4.234  0.357   1.699   1.00 30.26 ? 123 TYR A CG  1 
ATOM   932  C  CD1 . TYR A 1 123 ? -3.405  -0.712  1.370   1.00 30.34 ? 123 TYR A CD1 1 
ATOM   933  C  CD2 . TYR A 1 123 ? -3.647  1.580   2.027   1.00 31.91 ? 123 TYR A CD2 1 
ATOM   934  C  CE1 . TYR A 1 123 ? -2.023  -0.566  1.367   1.00 33.25 ? 123 TYR A CE1 1 
ATOM   935  C  CE2 . TYR A 1 123 ? -2.279  1.740   2.031   1.00 34.10 ? 123 TYR A CE2 1 
ATOM   936  C  CZ  . TYR A 1 123 ? -1.465  0.670   1.701   1.00 34.20 ? 123 TYR A CZ  1 
ATOM   937  O  OH  . TYR A 1 123 ? -0.099  0.856   1.734   1.00 37.28 ? 123 TYR A OH  1 
ATOM   938  N  N   . GLY A 1 124 ? -8.438  -1.204  2.038   1.00 29.25 ? 124 GLY A N   1 
ATOM   939  C  CA  . GLY A 1 124 ? -9.861  -1.073  2.269   1.00 30.60 ? 124 GLY A CA  1 
ATOM   940  C  C   . GLY A 1 124 ? -10.165 -0.690  3.705   1.00 31.38 ? 124 GLY A C   1 
ATOM   941  O  O   . GLY A 1 124 ? -9.425  -1.056  4.625   1.00 32.82 ? 124 GLY A O   1 
ATOM   942  N  N   . ARG A 1 125 ? -11.238 0.072   3.906   1.00 32.46 ? 125 ARG A N   1 
ATOM   943  C  CA  . ARG A 1 125 ? -11.633 0.456   5.250   1.00 33.99 ? 125 ARG A CA  1 
ATOM   944  C  C   . ARG A 1 125 ? -12.057 -0.828  5.941   1.00 34.77 ? 125 ARG A C   1 
ATOM   945  O  O   . ARG A 1 125 ? -12.125 -0.901  7.162   1.00 38.03 ? 125 ARG A O   1 
ATOM   946  C  CB  . ARG A 1 125 ? -12.791 1.448   5.201   1.00 36.25 ? 125 ARG A CB  1 
ATOM   947  C  CG  . ARG A 1 125 ? -12.354 2.855   4.837   1.00 35.46 ? 125 ARG A CG  1 
ATOM   948  C  CD  . ARG A 1 125 ? -11.254 3.324   5.772   1.00 37.74 ? 125 ARG A CD  1 
ATOM   949  N  NE  . ARG A 1 125 ? -11.044 4.760   5.651   1.00 38.91 ? 125 ARG A NE  1 
ATOM   950  C  CZ  . ARG A 1 125 ? -10.313 5.481   6.489   1.00 39.13 ? 125 ARG A CZ  1 
ATOM   951  N  NH1 . ARG A 1 125 ? -9.712  4.899   7.515   1.00 38.02 ? 125 ARG A NH1 1 
ATOM   952  N  NH2 . ARG A 1 125 ? -10.198 6.789   6.310   1.00 39.73 ? 125 ARG A NH2 1 
ATOM   953  N  N   . LYS A 1 126 ? -12.331 -1.847  5.134   1.00 35.82 ? 126 LYS A N   1 
ATOM   954  C  CA  . LYS A 1 126 ? -12.723 -3.152  5.637   1.00 36.42 ? 126 LYS A CA  1 
ATOM   955  C  C   . LYS A 1 126 ? -11.776 -4.231  5.130   1.00 36.09 ? 126 LYS A C   1 
ATOM   956  O  O   . LYS A 1 126 ? -10.993 -4.000  4.210   1.00 35.88 ? 126 LYS A O   1 
ATOM   957  C  CB  . LYS A 1 126 ? -14.157 -3.463  5.225   1.00 39.11 ? 126 LYS A CB  1 
ATOM   958  C  CG  . LYS A 1 126 ? -15.151 -2.530  5.882   1.00 40.75 ? 126 LYS A CG  1 
ATOM   959  C  CD  . LYS A 1 126 ? -16.584 -2.964  5.646   1.00 43.33 ? 126 LYS A CD  1 
ATOM   960  C  CE  . LYS A 1 126 ? -17.567 -2.017  6.326   1.00 42.26 ? 126 LYS A CE  1 
ATOM   961  N  NZ  . LYS A 1 126 ? -18.977 -2.491  6.205   0.50 43.87 ? 126 LYS A NZ  1 
ATOM   962  N  N   . PRO A 1 127 ? -11.836 -5.425  5.732   1.00 36.82 ? 127 PRO A N   1 
ATOM   963  C  CA  . PRO A 1 127 ? -10.995 -6.569  5.380   1.00 35.05 ? 127 PRO A CA  1 
ATOM   964  C  C   . PRO A 1 127 ? -11.130 -7.066  3.949   1.00 35.29 ? 127 PRO A C   1 
ATOM   965  O  O   . PRO A 1 127 ? -10.259 -7.772  3.443   1.00 33.27 ? 127 PRO A O   1 
ATOM   966  C  CB  . PRO A 1 127 ? -11.406 -7.617  6.405   1.00 37.19 ? 127 PRO A CB  1 
ATOM   967  C  CG  . PRO A 1 127 ? -11.776 -6.790  7.586   1.00 38.48 ? 127 PRO A CG  1 
ATOM   968  C  CD  . PRO A 1 127 ? -12.603 -5.710  6.955   1.00 38.19 ? 127 PRO A CD  1 
ATOM   969  N  N   . ASP A 1 128 ? -12.214 -6.696  3.287   1.00 35.34 ? 128 ASP A N   1 
ATOM   970  C  CA  . ASP A 1 128 ? -12.420 -7.134  1.915   1.00 37.82 ? 128 ASP A CA  1 
ATOM   971  C  C   . ASP A 1 128 ? -13.282 -6.139  1.152   1.00 38.66 ? 128 ASP A C   1 
ATOM   972  O  O   . ASP A 1 128 ? -14.024 -5.370  1.753   1.00 37.74 ? 128 ASP A O   1 
ATOM   973  C  CB  . ASP A 1 128 ? -13.106 -8.493  1.906   1.00 40.25 ? 128 ASP A CB  1 
ATOM   974  C  CG  . ASP A 1 128 ? -12.756 -9.294  0.697   1.00 41.68 ? 128 ASP A CG  1 
ATOM   975  O  OD1 . ASP A 1 128 ? -12.406 -8.659  -0.318  1.00 44.82 ? 128 ASP A OD1 1 
ATOM   976  O  OD2 . ASP A 1 128 ? -12.831 -10.542 0.754   1.00 41.62 ? 128 ASP A OD2 1 
ATOM   977  N  N   . VAL A 1 129 ? -13.177 -6.143  -0.170  1.00 40.21 ? 129 VAL A N   1 
ATOM   978  C  CA  . VAL A 1 129 ? -13.988 -5.247  -0.988  1.00 42.59 ? 129 VAL A CA  1 
ATOM   979  C  C   . VAL A 1 129 ? -14.731 -6.084  -1.999  1.00 44.30 ? 129 VAL A C   1 
ATOM   980  O  O   . VAL A 1 129 ? -14.464 -7.274  -2.139  1.00 44.30 ? 129 VAL A O   1 
ATOM   981  C  CB  . VAL A 1 129 ? -13.142 -4.204  -1.748  1.00 41.65 ? 129 VAL A CB  1 
ATOM   982  C  CG1 . VAL A 1 129 ? -12.518 -3.220  -0.760  1.00 42.58 ? 129 VAL A CG1 1 
ATOM   983  C  CG2 . VAL A 1 129 ? -12.088 -4.907  -2.598  1.00 43.16 ? 129 VAL A CG2 1 
ATOM   984  N  N   . GLU A 1 130 ? -15.661 -5.471  -2.717  1.00 46.68 ? 130 GLU A N   1 
ATOM   985  C  CA  . GLU A 1 130 ? -16.416 -6.228  -3.699  1.00 49.30 ? 130 GLU A CA  1 
ATOM   986  C  C   . GLU A 1 130 ? -15.550 -6.630  -4.892  1.00 50.36 ? 130 GLU A C   1 
ATOM   987  O  O   . GLU A 1 130 ? -14.670 -5.873  -5.315  1.00 50.16 ? 130 GLU A O   1 
ATOM   988  C  CB  . GLU A 1 130 ? -17.642 -5.437  -4.171  1.00 50.80 ? 130 GLU A CB  1 
ATOM   989  C  CG  . GLU A 1 130 ? -17.347 -4.209  -5.000  1.00 52.79 ? 130 GLU A CG  1 
ATOM   990  C  CD  . GLU A 1 130 ? -18.619 -3.560  -5.519  1.00 55.27 ? 130 GLU A CD  1 
ATOM   991  O  OE1 . GLU A 1 130 ? -19.361 -4.242  -6.263  1.00 56.96 ? 130 GLU A OE1 1 
ATOM   992  O  OE2 . GLU A 1 130 ? -18.880 -2.378  -5.183  1.00 56.82 ? 130 GLU A OE2 1 
ATOM   993  N  N   . PRO A 1 131 ? -15.795 -7.836  -5.442  1.00 50.77 ? 131 PRO A N   1 
ATOM   994  C  CA  . PRO A 1 131 ? -15.067 -8.392  -6.587  1.00 51.40 ? 131 PRO A CA  1 
ATOM   995  C  C   . PRO A 1 131 ? -15.129 -7.555  -7.857  1.00 51.43 ? 131 PRO A C   1 
ATOM   996  O  O   . PRO A 1 131 ? -14.701 -8.005  -8.920  1.00 52.92 ? 131 PRO A O   1 
ATOM   997  C  CB  . PRO A 1 131 ? -15.670 -9.786  -6.793  1.00 52.73 ? 131 PRO A CB  1 
ATOM   998  C  CG  . PRO A 1 131 ? -16.779 -9.921  -5.837  1.00 52.05 ? 131 PRO A CG  1 
ATOM   999  C  CD  . PRO A 1 131 ? -16.880 -8.712  -4.975  1.00 51.84 ? 131 PRO A CD  1 
ATOM   1000 N  N   . LYS A 1 132 ? -15.664 -6.343  -7.746  1.00 51.65 ? 132 LYS A N   1 
ATOM   1001 C  CA  . LYS A 1 132 ? -15.746 -5.439  -8.891  1.00 51.82 ? 132 LYS A CA  1 
ATOM   1002 C  C   . LYS A 1 132 ? -14.486 -4.574  -8.849  1.00 50.33 ? 132 LYS A C   1 
ATOM   1003 O  O   . LYS A 1 132 ? -13.791 -4.418  -9.861  1.00 49.10 ? 132 LYS A O   1 
ATOM   1004 C  CB  . LYS A 1 132 ? -16.993 -4.550  -8.794  1.00 53.84 ? 132 LYS A CB  1 
ATOM   1005 C  CG  . LYS A 1 132 ? -17.543 -4.089  -10.139 1.00 56.32 ? 132 LYS A CG  1 
ATOM   1006 C  CD  . LYS A 1 132 ? -18.183 -5.244  -10.903 1.00 57.46 ? 132 LYS A CD  1 
ATOM   1007 C  CE  . LYS A 1 132 ? -19.403 -5.778  -10.170 0.40 56.88 ? 132 LYS A CE  1 
ATOM   1008 N  NZ  . LYS A 1 132 ? -20.006 -6.946  -10.866 0.40 56.44 ? 132 LYS A NZ  1 
ATOM   1009 N  N   . LEU A 1 133 ? -14.195 -4.026  -7.667  1.00 48.59 ? 133 LEU A N   1 
ATOM   1010 C  CA  . LEU A 1 133 ? -13.011 -3.196  -7.464  1.00 46.82 ? 133 LEU A CA  1 
ATOM   1011 C  C   . LEU A 1 133 ? -11.779 -4.054  -7.716  1.00 46.60 ? 133 LEU A C   1 
ATOM   1012 O  O   . LEU A 1 133 ? -10.786 -3.588  -8.266  1.00 46.24 ? 133 LEU A O   1 
ATOM   1013 C  CB  . LEU A 1 133 ? -12.995 -2.644  -6.044  1.00 46.74 ? 133 LEU A CB  1 
ATOM   1014 C  CG  . LEU A 1 133 ? -14.210 -1.777  -5.714  1.00 45.56 ? 133 LEU A CG  1 
ATOM   1015 C  CD1 . LEU A 1 133 ? -14.155 -1.360  -4.273  1.00 46.17 ? 133 LEU A CD1 1 
ATOM   1016 C  CD2 . LEU A 1 133 ? -14.246 -0.550  -6.613  1.00 47.54 ? 133 LEU A CD2 1 
ATOM   1017 N  N   . LYS A 1 134 ? -11.848 -5.317  -7.315  1.00 47.40 ? 134 LYS A N   1 
ATOM   1018 C  CA  . LYS A 1 134 ? -10.747 -6.241  -7.541  1.00 48.62 ? 134 LYS A CA  1 
ATOM   1019 C  C   . LYS A 1 134 ? -10.317 -6.095  -8.994  1.00 48.93 ? 134 LYS A C   1 
ATOM   1020 O  O   . LYS A 1 134 ? -9.151  -5.856  -9.287  1.00 48.55 ? 134 LYS A O   1 
ATOM   1021 C  CB  . LYS A 1 134 ? -11.203 -7.674  -7.303  1.00 49.25 ? 134 LYS A CB  1 
ATOM   1022 C  CG  . LYS A 1 134 ? -11.633 -7.991  -5.879  1.00 51.27 ? 134 LYS A CG  1 
ATOM   1023 C  CD  . LYS A 1 134 ? -10.434 -8.167  -4.972  1.00 52.73 ? 134 LYS A CD  1 
ATOM   1024 C  CE  . LYS A 1 134 ? -10.782 -8.992  -3.745  1.00 51.97 ? 134 LYS A CE  1 
ATOM   1025 N  NZ  . LYS A 1 134 ? -11.796 -8.304  -2.913  1.00 53.31 ? 134 LYS A NZ  1 
ATOM   1026 N  N   . ASP A 1 135 ? -11.279 -6.229  -9.899  1.00 48.05 ? 135 ASP A N   1 
ATOM   1027 C  CA  . ASP A 1 135 ? -11.016 -6.123  -11.326 1.00 48.49 ? 135 ASP A CA  1 
ATOM   1028 C  C   . ASP A 1 135 ? -10.581 -4.717  -11.697 1.00 47.00 ? 135 ASP A C   1 
ATOM   1029 O  O   . ASP A 1 135 ? -9.757  -4.522  -12.596 1.00 45.83 ? 135 ASP A O   1 
ATOM   1030 C  CB  . ASP A 1 135 ? -12.271 -6.488  -12.126 1.00 51.25 ? 135 ASP A CB  1 
ATOM   1031 C  CG  . ASP A 1 135 ? -12.846 -7.844  -11.734 1.00 52.91 ? 135 ASP A CG  1 
ATOM   1032 O  OD1 . ASP A 1 135 ? -12.068 -8.824  -11.672 1.00 55.87 ? 135 ASP A OD1 1 
ATOM   1033 O  OD2 . ASP A 1 135 ? -14.075 -7.929  -11.495 1.00 52.45 ? 135 ASP A OD2 1 
ATOM   1034 N  N   . LYS A 1 136 ? -11.150 -3.738  -11.006 1.00 46.33 ? 136 LYS A N   1 
ATOM   1035 C  CA  . LYS A 1 136 ? -10.824 -2.346  -11.263 1.00 46.41 ? 136 LYS A CA  1 
ATOM   1036 C  C   . LYS A 1 136 ? -9.324  -2.166  -11.065 1.00 46.74 ? 136 LYS A C   1 
ATOM   1037 O  O   . LYS A 1 136 ? -8.657  -1.435  -11.799 1.00 46.03 ? 136 LYS A O   1 
ATOM   1038 C  CB  . LYS A 1 136 ? -11.592 -1.456  -10.299 1.00 46.24 ? 136 LYS A CB  1 
ATOM   1039 C  CG  . LYS A 1 136 ? -11.953 -0.099  -10.862 1.00 47.39 ? 136 LYS A CG  1 
ATOM   1040 C  CD  . LYS A 1 136 ? -11.336 0.988   -10.030 1.00 49.10 ? 136 LYS A CD  1 
ATOM   1041 C  CE  . LYS A 1 136 ? -9.829  0.829   -10.009 0.20 48.58 ? 136 LYS A CE  1 
ATOM   1042 N  NZ  . LYS A 1 136 ? -9.196  1.483   -8.841  0.20 49.23 ? 136 LYS A NZ  1 
ATOM   1043 N  N   . PHE A 1 137 ? -8.804  -2.859  -10.061 1.00 46.76 ? 137 PHE A N   1 
ATOM   1044 C  CA  . PHE A 1 137 ? -7.389  -2.820  -9.729  1.00 46.55 ? 137 PHE A CA  1 
ATOM   1045 C  C   . PHE A 1 137 ? -6.556  -3.558  -10.788 1.00 46.95 ? 137 PHE A C   1 
ATOM   1046 O  O   . PHE A 1 137 ? -5.514  -3.063  -11.217 1.00 45.92 ? 137 PHE A O   1 
ATOM   1047 C  CB  . PHE A 1 137 ? -7.188  -3.466  -8.361  1.00 44.16 ? 137 PHE A CB  1 
ATOM   1048 C  CG  . PHE A 1 137 ? -5.797  -3.355  -7.832  1.00 42.67 ? 137 PHE A CG  1 
ATOM   1049 C  CD1 . PHE A 1 137 ? -5.328  -2.150  -7.306  1.00 40.34 ? 137 PHE A CD1 1 
ATOM   1050 C  CD2 . PHE A 1 137 ? -4.964  -4.470  -7.813  1.00 41.34 ? 137 PHE A CD2 1 
ATOM   1051 C  CE1 . PHE A 1 137 ? -4.052  -2.058  -6.774  1.00 42.58 ? 137 PHE A CE1 1 
ATOM   1052 C  CE2 . PHE A 1 137 ? -3.688  -4.390  -7.284  1.00 42.28 ? 137 PHE A CE2 1 
ATOM   1053 C  CZ  . PHE A 1 137 ? -3.230  -3.183  -6.759  1.00 41.99 ? 137 PHE A CZ  1 
ATOM   1054 N  N   . VAL A 1 138 ? -7.023  -4.735  -11.207 1.00 47.08 ? 138 VAL A N   1 
ATOM   1055 C  CA  . VAL A 1 138 ? -6.314  -5.545  -12.202 1.00 48.77 ? 138 VAL A CA  1 
ATOM   1056 C  C   . VAL A 1 138 ? -6.057  -4.723  -13.449 1.00 49.97 ? 138 VAL A C   1 
ATOM   1057 O  O   . VAL A 1 138 ? -4.955  -4.718  -14.000 1.00 49.43 ? 138 VAL A O   1 
ATOM   1058 C  CB  . VAL A 1 138 ? -7.130  -6.790  -12.617 1.00 49.24 ? 138 VAL A CB  1 
ATOM   1059 C  CG1 . VAL A 1 138 ? -6.311  -7.668  -13.571 1.00 48.65 ? 138 VAL A CG1 1 
ATOM   1060 C  CG2 . VAL A 1 138 ? -7.528  -7.573  -11.390 1.00 48.17 ? 138 VAL A CG2 1 
ATOM   1061 N  N   . GLU A 1 139 ? -7.098  -4.035  -13.893 1.00 51.45 ? 139 GLU A N   1 
ATOM   1062 C  CA  . GLU A 1 139 ? -6.996  -3.195  -15.067 1.00 54.05 ? 139 GLU A CA  1 
ATOM   1063 C  C   . GLU A 1 139 ? -5.861  -2.215  -14.872 1.00 53.69 ? 139 GLU A C   1 
ATOM   1064 O  O   . GLU A 1 139 ? -4.912  -2.185  -15.654 1.00 53.58 ? 139 GLU A O   1 
ATOM   1065 C  CB  . GLU A 1 139 ? -8.299  -2.433  -15.270 1.00 56.53 ? 139 GLU A CB  1 
ATOM   1066 C  CG  . GLU A 1 139 ? -9.415  -3.268  -15.846 1.00 60.20 ? 139 GLU A CG  1 
ATOM   1067 C  CD  . GLU A 1 139 ? -10.732 -2.539  -15.792 1.00 62.49 ? 139 GLU A CD  1 
ATOM   1068 O  OE1 . GLU A 1 139 ? -10.749 -1.318  -16.070 1.00 64.36 ? 139 GLU A OE1 1 
ATOM   1069 O  OE2 . GLU A 1 139 ? -11.748 -3.192  -15.473 1.00 63.75 ? 139 GLU A OE2 1 
ATOM   1070 N  N   . ILE A 1 140 ? -5.966  -1.420  -13.811 1.00 53.77 ? 140 ILE A N   1 
ATOM   1071 C  CA  . ILE A 1 140 ? -4.963  -0.416  -13.486 1.00 52.75 ? 140 ILE A CA  1 
ATOM   1072 C  C   . ILE A 1 140 ? -3.529  -0.955  -13.486 1.00 51.49 ? 140 ILE A C   1 
ATOM   1073 O  O   . ILE A 1 140 ? -2.615  -0.258  -13.911 1.00 52.03 ? 140 ILE A O   1 
ATOM   1074 C  CB  . ILE A 1 140 ? -5.266  0.233   -12.118 1.00 51.46 ? 140 ILE A CB  1 
ATOM   1075 C  CG1 . ILE A 1 140 ? -6.679  0.851   -12.113 1.00 49.33 ? 140 ILE A CG1 1 
ATOM   1076 C  CG2 . ILE A 1 140 ? -4.205  1.260   -11.797 1.00 52.52 ? 140 ILE A CG2 1 
ATOM   1077 C  CD1 . ILE A 1 140 ? -6.897  1.967   -13.147 1.00 48.40 ? 140 ILE A CD1 1 
ATOM   1078 N  N   . CYS A 1 141 ? -3.336  -2.185  -13.011 1.00 51.31 ? 141 CYS A N   1 
ATOM   1079 C  CA  . CYS A 1 141 ? -2.004  -2.801  -12.992 1.00 50.87 ? 141 CYS A CA  1 
ATOM   1080 C  C   . CYS A 1 141 ? -1.593  -3.173  -14.416 1.00 51.99 ? 141 CYS A C   1 
ATOM   1081 O  O   . CYS A 1 141 ? -0.449  -2.952  -14.825 1.00 50.97 ? 141 CYS A O   1 
ATOM   1082 C  CB  . CYS A 1 141 ? -2.002  -4.064  -12.129 1.00 51.29 ? 141 CYS A CB  1 
ATOM   1083 S  SG  . CYS A 1 141 ? -2.161  -3.777  -10.348 1.00 46.65 ? 141 CYS A SG  1 
ATOM   1084 N  N   . GLN A 1 142 ? -2.541  -3.758  -15.151 1.00 52.35 ? 142 GLN A N   1 
ATOM   1085 C  CA  . GLN A 1 142 ? -2.358  -4.161  -16.557 1.00 52.59 ? 142 GLN A CA  1 
ATOM   1086 C  C   . GLN A 1 142 ? -1.693  -3.054  -17.347 1.00 51.88 ? 142 GLN A C   1 
ATOM   1087 O  O   . GLN A 1 142 ? -0.769  -3.286  -18.136 1.00 51.78 ? 142 GLN A O   1 
ATOM   1088 C  CB  . GLN A 1 142 ? -3.703  -4.388  -17.229 1.00 54.21 ? 142 GLN A CB  1 
ATOM   1089 C  CG  . GLN A 1 142 ? -4.332  -5.739  -17.051 1.00 57.19 ? 142 GLN A CG  1 
ATOM   1090 C  CD  . GLN A 1 142 ? -3.612  -6.821  -17.821 1.00 59.53 ? 142 GLN A CD  1 
ATOM   1091 O  OE1 . GLN A 1 142 ? -3.192  -6.614  -18.962 1.00 59.76 ? 142 GLN A OE1 1 
ATOM   1092 N  NE2 . GLN A 1 142 ? -3.476  -7.991  -17.210 1.00 58.99 ? 142 GLN A NE2 1 
ATOM   1093 N  N   . GLN A 1 143 ? -2.202  -1.847  -17.128 1.00 50.46 ? 143 GLN A N   1 
ATOM   1094 C  CA  . GLN A 1 143 ? -1.722  -0.667  -17.812 1.00 50.25 ? 143 GLN A CA  1 
ATOM   1095 C  C   . GLN A 1 143 ? -0.439  -0.056  -17.250 1.00 49.67 ? 143 GLN A C   1 
ATOM   1096 O  O   . GLN A 1 143 ? 0.014   0.983   -17.728 1.00 50.49 ? 143 GLN A O   1 
ATOM   1097 C  CB  . GLN A 1 143 ? -2.825  0.385   -17.846 1.00 50.00 ? 143 GLN A CB  1 
ATOM   1098 C  CG  . GLN A 1 143 ? -2.667  1.467   -16.815 1.00 51.28 ? 143 GLN A CG  1 
ATOM   1099 C  CD  . GLN A 1 143 ? -3.622  2.615   -17.059 0.80 51.67 ? 143 GLN A CD  1 
ATOM   1100 O  OE1 . GLN A 1 143 ? -4.840  2.433   -17.050 0.60 51.83 ? 143 GLN A OE1 1 
ATOM   1101 N  NE2 . GLN A 1 143 ? -3.074  3.807   -17.289 1.00 50.84 ? 143 GLN A NE2 1 
ATOM   1102 N  N   . TYR A 1 144 ? 0.152   -0.680  -16.240 1.00 48.79 ? 144 TYR A N   1 
ATOM   1103 C  CA  . TYR A 1 144 ? 1.388   -0.141  -15.703 1.00 46.78 ? 144 TYR A CA  1 
ATOM   1104 C  C   . TYR A 1 144 ? 2.543   -1.081  -15.960 1.00 48.10 ? 144 TYR A C   1 
ATOM   1105 O  O   . TYR A 1 144 ? 3.704   -0.730  -15.741 1.00 48.65 ? 144 TYR A O   1 
ATOM   1106 C  CB  . TYR A 1 144 ? 1.270   0.124   -14.212 1.00 46.20 ? 144 TYR A CB  1 
ATOM   1107 C  CG  . TYR A 1 144 ? 0.777   1.508   -13.918 1.00 42.93 ? 144 TYR A CG  1 
ATOM   1108 C  CD1 . TYR A 1 144 ? -0.581  1.778   -13.811 1.00 42.90 ? 144 TYR A CD1 1 
ATOM   1109 C  CD2 . TYR A 1 144 ? 1.668   2.562   -13.794 1.00 41.71 ? 144 TYR A CD2 1 
ATOM   1110 C  CE1 . TYR A 1 144 ? -1.036  3.062   -13.587 1.00 41.36 ? 144 TYR A CE1 1 
ATOM   1111 C  CE2 . TYR A 1 144 ? 1.222   3.850   -13.578 1.00 40.47 ? 144 TYR A CE2 1 
ATOM   1112 C  CZ  . TYR A 1 144 ? -0.128  4.092   -13.478 1.00 40.68 ? 144 TYR A CZ  1 
ATOM   1113 O  OH  . TYR A 1 144 ? -0.571  5.370   -13.313 1.00 41.45 ? 144 TYR A OH  1 
ATOM   1114 N  N   . GLY A 1 145 ? 2.223   -2.280  -16.429 1.00 48.06 ? 145 GLY A N   1 
ATOM   1115 C  CA  . GLY A 1 145 ? 3.259   -3.251  -16.714 1.00 48.35 ? 145 GLY A CA  1 
ATOM   1116 C  C   . GLY A 1 145 ? 3.298   -4.371  -15.697 1.00 49.09 ? 145 GLY A C   1 
ATOM   1117 O  O   . GLY A 1 145 ? 4.196   -5.215  -15.713 1.00 47.63 ? 145 GLY A O   1 
ATOM   1118 N  N   . ILE A 1 146 ? 2.331   -4.382  -14.794 1.00 49.24 ? 146 ILE A N   1 
ATOM   1119 C  CA  . ILE A 1 146 ? 2.304   -5.433  -13.804 1.00 50.43 ? 146 ILE A CA  1 
ATOM   1120 C  C   . ILE A 1 146 ? 1.388   -6.525  -14.321 1.00 50.51 ? 146 ILE A C   1 
ATOM   1121 O  O   . ILE A 1 146 ? 0.169   -6.393  -14.334 1.00 50.71 ? 146 ILE A O   1 
ATOM   1122 C  CB  . ILE A 1 146 ? 1.822   -4.908  -12.444 1.00 49.34 ? 146 ILE A CB  1 
ATOM   1123 C  CG1 . ILE A 1 146 ? 2.746   -3.772  -11.979 1.00 49.54 ? 146 ILE A CG1 1 
ATOM   1124 C  CG2 . ILE A 1 146 ? 1.847   -6.045  -11.428 1.00 51.82 ? 146 ILE A CG2 1 
ATOM   1125 C  CD1 . ILE A 1 146 ? 2.220   -2.946  -10.840 1.00 47.13 ? 146 ILE A CD1 1 
ATOM   1126 N  N   . ILE A 1 147 ? 2.008   -7.601  -14.773 1.00 51.73 ? 147 ILE A N   1 
ATOM   1127 C  CA  . ILE A 1 147 ? 1.288   -8.731  -15.315 1.00 53.97 ? 147 ILE A CA  1 
ATOM   1128 C  C   . ILE A 1 147 ? 0.299   -9.308  -14.302 1.00 54.51 ? 147 ILE A C   1 
ATOM   1129 O  O   . ILE A 1 147 ? 0.520   -9.254  -13.092 1.00 54.64 ? 147 ILE A O   1 
ATOM   1130 C  CB  . ILE A 1 147 ? 2.280   -9.809  -15.763 1.00 53.49 ? 147 ILE A CB  1 
ATOM   1131 C  CG1 . ILE A 1 147 ? 3.309   -9.187  -16.704 1.00 52.10 ? 147 ILE A CG1 1 
ATOM   1132 C  CG2 . ILE A 1 147 ? 1.561   -10.905 -16.515 1.00 57.16 ? 147 ILE A CG2 1 
ATOM   1133 C  CD1 . ILE A 1 147 ? 4.597   -9.963  -16.769 1.00 49.08 ? 147 ILE A CD1 1 
ATOM   1134 N  N   . LYS A 1 148 ? -0.796  -9.860  -14.814 1.00 54.29 ? 148 LYS A N   1 
ATOM   1135 C  CA  . LYS A 1 148 ? -1.838  -10.423 -13.978 1.00 53.80 ? 148 LYS A CA  1 
ATOM   1136 C  C   . LYS A 1 148 ? -1.334  -11.513 -13.064 1.00 53.28 ? 148 LYS A C   1 
ATOM   1137 O  O   . LYS A 1 148 ? -1.906  -11.751 -12.005 1.00 52.32 ? 148 LYS A O   1 
ATOM   1138 C  CB  . LYS A 1 148 ? -2.961  -10.991 -14.830 1.00 55.95 ? 148 LYS A CB  1 
ATOM   1139 C  CG  . LYS A 1 148 ? -4.116  -11.503 -13.994 1.00 57.46 ? 148 LYS A CG  1 
ATOM   1140 C  CD  . LYS A 1 148 ? -4.985  -12.458 -14.784 1.00 59.82 ? 148 LYS A CD  1 
ATOM   1141 C  CE  . LYS A 1 148 ? -5.458  -11.814 -16.073 1.00 60.45 ? 148 LYS A CE  1 
ATOM   1142 N  NZ  . LYS A 1 148 ? -6.169  -10.521 -15.825 1.00 62.12 ? 148 LYS A NZ  1 
ATOM   1143 N  N   . GLU A 1 149 ? -0.280  -12.202 -13.475 1.00 52.32 ? 149 GLU A N   1 
ATOM   1144 C  CA  . GLU A 1 149 ? 0.247   -13.258 -12.627 1.00 51.38 ? 149 GLU A CA  1 
ATOM   1145 C  C   . GLU A 1 149 ? 1.030   -12.654 -11.473 1.00 49.06 ? 149 GLU A C   1 
ATOM   1146 O  O   . GLU A 1 149 ? 1.472   -13.370 -10.587 1.00 49.40 ? 149 GLU A O   1 
ATOM   1147 C  CB  . GLU A 1 149 ? 1.155   -14.206 -13.413 1.00 53.94 ? 149 GLU A CB  1 
ATOM   1148 C  CG  . GLU A 1 149 ? 0.520   -14.739 -14.669 1.00 58.22 ? 149 GLU A CG  1 
ATOM   1149 C  CD  . GLU A 1 149 ? 0.595   -13.734 -15.802 1.00 59.88 ? 149 GLU A CD  1 
ATOM   1150 O  OE1 . GLU A 1 149 ? 1.697   -13.580 -16.381 1.00 60.87 ? 149 GLU A OE1 1 
ATOM   1151 O  OE2 . GLU A 1 149 ? -0.435  -13.087 -16.106 1.00 61.09 ? 149 GLU A OE2 1 
ATOM   1152 N  N   . ASN A 1 150 ? 1.189   -11.332 -11.481 1.00 45.45 ? 150 ASN A N   1 
ATOM   1153 C  CA  . ASN A 1 150 ? 1.941   -10.633 -10.441 1.00 41.72 ? 150 ASN A CA  1 
ATOM   1154 C  C   . ASN A 1 150 ? 1.078   -9.917  -9.404  1.00 41.02 ? 150 ASN A C   1 
ATOM   1155 O  O   . ASN A 1 150 ? 1.584   -9.141  -8.596  1.00 39.06 ? 150 ASN A O   1 
ATOM   1156 C  CB  . ASN A 1 150 ? 2.902   -9.629  -11.081 1.00 38.95 ? 150 ASN A CB  1 
ATOM   1157 C  CG  . ASN A 1 150 ? 4.158   -10.282 -11.613 1.00 39.57 ? 150 ASN A CG  1 
ATOM   1158 O  OD1 . ASN A 1 150 ? 5.097   -9.604  -12.024 1.00 38.13 ? 150 ASN A OD1 1 
ATOM   1159 N  ND2 . ASN A 1 150 ? 4.183   -11.606 -11.605 1.00 36.81 ? 150 ASN A ND2 1 
ATOM   1160 N  N   . ILE A 1 151 ? -0.223  -10.180 -9.426  1.00 40.24 ? 151 ILE A N   1 
ATOM   1161 C  CA  . ILE A 1 151 ? -1.160  -9.559  -8.493  1.00 39.12 ? 151 ILE A CA  1 
ATOM   1162 C  C   . ILE A 1 151 ? -1.554  -10.531 -7.374  1.00 39.69 ? 151 ILE A C   1 
ATOM   1163 O  O   . ILE A 1 151 ? -2.129  -11.593 -7.637  1.00 39.84 ? 151 ILE A O   1 
ATOM   1164 C  CB  . ILE A 1 151 ? -2.426  -9.092  -9.243  1.00 39.43 ? 151 ILE A CB  1 
ATOM   1165 C  CG1 . ILE A 1 151 ? -2.044  -8.074  -10.329 1.00 39.77 ? 151 ILE A CG1 1 
ATOM   1166 C  CG2 . ILE A 1 151 ? -3.413  -8.493  -8.268  1.00 38.52 ? 151 ILE A CG2 1 
ATOM   1167 C  CD1 . ILE A 1 151 ? -3.123  -7.788  -11.358 1.00 41.38 ? 151 ILE A CD1 1 
ATOM   1168 N  N   . ILE A 1 152 ? -1.241  -10.170 -6.128  1.00 39.27 ? 152 ILE A N   1 
ATOM   1169 C  CA  . ILE A 1 152 ? -1.563  -11.017 -4.978  1.00 39.20 ? 152 ILE A CA  1 
ATOM   1170 C  C   . ILE A 1 152 ? -2.789  -10.567 -4.211  1.00 38.35 ? 152 ILE A C   1 
ATOM   1171 O  O   . ILE A 1 152 ? -3.001  -9.373  -4.011  1.00 38.43 ? 152 ILE A O   1 
ATOM   1172 C  CB  . ILE A 1 152 ? -0.405  -11.094 -3.952  1.00 40.79 ? 152 ILE A CB  1 
ATOM   1173 C  CG1 . ILE A 1 152 ? 0.757   -11.918 -4.526  1.00 41.38 ? 152 ILE A CG1 1 
ATOM   1174 C  CG2 . ILE A 1 152 ? -0.906  -11.725 -2.673  1.00 41.37 ? 152 ILE A CG2 1 
ATOM   1175 C  CD1 . ILE A 1 152 ? 1.686   -12.537 -3.447  1.00 43.76 ? 152 ILE A CD1 1 
ATOM   1176 N  N   . ASP A 1 153 ? -3.597  -11.533 -3.778  1.00 39.93 ? 153 ASP A N   1 
ATOM   1177 C  CA  . ASP A 1 153 ? -4.782  -11.231 -2.974  1.00 39.57 ? 153 ASP A CA  1 
ATOM   1178 C  C   . ASP A 1 153 ? -4.428  -11.614 -1.538  1.00 38.20 ? 153 ASP A C   1 
ATOM   1179 O  O   . ASP A 1 153 ? -4.354  -12.799 -1.189  1.00 36.32 ? 153 ASP A O   1 
ATOM   1180 C  CB  . ASP A 1 153 ? -6.000  -12.032 -3.419  1.00 43.03 ? 153 ASP A CB  1 
ATOM   1181 C  CG  . ASP A 1 153 ? -7.239  -11.640 -2.655  1.00 44.79 ? 153 ASP A CG  1 
ATOM   1182 O  OD1 . ASP A 1 153 ? -7.170  -11.563 -1.407  1.00 44.84 ? 153 ASP A OD1 1 
ATOM   1183 O  OD2 . ASP A 1 153 ? -8.279  -11.407 -3.298  1.00 47.79 ? 153 ASP A OD2 1 
ATOM   1184 N  N   . LEU A 1 154 ? -4.215  -10.594 -0.716  1.00 36.27 ? 154 LEU A N   1 
ATOM   1185 C  CA  . LEU A 1 154 ? -3.817  -10.782 0.666   1.00 36.89 ? 154 LEU A CA  1 
ATOM   1186 C  C   . LEU A 1 154 ? -4.899  -11.352 1.587   1.00 36.01 ? 154 LEU A C   1 
ATOM   1187 O  O   . LEU A 1 154 ? -4.590  -11.874 2.659   1.00 37.23 ? 154 LEU A O   1 
ATOM   1188 C  CB  . LEU A 1 154 ? -3.300  -9.449  1.222   1.00 34.02 ? 154 LEU A CB  1 
ATOM   1189 C  CG  . LEU A 1 154 ? -2.334  -8.642  0.341   1.00 35.85 ? 154 LEU A CG  1 
ATOM   1190 C  CD1 . LEU A 1 154 ? -1.893  -7.386  1.077   1.00 37.54 ? 154 LEU A CD1 1 
ATOM   1191 C  CD2 . LEU A 1 154 ? -1.128  -9.483  -0.026  1.00 35.52 ? 154 LEU A CD2 1 
ATOM   1192 N  N   . THR A 1 155 ? -6.160  -11.264 1.183   1.00 36.35 ? 155 THR A N   1 
ATOM   1193 C  CA  . THR A 1 155 ? -7.219  -11.783 2.034   1.00 37.41 ? 155 THR A CA  1 
ATOM   1194 C  C   . THR A 1 155 ? -7.071  -13.297 2.259   1.00 38.70 ? 155 THR A C   1 
ATOM   1195 O  O   . THR A 1 155 ? -7.452  -13.824 3.303   1.00 38.65 ? 155 THR A O   1 
ATOM   1196 C  CB  . THR A 1 155 ? -8.601  -11.500 1.431   1.00 37.44 ? 155 THR A CB  1 
ATOM   1197 O  OG1 . THR A 1 155 ? -8.789  -12.314 0.272   1.00 35.08 ? 155 THR A OG1 1 
ATOM   1198 C  CG2 . THR A 1 155 ? -8.710  -10.044 1.030   1.00 37.12 ? 155 THR A CG2 1 
ATOM   1199 N  N   . LYS A 1 156 ? -6.482  -13.987 1.291   1.00 38.67 ? 156 LYS A N   1 
ATOM   1200 C  CA  . LYS A 1 156 ? -6.327  -15.428 1.391   1.00 40.77 ? 156 LYS A CA  1 
ATOM   1201 C  C   . LYS A 1 156 ? -5.153  -15.914 2.226   1.00 40.22 ? 156 LYS A C   1 
ATOM   1202 O  O   . LYS A 1 156 ? -4.897  -17.116 2.284   1.00 41.51 ? 156 LYS A O   1 
ATOM   1203 C  CB  . LYS A 1 156 ? -6.226  -16.031 -0.002  1.00 40.07 ? 156 LYS A CB  1 
ATOM   1204 C  CG  . LYS A 1 156 ? -7.269  -15.514 -0.953  1.00 43.99 ? 156 LYS A CG  1 
ATOM   1205 C  CD  . LYS A 1 156 ? -7.138  -16.158 -2.320  1.00 45.75 ? 156 LYS A CD  1 
ATOM   1206 C  CE  . LYS A 1 156 ? -7.969  -15.400 -3.350  1.00 48.23 ? 156 LYS A CE  1 
ATOM   1207 N  NZ  . LYS A 1 156 ? -9.345  -15.119 -2.844  1.00 48.27 ? 156 LYS A NZ  1 
ATOM   1208 N  N   . ILE A 1 157 ? -4.431  -14.998 2.863   1.00 40.02 ? 157 ILE A N   1 
ATOM   1209 C  CA  . ILE A 1 157 ? -3.298  -15.404 3.693   1.00 39.61 ? 157 ILE A CA  1 
ATOM   1210 C  C   . ILE A 1 157 ? -3.343  -14.721 5.059   1.00 39.67 ? 157 ILE A C   1 
ATOM   1211 O  O   . ILE A 1 157 ? -4.226  -13.896 5.315   1.00 40.75 ? 157 ILE A O   1 
ATOM   1212 C  CB  . ILE A 1 157 ? -1.933  -15.113 2.986   1.00 40.04 ? 157 ILE A CB  1 
ATOM   1213 C  CG1 . ILE A 1 157 ? -1.797  -13.632 2.622   1.00 40.61 ? 157 ILE A CG1 1 
ATOM   1214 C  CG2 . ILE A 1 157 ? -1.827  -15.943 1.727   1.00 39.97 ? 157 ILE A CG2 1 
ATOM   1215 C  CD1 . ILE A 1 157 ? -1.380  -12.741 3.775   1.00 40.56 ? 157 ILE A CD1 1 
ATOM   1216 N  N   . ASP A 1 158 ? -2.409  -15.071 5.942   1.00 40.51 ? 158 ASP A N   1 
ATOM   1217 C  CA  . ASP A 1 158 ? -2.384  -14.459 7.269   1.00 41.07 ? 158 ASP A CA  1 
ATOM   1218 C  C   . ASP A 1 158 ? -1.943  -12.997 7.174   1.00 39.60 ? 158 ASP A C   1 
ATOM   1219 O  O   . ASP A 1 158 ? -0.812  -12.689 6.760   1.00 37.64 ? 158 ASP A O   1 
ATOM   1220 C  CB  . ASP A 1 158 ? -1.445  -15.229 8.206   1.00 43.27 ? 158 ASP A CB  1 
ATOM   1221 C  CG  . ASP A 1 158 ? -1.458  -14.686 9.634   1.00 44.51 ? 158 ASP A CG  1 
ATOM   1222 O  OD1 . ASP A 1 158 ? -0.639  -15.170 10.446  1.00 46.89 ? 158 ASP A OD1 1 
ATOM   1223 O  OD2 . ASP A 1 158 ? -2.275  -13.790 9.946   1.00 44.03 ? 158 ASP A OD2 1 
ATOM   1224 N  N   . ARG A 1 159 ? -2.848  -12.098 7.554   1.00 37.62 ? 159 ARG A N   1 
ATOM   1225 C  CA  . ARG A 1 159 ? -2.553  -10.677 7.510   1.00 35.30 ? 159 ARG A CA  1 
ATOM   1226 C  C   . ARG A 1 159 ? -2.222  -10.094 8.881   1.00 34.46 ? 159 ARG A C   1 
ATOM   1227 O  O   . ARG A 1 159 ? -2.399  -8.896  9.114   1.00 33.71 ? 159 ARG A O   1 
ATOM   1228 C  CB  . ARG A 1 159 ? -3.706  -9.910  6.846   1.00 32.66 ? 159 ARG A CB  1 
ATOM   1229 C  CG  . ARG A 1 159 ? -3.704  -10.033 5.316   1.00 34.68 ? 159 ARG A CG  1 
ATOM   1230 C  CD  . ARG A 1 159 ? -4.801  -9.191  4.658   1.00 29.96 ? 159 ARG A CD  1 
ATOM   1231 N  NE  . ARG A 1 159 ? -6.139  -9.712  4.943   1.00 34.21 ? 159 ARG A NE  1 
ATOM   1232 C  CZ  . ARG A 1 159 ? -7.283  -9.099  4.643   1.00 32.31 ? 159 ARG A CZ  1 
ATOM   1233 N  NH1 . ARG A 1 159 ? -7.286  -7.919  4.037   1.00 31.38 ? 159 ARG A NH1 1 
ATOM   1234 N  NH2 . ARG A 1 159 ? -8.431  -9.670  4.958   1.00 31.30 ? 159 ARG A NH2 1 
ATOM   1235 N  N   . CYS A 1 160 ? -1.742  -10.952 9.781   1.00 31.34 ? 160 CYS A N   1 
ATOM   1236 C  CA  . CYS A 1 160 ? -1.324  -10.539 11.116  1.00 32.77 ? 160 CYS A CA  1 
ATOM   1237 C  C   . CYS A 1 160 ? -2.292  -9.681  11.938  1.00 32.44 ? 160 CYS A C   1 
ATOM   1238 O  O   . CYS A 1 160 ? -1.868  -8.735  12.603  1.00 32.16 ? 160 CYS A O   1 
ATOM   1239 C  CB  . CYS A 1 160 ? 0.013   -9.809  10.997  1.00 31.84 ? 160 CYS A CB  1 
ATOM   1240 S  SG  . CYS A 1 160 ? 1.334   -10.895 10.398  0.70 31.89 ? 160 CYS A SG  1 
ATOM   1241 N  N   . PHE A 1 161 ? -3.576  -10.020 11.917  1.00 33.73 ? 161 PHE A N   1 
ATOM   1242 C  CA  . PHE A 1 161 ? -4.569  -9.251  12.658  1.00 36.32 ? 161 PHE A CA  1 
ATOM   1243 C  C   . PHE A 1 161 ? -4.338  -9.150  14.169  1.00 38.49 ? 161 PHE A C   1 
ATOM   1244 O  O   . PHE A 1 161 ? -4.710  -8.140  14.777  1.00 38.31 ? 161 PHE A O   1 
ATOM   1245 C  CB  . PHE A 1 161 ? -5.979  -9.807  12.399  1.00 36.63 ? 161 PHE A CB  1 
ATOM   1246 C  CG  . PHE A 1 161 ? -6.552  -9.441  11.040  1.00 38.75 ? 161 PHE A CG  1 
ATOM   1247 C  CD1 . PHE A 1 161 ? -7.890  -9.725  10.735  1.00 39.44 ? 161 PHE A CD1 1 
ATOM   1248 C  CD2 . PHE A 1 161 ? -5.764  -8.827  10.064  1.00 38.48 ? 161 PHE A CD2 1 
ATOM   1249 C  CE1 . PHE A 1 161 ? -8.436  -9.375  9.490   1.00 38.67 ? 161 PHE A CE1 1 
ATOM   1250 C  CE2 . PHE A 1 161 ? -6.304  -8.473  8.813   1.00 39.85 ? 161 PHE A CE2 1 
ATOM   1251 C  CZ  . PHE A 1 161 ? -7.632  -8.757  8.523   1.00 38.95 ? 161 PHE A CZ  1 
ATOM   1252 N  N   . GLN A 1 162 ? -3.728  -10.169 14.779  1.00 39.79 ? 162 GLN A N   1 
ATOM   1253 C  CA  . GLN A 1 162 ? -3.505  -10.134 16.226  1.00 42.58 ? 162 GLN A CA  1 
ATOM   1254 C  C   . GLN A 1 162 ? -2.772  -8.879  16.643  1.00 43.27 ? 162 GLN A C   1 
ATOM   1255 O  O   . GLN A 1 162 ? -3.081  -8.293  17.675  1.00 43.65 ? 162 GLN A O   1 
ATOM   1256 C  CB  . GLN A 1 162 ? -2.681  -11.322 16.723  1.00 45.62 ? 162 GLN A CB  1 
ATOM   1257 C  CG  . GLN A 1 162 ? -2.873  -12.611 15.975  1.00 49.66 ? 162 GLN A CG  1 
ATOM   1258 C  CD  . GLN A 1 162 ? -1.972  -12.681 14.765  1.00 52.86 ? 162 GLN A CD  1 
ATOM   1259 O  OE1 . GLN A 1 162 ? -2.156  -11.941 13.800  1.00 51.86 ? 162 GLN A OE1 1 
ATOM   1260 N  NE2 . GLN A 1 162 ? -0.973  -13.562 14.820  1.00 53.20 ? 162 GLN A NE2 1 
ATOM   1261 N  N   . LEU A 1 163 ? -1.796  -8.467  15.845  1.00 43.52 ? 163 LEU A N   1 
ATOM   1262 C  CA  . LEU A 1 163 ? -1.024  -7.285  16.180  1.00 43.20 ? 163 LEU A CA  1 
ATOM   1263 C  C   . LEU A 1 163 ? -1.800  -5.974  16.097  1.00 42.37 ? 163 LEU A C   1 
ATOM   1264 O  O   . LEU A 1 163 ? -1.421  -4.994  16.728  1.00 41.25 ? 163 LEU A O   1 
ATOM   1265 C  CB  . LEU A 1 163 ? 0.223   -7.223  15.299  1.00 44.87 ? 163 LEU A CB  1 
ATOM   1266 C  CG  . LEU A 1 163 ? 1.181   -8.395  15.461  1.00 45.87 ? 163 LEU A CG  1 
ATOM   1267 C  CD1 . LEU A 1 163 ? 2.368   -8.178  14.561  1.00 47.96 ? 163 LEU A CD1 1 
ATOM   1268 C  CD2 . LEU A 1 163 ? 1.624   -8.517  16.905  1.00 46.92 ? 163 LEU A CD2 1 
ATOM   1269 N  N   . ARG A 1 164 ? -2.894  -5.960  15.340  1.00 40.84 ? 164 ARG A N   1 
ATOM   1270 C  CA  . ARG A 1 164 ? -3.714  -4.753  15.175  1.00 40.59 ? 164 ARG A CA  1 
ATOM   1271 C  C   . ARG A 1 164 ? -4.351  -4.224  16.467  1.00 41.22 ? 164 ARG A C   1 
ATOM   1272 O  O   . ARG A 1 164 ? -4.832  -4.994  17.295  1.00 42.32 ? 164 ARG A O   1 
ATOM   1273 C  CB  . ARG A 1 164 ? -4.819  -5.004  14.140  1.00 37.19 ? 164 ARG A CB  1 
ATOM   1274 C  CG  . ARG A 1 164 ? -4.331  -5.401  12.749  1.00 33.88 ? 164 ARG A CG  1 
ATOM   1275 C  CD  . ARG A 1 164 ? -5.516  -5.600  11.799  1.00 27.88 ? 164 ARG A CD  1 
ATOM   1276 N  NE  . ARG A 1 164 ? -6.208  -4.350  11.496  1.00 23.77 ? 164 ARG A NE  1 
ATOM   1277 C  CZ  . ARG A 1 164 ? -5.984  -3.617  10.408  1.00 25.11 ? 164 ARG A CZ  1 
ATOM   1278 N  NH1 . ARG A 1 164 ? -5.087  -4.017  9.513   1.00 25.50 ? 164 ARG A NH1 1 
ATOM   1279 N  NH2 . ARG A 1 164 ? -6.649  -2.486  10.214  1.00 22.97 ? 164 ARG A NH2 1 
ATOM   1280 N  N   . GLY A 1 165 ? -4.359  -2.903  16.625  1.00 41.99 ? 165 GLY A N   1 
ATOM   1281 C  CA  . GLY A 1 165 ? -4.936  -2.292  17.810  1.00 42.88 ? 165 GLY A CA  1 
ATOM   1282 C  C   . GLY A 1 165 ? -3.914  -1.550  18.662  0.70 43.92 ? 165 GLY A C   1 
ATOM   1283 O  O   . GLY A 1 165 ? -3.509  -2.095  19.717  1.00 46.83 ? 165 GLY A O   1 
ATOM   1284 N  N   . SER A 1 166 ? -3.498  -0.436  18.271  0.50 44.63 ? 166 SER A N   1 
HETATM 1285 CD CD  . CD  B 2 .   ? -4.654  1.145   14.544  0.55 34.82 ? 201 CD  A CD  1 
HETATM 1286 C  C1  . GOL C 3 .   ? 3.860   0.968   0.742   1.00 54.11 ? 202 GOL A C1  1 
HETATM 1287 O  O1  . GOL C 3 .   ? 4.308   -0.319  0.331   1.00 54.80 ? 202 GOL A O1  1 
HETATM 1288 C  C2  . GOL C 3 .   ? 4.305   1.209   2.174   1.00 55.93 ? 202 GOL A C2  1 
HETATM 1289 O  O2  . GOL C 3 .   ? 5.720   1.252   2.221   1.00 54.98 ? 202 GOL A O2  1 
HETATM 1290 C  C3  . GOL C 3 .   ? 3.740   2.517   2.732   1.00 56.99 ? 202 GOL A C3  1 
HETATM 1291 O  O3  . GOL C 3 .   ? 2.927   3.194   1.770   1.00 58.85 ? 202 GOL A O3  1 
HETATM 1292 C  C1  . NAG D 4 .   ? 7.433   14.822  10.734  1.00 48.22 ? 203 NAG A C1  1 
HETATM 1293 C  C2  . NAG D 4 .   ? 8.752   15.166  10.036  1.00 48.29 ? 203 NAG A C2  1 
HETATM 1294 C  C3  . NAG D 4 .   ? 9.505   13.863  10.076  1.00 48.45 ? 203 NAG A C3  1 
HETATM 1295 C  C4  . NAG D 4 .   ? 9.647   13.404  11.540  1.00 49.26 ? 203 NAG A C4  1 
HETATM 1296 C  C5  . NAG D 4 .   ? 8.269   13.284  12.207  1.00 50.12 ? 203 NAG A C5  1 
HETATM 1297 C  C6  . NAG D 4 .   ? 8.317   12.854  13.644  1.00 52.01 ? 203 NAG A C6  1 
HETATM 1298 C  C7  . NAG D 4 .   ? 8.840   16.784  8.179   1.00 50.87 ? 203 NAG A C7  1 
HETATM 1299 C  C8  . NAG D 4 .   ? 9.104   17.910  9.176   1.00 49.65 ? 203 NAG A C8  1 
HETATM 1300 N  N2  . NAG D 4 .   ? 8.465   15.586  8.657   1.00 49.81 ? 203 NAG A N2  1 
HETATM 1301 O  O3  . NAG D 4 .   ? 10.776  14.036  9.491   1.00 46.52 ? 203 NAG A O3  1 
HETATM 1302 O  O4  . NAG D 4 .   ? 10.307  12.156  11.599  1.00 48.81 ? 203 NAG A O4  1 
HETATM 1303 O  O5  . NAG D 4 .   ? 7.616   14.540  12.120  1.00 47.73 ? 203 NAG A O5  1 
HETATM 1304 O  O6  . NAG D 4 .   ? 8.654   13.930  14.508  1.00 53.00 ? 203 NAG A O6  1 
HETATM 1305 O  O7  . NAG D 4 .   ? 8.961   17.012  6.968   1.00 49.94 ? 203 NAG A O7  1 
HETATM 1306 O  O   . HOH E 5 .   ? -0.715  7.162   -12.653 1.00 50.25 ? 301 HOH A O   1 
HETATM 1307 O  O   . HOH E 5 .   ? 13.193  -5.841  7.316   1.00 39.72 ? 302 HOH A O   1 
HETATM 1308 O  O   . HOH E 5 .   ? 12.541  12.693  11.998  1.00 56.98 ? 303 HOH A O   1 
HETATM 1309 O  O   . HOH E 5 .   ? -2.292  1.572   18.405  1.00 74.95 ? 304 HOH A O   1 
HETATM 1310 O  O   . HOH E 5 .   ? 6.114   13.900  -7.999  1.00 55.57 ? 305 HOH A O   1 
HETATM 1311 O  O   . HOH E 5 .   ? 0.989   20.059  -6.156  1.00 39.91 ? 306 HOH A O   1 
HETATM 1312 O  O   . HOH E 5 .   ? 5.118   -7.228  -14.788 1.00 43.78 ? 307 HOH A O   1 
HETATM 1313 O  O   . HOH E 5 .   ? -15.094 15.434  1.334   1.00 41.01 ? 308 HOH A O   1 
HETATM 1314 O  O   . HOH E 5 .   ? 13.664  -16.371 7.002   1.00 56.75 ? 309 HOH A O   1 
HETATM 1315 O  O   . HOH E 5 .   ? -0.391  14.861  4.089   1.00 43.95 ? 310 HOH A O   1 
HETATM 1316 O  O   . HOH E 5 .   ? -10.710 16.869  -2.653  1.00 65.02 ? 311 HOH A O   1 
HETATM 1317 O  O   . HOH E 5 .   ? 14.394  -1.046  -6.038  1.00 32.04 ? 312 HOH A O   1 
HETATM 1318 O  O   . HOH E 5 .   ? 5.363   16.251  5.396   1.00 29.89 ? 313 HOH A O   1 
HETATM 1319 O  O   . HOH E 5 .   ? 1.928   -17.163 -10.735 1.00 63.41 ? 314 HOH A O   1 
HETATM 1320 O  O   . HOH E 5 .   ? 12.294  5.835   6.795   1.00 55.48 ? 315 HOH A O   1 
HETATM 1321 O  O   . HOH E 5 .   ? 9.797   -15.998 -1.164  1.00 50.68 ? 316 HOH A O   1 
HETATM 1322 O  O   . HOH E 5 .   ? -3.272  -14.961 -1.968  1.00 44.16 ? 317 HOH A O   1 
HETATM 1323 O  O   . HOH E 5 .   ? -5.537  10.818  -9.723  1.00 53.47 ? 318 HOH A O   1 
HETATM 1324 O  O   . HOH E 5 .   ? -1.061  -1.689  16.623  1.00 44.46 ? 319 HOH A O   1 
HETATM 1325 O  O   . HOH E 5 .   ? 11.178  -12.776 6.743   1.00 46.25 ? 320 HOH A O   1 
HETATM 1326 O  O   . HOH E 5 .   ? -12.309 17.184  2.411   1.00 37.13 ? 321 HOH A O   1 
HETATM 1327 O  O   . HOH E 5 .   ? -16.241 9.566   1.948   1.00 46.47 ? 322 HOH A O   1 
HETATM 1328 O  O   . HOH E 5 .   ? 1.072   1.697   18.819  1.00 54.90 ? 323 HOH A O   1 
HETATM 1329 O  O   . HOH E 5 .   ? 3.354   -12.626 4.942   1.00 47.09 ? 324 HOH A O   1 
HETATM 1330 O  O   . HOH E 5 .   ? 10.410  -12.992 -1.792  1.00 56.34 ? 325 HOH A O   1 
HETATM 1331 O  O   . HOH E 5 .   ? -3.092  -6.115  9.254   1.00 35.69 ? 326 HOH A O   1 
HETATM 1332 O  O   . HOH E 5 .   ? 1.099   -14.024 5.533   1.00 55.80 ? 327 HOH A O   1 
HETATM 1333 O  O   . HOH E 5 .   ? 7.412   -9.977  4.318   1.00 53.57 ? 328 HOH A O   1 
HETATM 1334 O  O   . HOH E 5 .   ? 9.276   15.107  16.812  1.00 60.17 ? 329 HOH A O   1 
HETATM 1335 O  O   . HOH E 5 .   ? 12.914  9.487   1.891   1.00 46.88 ? 330 HOH A O   1 
HETATM 1336 O  O   . HOH E 5 .   ? -14.798 -6.969  -13.886 1.00 63.19 ? 331 HOH A O   1 
HETATM 1337 O  O   . HOH E 5 .   ? -11.140 13.795  -8.236  1.00 60.08 ? 332 HOH A O   1 
HETATM 1338 O  O   . HOH E 5 .   ? 10.445  11.788  8.047   1.00 64.29 ? 333 HOH A O   1 
HETATM 1339 O  O   . HOH E 5 .   ? -3.789  -5.134  6.611   1.00 28.97 ? 334 HOH A O   1 
HETATM 1340 O  O   . HOH E 5 .   ? -1.461  14.613  -0.340  1.00 50.67 ? 335 HOH A O   1 
HETATM 1341 O  O   . HOH E 5 .   ? -0.120  -3.773  1.173   1.00 29.14 ? 336 HOH A O   1 
HETATM 1342 O  O   . HOH E 5 .   ? -7.983  -10.255 -17.889 1.00 45.61 ? 337 HOH A O   1 
HETATM 1343 O  O   . HOH E 5 .   ? 7.696   -15.639 7.371   1.00 50.08 ? 338 HOH A O   1 
HETATM 1344 O  O   . HOH E 5 .   ? 4.644   -10.423 5.046   1.00 30.62 ? 339 HOH A O   1 
HETATM 1345 O  O   . HOH E 5 .   ? -19.262 -5.266  6.215   1.00 62.90 ? 340 HOH A O   1 
HETATM 1346 O  O   . HOH E 5 .   ? 18.158  4.697   -2.779  1.00 48.77 ? 341 HOH A O   1 
HETATM 1347 O  O   . HOH E 5 .   ? -6.362  -12.621 6.675   1.00 72.97 ? 342 HOH A O   1 
HETATM 1348 O  O   . HOH E 5 .   ? 11.943  8.875   -1.472  1.00 59.67 ? 343 HOH A O   1 
HETATM 1349 O  O   . HOH E 5 .   ? 12.406  -7.852  -0.693  1.00 38.80 ? 344 HOH A O   1 
HETATM 1350 O  O   . HOH E 5 .   ? -21.732 -1.952  6.704   1.00 64.73 ? 345 HOH A O   1 
HETATM 1351 O  O   . HOH E 5 .   ? -4.642  11.835  11.613  1.00 32.72 ? 346 HOH A O   1 
HETATM 1352 O  O   . HOH E 5 .   ? -20.421 -2.218  -7.977  1.00 61.21 ? 347 HOH A O   1 
HETATM 1353 O  O   . HOH E 5 .   ? 11.639  5.958   -5.622  1.00 50.50 ? 348 HOH A O   1 
HETATM 1354 O  O   . HOH E 5 .   ? -18.797 -6.978  -7.123  1.00 71.06 ? 349 HOH A O   1 
HETATM 1355 O  O   . HOH E 5 .   ? -10.526 4.412   11.376  1.00 56.23 ? 350 HOH A O   1 
HETATM 1356 O  O   . HOH E 5 .   ? 13.853  -3.082  -2.029  1.00 53.45 ? 351 HOH A O   1 
HETATM 1357 O  O   . HOH E 5 .   ? 4.077   2.146   19.588  1.00 77.35 ? 352 HOH A O   1 
HETATM 1358 O  O   . HOH E 5 .   ? 16.038  -1.426  -12.552 1.00 53.24 ? 353 HOH A O   1 
HETATM 1359 O  O   . HOH E 5 .   ? 9.651   0.253   12.406  1.00 32.03 ? 354 HOH A O   1 
HETATM 1360 O  O   . HOH E 5 .   ? 10.702  -10.997 -9.283  1.00 62.29 ? 355 HOH A O   1 
HETATM 1361 O  O   . HOH E 5 .   ? 12.029  -3.996  -12.329 1.00 66.20 ? 356 HOH A O   1 
HETATM 1362 O  O   . HOH E 5 .   ? -2.050  4.906   16.818  1.00 47.30 ? 357 HOH A O   1 
HETATM 1363 O  O   . HOH E 5 .   ? 1.524   15.144  15.252  1.00 55.79 ? 358 HOH A O   1 
HETATM 1364 O  O   . HOH E 5 .   ? -10.594 7.732   10.409  1.00 61.53 ? 359 HOH A O   1 
HETATM 1365 O  O   . HOH E 5 .   ? -0.220  5.005   -17.495 1.00 56.65 ? 360 HOH A O   1 
HETATM 1366 O  O   . HOH E 5 .   ? -8.449  18.935  0.501   1.00 51.71 ? 361 HOH A O   1 
HETATM 1367 O  O   . HOH E 5 .   ? 25.218  0.793   -9.427  1.00 56.97 ? 362 HOH A O   1 
HETATM 1368 O  O   . HOH E 5 .   ? -4.297  -17.516 6.561   1.00 51.15 ? 363 HOH A O   1 
HETATM 1369 O  O   . HOH E 5 .   ? -12.515 9.647   6.914   1.00 40.56 ? 364 HOH A O   1 
HETATM 1370 O  O   . HOH E 5 .   ? 10.074  -10.750 5.591   1.00 57.07 ? 365 HOH A O   1 
HETATM 1371 O  O   . HOH E 5 .   ? -4.326  -2.872  -19.325 1.00 59.71 ? 366 HOH A O   1 
HETATM 1372 O  O   . HOH E 5 .   ? -0.185  -17.555 5.449   1.00 55.52 ? 367 HOH A O   1 
HETATM 1373 O  O   . HOH E 5 .   ? -6.968  -7.649  -17.106 1.00 53.66 ? 368 HOH A O   1 
HETATM 1374 O  O   . HOH E 5 .   ? 9.251   -1.541  15.043  1.00 42.39 ? 369 HOH A O   1 
HETATM 1375 O  O   . HOH E 5 .   ? -13.884 -2.175  9.593   1.00 49.71 ? 370 HOH A O   1 
HETATM 1376 O  O   . HOH E 5 .   ? 11.272  8.628   5.595   1.00 56.12 ? 371 HOH A O   1 
HETATM 1377 O  O   . HOH E 5 .   ? -16.953 -6.852  1.504   1.00 41.80 ? 372 HOH A O   1 
HETATM 1378 O  O   . HOH E 5 .   ? -17.374 9.853   -3.273  1.00 74.15 ? 373 HOH A O   1 
HETATM 1379 O  O   . HOH E 5 .   ? -3.754  -14.520 -5.305  1.00 49.53 ? 374 HOH A O   1 
HETATM 1380 O  O   . HOH E 5 .   ? 2.859   -14.726 14.752  1.00 62.27 ? 375 HOH A O   1 
HETATM 1381 O  O   . HOH E 5 .   ? -1.410  -5.116  20.130  1.00 66.68 ? 376 HOH A O   1 
HETATM 1382 O  O   . HOH E 5 .   ? 7.712   16.731  16.289  1.00 64.06 ? 377 HOH A O   1 
HETATM 1383 O  O   . HOH E 5 .   ? 6.167   -15.879 -10.491 1.00 73.91 ? 378 HOH A O   1 
HETATM 1384 O  O   . HOH E 5 .   ? 13.725  -11.943 6.759   1.00 56.43 ? 379 HOH A O   1 
HETATM 1385 O  O   . HOH E 5 .   ? -3.270  7.657   -12.908 1.00 54.58 ? 380 HOH A O   1 
HETATM 1386 O  O   . HOH E 5 .   ? -5.110  17.920  3.162   1.00 58.32 ? 381 HOH A O   1 
HETATM 1387 O  O   . HOH E 5 .   ? 15.286  10.436  -2.105  1.00 44.46 ? 382 HOH A O   1 
HETATM 1388 O  O   . HOH E 5 .   ? -5.568  -12.514 -8.083  1.00 41.81 ? 383 HOH A O   1 
HETATM 1389 O  O   . HOH E 5 .   ? 3.349   -16.049 -2.009  1.00 55.57 ? 384 HOH A O   1 
HETATM 1390 O  O   . HOH E 5 .   ? -20.267 6.162   4.058   1.00 57.99 ? 385 HOH A O   1 
HETATM 1391 O  O   . HOH E 5 .   ? 9.684   9.245   14.039  1.00 64.07 ? 386 HOH A O   1 
HETATM 1392 O  O   . HOH E 5 .   ? -16.629 0.644   5.998   1.00 60.59 ? 387 HOH A O   1 
HETATM 1393 O  O   . HOH E 5 .   ? 2.032   4.233   17.808  1.00 61.53 ? 388 HOH A O   1 
HETATM 1394 O  O   . HOH E 5 .   ? 1.530   0.718   5.280   1.00 41.18 ? 389 HOH A O   1 
HETATM 1395 O  O   . HOH E 5 .   ? -1.016  -18.847 7.483   1.00 58.22 ? 390 HOH A O   1 
HETATM 1396 O  O   . HOH E 5 .   ? 7.162   -2.122  -17.496 1.00 71.44 ? 391 HOH A O   1 
HETATM 1397 O  O   . HOH E 5 .   ? -20.375 -5.452  -2.392  1.00 73.44 ? 392 HOH A O   1 
HETATM 1398 O  O   . HOH E 5 .   ? 10.654  15.995  2.520   1.00 62.43 ? 393 HOH A O   1 
HETATM 1399 O  O   . HOH E 5 .   ? -5.080  -16.727 8.864   1.00 40.68 ? 394 HOH A O   1 
HETATM 1400 O  O   . HOH E 5 .   ? 16.330  -4.427  -1.250  1.00 57.64 ? 395 HOH A O   1 
HETATM 1401 O  O   . HOH E 5 .   ? 21.375  5.820   -3.433  1.00 48.21 ? 396 HOH A O   1 
HETATM 1402 O  O   . HOH E 5 .   ? 13.161  -9.640  -10.921 1.00 61.75 ? 397 HOH A O   1 
HETATM 1403 O  O   . HOH E 5 .   ? 3.936   20.124  0.339   1.00 44.75 ? 398 HOH A O   1 
HETATM 1404 O  O   . HOH E 5 .   ? 3.285   3.771   -17.730 1.00 70.97 ? 399 HOH A O   1 
HETATM 1405 O  O   . HOH E 5 .   ? -6.087  9.520   13.449  1.00 50.40 ? 400 HOH A O   1 
HETATM 1406 O  O   . HOH E 5 .   ? -0.449  7.504   19.443  1.00 44.61 ? 401 HOH A O   1 
HETATM 1407 O  O   . HOH E 5 .   ? -12.069 15.731  -6.271  1.00 61.71 ? 402 HOH A O   1 
HETATM 1408 O  O   . HOH E 5 .   ? -18.400 7.193   -8.708  1.00 64.39 ? 403 HOH A O   1 
HETATM 1409 O  O   . HOH E 5 .   ? -13.560 -12.030 -6.231  1.00 55.56 ? 404 HOH A O   1 
HETATM 1410 O  O   . HOH E 5 .   ? 3.443   13.625  16.376  1.00 59.72 ? 405 HOH A O   1 
HETATM 1411 O  O   . HOH E 5 .   ? -18.114 4.856   7.279   1.00 52.91 ? 406 HOH A O   1 
HETATM 1412 O  O   . HOH E 5 .   ? 14.144  8.867   11.651  1.00 61.67 ? 407 HOH A O   1 
HETATM 1413 O  O   . HOH E 5 .   ? 12.712  -12.443 -12.776 1.00 55.21 ? 408 HOH A O   1 
HETATM 1414 O  O   . HOH E 5 .   ? 18.392  -6.775  -2.136  1.00 52.73 ? 409 HOH A O   1 
HETATM 1415 O  O   . HOH E 5 .   ? -21.740 -7.390  -2.341  1.00 56.90 ? 410 HOH A O   1 
HETATM 1416 O  O   . HOH E 5 .   ? -1.882  -17.854 -8.342  1.00 67.81 ? 411 HOH A O   1 
HETATM 1417 O  O   . HOH E 5 .   ? 3.935   -19.637 -2.480  1.00 57.39 ? 412 HOH A O   1 
# 
